data_1RYT
# 
_entry.id   1RYT 
# 
_audit_conform.dict_name       mmcif_pdbx.dic 
_audit_conform.dict_version    5.386 
_audit_conform.dict_location   http://mmcif.pdb.org/dictionaries/ascii/mmcif_pdbx.dic 
# 
loop_
_database_2.database_id 
_database_2.database_code 
_database_2.pdbx_database_accession 
_database_2.pdbx_DOI 
PDB   1RYT         pdb_00001ryt 10.2210/pdb1ryt/pdb 
WWPDB D_1000176271 ?            ?                   
# 
loop_
_pdbx_audit_revision_history.ordinal 
_pdbx_audit_revision_history.data_content_type 
_pdbx_audit_revision_history.major_revision 
_pdbx_audit_revision_history.minor_revision 
_pdbx_audit_revision_history.revision_date 
1 'Structure model' 1 0 1997-05-15 
2 'Structure model' 1 1 2008-03-24 
3 'Structure model' 1 2 2011-07-13 
4 'Structure model' 1 3 2024-02-14 
# 
_pdbx_audit_revision_details.ordinal             1 
_pdbx_audit_revision_details.revision_ordinal    1 
_pdbx_audit_revision_details.data_content_type   'Structure model' 
_pdbx_audit_revision_details.provider            repository 
_pdbx_audit_revision_details.type                'Initial release' 
_pdbx_audit_revision_details.description         ? 
_pdbx_audit_revision_details.details             ? 
# 
loop_
_pdbx_audit_revision_group.ordinal 
_pdbx_audit_revision_group.revision_ordinal 
_pdbx_audit_revision_group.data_content_type 
_pdbx_audit_revision_group.group 
1 2 'Structure model' 'Version format compliance' 
2 3 'Structure model' 'Derived calculations'      
3 3 'Structure model' 'Version format compliance' 
4 4 'Structure model' 'Data collection'           
5 4 'Structure model' 'Database references'       
6 4 'Structure model' 'Derived calculations'      
7 4 'Structure model' Other                       
# 
loop_
_pdbx_audit_revision_category.ordinal 
_pdbx_audit_revision_category.revision_ordinal 
_pdbx_audit_revision_category.data_content_type 
_pdbx_audit_revision_category.category 
1 4 'Structure model' chem_comp_atom         
2 4 'Structure model' chem_comp_bond         
3 4 'Structure model' database_2             
4 4 'Structure model' pdbx_database_status   
5 4 'Structure model' pdbx_struct_conn_angle 
6 4 'Structure model' struct_conn            
7 4 'Structure model' struct_site            
# 
loop_
_pdbx_audit_revision_item.ordinal 
_pdbx_audit_revision_item.revision_ordinal 
_pdbx_audit_revision_item.data_content_type 
_pdbx_audit_revision_item.item 
1  4 'Structure model' '_database_2.pdbx_DOI'                        
2  4 'Structure model' '_database_2.pdbx_database_accession'         
3  4 'Structure model' '_pdbx_database_status.process_site'          
4  4 'Structure model' '_pdbx_struct_conn_angle.ptnr1_auth_comp_id'  
5  4 'Structure model' '_pdbx_struct_conn_angle.ptnr1_auth_seq_id'   
6  4 'Structure model' '_pdbx_struct_conn_angle.ptnr1_label_asym_id' 
7  4 'Structure model' '_pdbx_struct_conn_angle.ptnr1_label_atom_id' 
8  4 'Structure model' '_pdbx_struct_conn_angle.ptnr1_label_comp_id' 
9  4 'Structure model' '_pdbx_struct_conn_angle.ptnr1_label_seq_id'  
10 4 'Structure model' '_pdbx_struct_conn_angle.ptnr2_auth_seq_id'   
11 4 'Structure model' '_pdbx_struct_conn_angle.ptnr2_label_asym_id' 
12 4 'Structure model' '_pdbx_struct_conn_angle.ptnr3_auth_comp_id'  
13 4 'Structure model' '_pdbx_struct_conn_angle.ptnr3_auth_seq_id'   
14 4 'Structure model' '_pdbx_struct_conn_angle.ptnr3_label_asym_id' 
15 4 'Structure model' '_pdbx_struct_conn_angle.ptnr3_label_atom_id' 
16 4 'Structure model' '_pdbx_struct_conn_angle.ptnr3_label_comp_id' 
17 4 'Structure model' '_pdbx_struct_conn_angle.ptnr3_label_seq_id'  
18 4 'Structure model' '_pdbx_struct_conn_angle.value'               
19 4 'Structure model' '_struct_conn.pdbx_dist_value'                
20 4 'Structure model' '_struct_conn.ptnr1_auth_comp_id'             
21 4 'Structure model' '_struct_conn.ptnr1_auth_seq_id'              
22 4 'Structure model' '_struct_conn.ptnr1_label_asym_id'            
23 4 'Structure model' '_struct_conn.ptnr1_label_atom_id'            
24 4 'Structure model' '_struct_conn.ptnr1_label_comp_id'            
25 4 'Structure model' '_struct_conn.ptnr1_label_seq_id'             
26 4 'Structure model' '_struct_conn.ptnr2_auth_comp_id'             
27 4 'Structure model' '_struct_conn.ptnr2_auth_seq_id'              
28 4 'Structure model' '_struct_conn.ptnr2_label_asym_id'            
29 4 'Structure model' '_struct_conn.ptnr2_label_atom_id'            
30 4 'Structure model' '_struct_conn.ptnr2_label_comp_id'            
31 4 'Structure model' '_struct_conn.ptnr2_label_seq_id'             
32 4 'Structure model' '_struct_site.pdbx_auth_asym_id'              
33 4 'Structure model' '_struct_site.pdbx_auth_comp_id'              
34 4 'Structure model' '_struct_site.pdbx_auth_seq_id'               
# 
_pdbx_database_status.status_code                     REL 
_pdbx_database_status.entry_id                        1RYT 
_pdbx_database_status.recvd_initial_deposition_date   1996-04-26 
_pdbx_database_status.deposit_site                    ? 
_pdbx_database_status.process_site                    BNL 
_pdbx_database_status.SG_entry                        . 
_pdbx_database_status.pdb_format_compatible           Y 
_pdbx_database_status.status_code_mr                  ? 
_pdbx_database_status.status_code_sf                  ? 
_pdbx_database_status.status_code_cs                  ? 
_pdbx_database_status.status_code_nmr_data            ? 
_pdbx_database_status.methods_development_category    ? 
# 
loop_
_audit_author.name 
_audit_author.pdbx_ordinal 
'Demare, F.'   1 
'Kurtz, D.M.'  2 
'Nordlund, P.' 3 
# 
_citation.id                        primary 
_citation.title                     
;The structure of Desulfovibrio vulgaris rubrerythrin reveals a unique combination of rubredoxin-like FeS4 and ferritin-like diiron domains.
;
_citation.journal_abbrev            Nat.Struct.Biol. 
_citation.journal_volume            3 
_citation.page_first                539 
_citation.page_last                 546 
_citation.year                      1996 
_citation.journal_id_ASTM           NSBIEW 
_citation.country                   US 
_citation.journal_id_ISSN           1072-8368 
_citation.journal_id_CSD            2024 
_citation.book_publisher            ? 
_citation.pdbx_database_id_PubMed   8646540 
_citation.pdbx_database_id_DOI      10.1038/nsb0696-539 
# 
loop_
_citation_author.citation_id 
_citation_author.name 
_citation_author.ordinal 
_citation_author.identifier_ORCID 
primary 'deMare, F.'      1 ? 
primary 'Kurtz Jr., D.M.' 2 ? 
primary 'Nordlund, P.'    3 ? 
# 
loop_
_entity.id 
_entity.type 
_entity.src_method 
_entity.pdbx_description 
_entity.formula_weight 
_entity.pdbx_number_of_molecules 
_entity.pdbx_ec 
_entity.pdbx_mutation 
_entity.pdbx_fragment 
_entity.details 
1 polymer     nat RUBRERYTHRIN   21446.084 1  ? ? ? ? 
2 non-polymer syn 'FE (III) ION' 55.845    3  ? ? ? ? 
3 water       nat water          18.015    51 ? ? ? ? 
# 
_entity_poly.entity_id                      1 
_entity_poly.type                           'polypeptide(L)' 
_entity_poly.nstd_linkage                   no 
_entity_poly.nstd_monomer                   no 
_entity_poly.pdbx_seq_one_letter_code       
;KSLKGSRTEKNILTAFAGESQARNRYNYFGGQAKKDGFVQISDIFAETADQEREHAKRLFKFLEGGDLEIVAAFPAGIIA
DTHANLIASAAGEHHEYTEMYPSFARIAREEGYEEIARVFASIAVAEEFHEKRFLDFARNIKEGRVFLREQATKWRCRNC
GYVHEGTGAPELCPACAHPKAHFELLGINW
;
_entity_poly.pdbx_seq_one_letter_code_can   
;KSLKGSRTEKNILTAFAGESQARNRYNYFGGQAKKDGFVQISDIFAETADQEREHAKRLFKFLEGGDLEIVAAFPAGIIA
DTHANLIASAAGEHHEYTEMYPSFARIAREEGYEEIARVFASIAVAEEFHEKRFLDFARNIKEGRVFLREQATKWRCRNC
GYVHEGTGAPELCPACAHPKAHFELLGINW
;
_entity_poly.pdbx_strand_id                 A 
_entity_poly.pdbx_target_identifier         ? 
# 
loop_
_pdbx_entity_nonpoly.entity_id 
_pdbx_entity_nonpoly.name 
_pdbx_entity_nonpoly.comp_id 
2 'FE (III) ION' FE  
3 water          HOH 
# 
loop_
_entity_poly_seq.entity_id 
_entity_poly_seq.num 
_entity_poly_seq.mon_id 
_entity_poly_seq.hetero 
1 1   LYS n 
1 2   SER n 
1 3   LEU n 
1 4   LYS n 
1 5   GLY n 
1 6   SER n 
1 7   ARG n 
1 8   THR n 
1 9   GLU n 
1 10  LYS n 
1 11  ASN n 
1 12  ILE n 
1 13  LEU n 
1 14  THR n 
1 15  ALA n 
1 16  PHE n 
1 17  ALA n 
1 18  GLY n 
1 19  GLU n 
1 20  SER n 
1 21  GLN n 
1 22  ALA n 
1 23  ARG n 
1 24  ASN n 
1 25  ARG n 
1 26  TYR n 
1 27  ASN n 
1 28  TYR n 
1 29  PHE n 
1 30  GLY n 
1 31  GLY n 
1 32  GLN n 
1 33  ALA n 
1 34  LYS n 
1 35  LYS n 
1 36  ASP n 
1 37  GLY n 
1 38  PHE n 
1 39  VAL n 
1 40  GLN n 
1 41  ILE n 
1 42  SER n 
1 43  ASP n 
1 44  ILE n 
1 45  PHE n 
1 46  ALA n 
1 47  GLU n 
1 48  THR n 
1 49  ALA n 
1 50  ASP n 
1 51  GLN n 
1 52  GLU n 
1 53  ARG n 
1 54  GLU n 
1 55  HIS n 
1 56  ALA n 
1 57  LYS n 
1 58  ARG n 
1 59  LEU n 
1 60  PHE n 
1 61  LYS n 
1 62  PHE n 
1 63  LEU n 
1 64  GLU n 
1 65  GLY n 
1 66  GLY n 
1 67  ASP n 
1 68  LEU n 
1 69  GLU n 
1 70  ILE n 
1 71  VAL n 
1 72  ALA n 
1 73  ALA n 
1 74  PHE n 
1 75  PRO n 
1 76  ALA n 
1 77  GLY n 
1 78  ILE n 
1 79  ILE n 
1 80  ALA n 
1 81  ASP n 
1 82  THR n 
1 83  HIS n 
1 84  ALA n 
1 85  ASN n 
1 86  LEU n 
1 87  ILE n 
1 88  ALA n 
1 89  SER n 
1 90  ALA n 
1 91  ALA n 
1 92  GLY n 
1 93  GLU n 
1 94  HIS n 
1 95  HIS n 
1 96  GLU n 
1 97  TYR n 
1 98  THR n 
1 99  GLU n 
1 100 MET n 
1 101 TYR n 
1 102 PRO n 
1 103 SER n 
1 104 PHE n 
1 105 ALA n 
1 106 ARG n 
1 107 ILE n 
1 108 ALA n 
1 109 ARG n 
1 110 GLU n 
1 111 GLU n 
1 112 GLY n 
1 113 TYR n 
1 114 GLU n 
1 115 GLU n 
1 116 ILE n 
1 117 ALA n 
1 118 ARG n 
1 119 VAL n 
1 120 PHE n 
1 121 ALA n 
1 122 SER n 
1 123 ILE n 
1 124 ALA n 
1 125 VAL n 
1 126 ALA n 
1 127 GLU n 
1 128 GLU n 
1 129 PHE n 
1 130 HIS n 
1 131 GLU n 
1 132 LYS n 
1 133 ARG n 
1 134 PHE n 
1 135 LEU n 
1 136 ASP n 
1 137 PHE n 
1 138 ALA n 
1 139 ARG n 
1 140 ASN n 
1 141 ILE n 
1 142 LYS n 
1 143 GLU n 
1 144 GLY n 
1 145 ARG n 
1 146 VAL n 
1 147 PHE n 
1 148 LEU n 
1 149 ARG n 
1 150 GLU n 
1 151 GLN n 
1 152 ALA n 
1 153 THR n 
1 154 LYS n 
1 155 TRP n 
1 156 ARG n 
1 157 CYS n 
1 158 ARG n 
1 159 ASN n 
1 160 CYS n 
1 161 GLY n 
1 162 TYR n 
1 163 VAL n 
1 164 HIS n 
1 165 GLU n 
1 166 GLY n 
1 167 THR n 
1 168 GLY n 
1 169 ALA n 
1 170 PRO n 
1 171 GLU n 
1 172 LEU n 
1 173 CYS n 
1 174 PRO n 
1 175 ALA n 
1 176 CYS n 
1 177 ALA n 
1 178 HIS n 
1 179 PRO n 
1 180 LYS n 
1 181 ALA n 
1 182 HIS n 
1 183 PHE n 
1 184 GLU n 
1 185 LEU n 
1 186 LEU n 
1 187 GLY n 
1 188 ILE n 
1 189 ASN n 
1 190 TRP n 
# 
_entity_src_nat.entity_id                  1 
_entity_src_nat.pdbx_src_id                1 
_entity_src_nat.pdbx_alt_source_flag       sample 
_entity_src_nat.pdbx_beg_seq_num           ? 
_entity_src_nat.pdbx_end_seq_num           ? 
_entity_src_nat.common_name                ? 
_entity_src_nat.pdbx_organism_scientific   'Desulfovibrio vulgaris subsp. vulgaris str. Hildenborough' 
_entity_src_nat.pdbx_ncbi_taxonomy_id      882 
_entity_src_nat.genus                      Desulfovibrio 
_entity_src_nat.species                    'Desulfovibrio vulgaris' 
_entity_src_nat.strain                     HILDENBOROUGH 
_entity_src_nat.tissue                     ? 
_entity_src_nat.tissue_fraction            ? 
_entity_src_nat.pdbx_secretion             ? 
_entity_src_nat.pdbx_fragment              ? 
_entity_src_nat.pdbx_variant               ? 
_entity_src_nat.pdbx_cell_line             ? 
_entity_src_nat.pdbx_atcc                  ? 
_entity_src_nat.pdbx_cellular_location     ? 
_entity_src_nat.pdbx_organ                 ? 
_entity_src_nat.pdbx_organelle             ? 
_entity_src_nat.pdbx_cell                  ? 
_entity_src_nat.pdbx_plasmid_name          ? 
_entity_src_nat.pdbx_plasmid_details       ? 
_entity_src_nat.details                    ? 
# 
loop_
_chem_comp.id 
_chem_comp.type 
_chem_comp.mon_nstd_flag 
_chem_comp.name 
_chem_comp.pdbx_synonyms 
_chem_comp.formula 
_chem_comp.formula_weight 
ALA 'L-peptide linking' y ALANINE         ? 'C3 H7 N O2'     89.093  
ARG 'L-peptide linking' y ARGININE        ? 'C6 H15 N4 O2 1' 175.209 
ASN 'L-peptide linking' y ASPARAGINE      ? 'C4 H8 N2 O3'    132.118 
ASP 'L-peptide linking' y 'ASPARTIC ACID' ? 'C4 H7 N O4'     133.103 
CYS 'L-peptide linking' y CYSTEINE        ? 'C3 H7 N O2 S'   121.158 
FE  non-polymer         . 'FE (III) ION'  ? 'Fe 3'           55.845  
GLN 'L-peptide linking' y GLUTAMINE       ? 'C5 H10 N2 O3'   146.144 
GLU 'L-peptide linking' y 'GLUTAMIC ACID' ? 'C5 H9 N O4'     147.129 
GLY 'peptide linking'   y GLYCINE         ? 'C2 H5 N O2'     75.067  
HIS 'L-peptide linking' y HISTIDINE       ? 'C6 H10 N3 O2 1' 156.162 
HOH non-polymer         . WATER           ? 'H2 O'           18.015  
ILE 'L-peptide linking' y ISOLEUCINE      ? 'C6 H13 N O2'    131.173 
LEU 'L-peptide linking' y LEUCINE         ? 'C6 H13 N O2'    131.173 
LYS 'L-peptide linking' y LYSINE          ? 'C6 H15 N2 O2 1' 147.195 
MET 'L-peptide linking' y METHIONINE      ? 'C5 H11 N O2 S'  149.211 
PHE 'L-peptide linking' y PHENYLALANINE   ? 'C9 H11 N O2'    165.189 
PRO 'L-peptide linking' y PROLINE         ? 'C5 H9 N O2'     115.130 
SER 'L-peptide linking' y SERINE          ? 'C3 H7 N O3'     105.093 
THR 'L-peptide linking' y THREONINE       ? 'C4 H9 N O3'     119.119 
TRP 'L-peptide linking' y TRYPTOPHAN      ? 'C11 H12 N2 O2'  204.225 
TYR 'L-peptide linking' y TYROSINE        ? 'C9 H11 N O3'    181.189 
VAL 'L-peptide linking' y VALINE          ? 'C5 H11 N O2'    117.146 
# 
loop_
_pdbx_poly_seq_scheme.asym_id 
_pdbx_poly_seq_scheme.entity_id 
_pdbx_poly_seq_scheme.seq_id 
_pdbx_poly_seq_scheme.mon_id 
_pdbx_poly_seq_scheme.ndb_seq_num 
_pdbx_poly_seq_scheme.pdb_seq_num 
_pdbx_poly_seq_scheme.auth_seq_num 
_pdbx_poly_seq_scheme.pdb_mon_id 
_pdbx_poly_seq_scheme.auth_mon_id 
_pdbx_poly_seq_scheme.pdb_strand_id 
_pdbx_poly_seq_scheme.pdb_ins_code 
_pdbx_poly_seq_scheme.hetero 
A 1 1   LYS 1   2   2   LYS LYS A . n 
A 1 2   SER 2   3   3   SER SER A . n 
A 1 3   LEU 3   4   4   LEU LEU A . n 
A 1 4   LYS 4   5   5   LYS LYS A . n 
A 1 5   GLY 5   6   6   GLY GLY A . n 
A 1 6   SER 6   7   7   SER SER A . n 
A 1 7   ARG 7   8   8   ARG ARG A . n 
A 1 8   THR 8   9   9   THR THR A . n 
A 1 9   GLU 9   10  10  GLU GLU A . n 
A 1 10  LYS 10  11  11  LYS LYS A . n 
A 1 11  ASN 11  12  12  ASN ASN A . n 
A 1 12  ILE 12  13  13  ILE ILE A . n 
A 1 13  LEU 13  14  14  LEU LEU A . n 
A 1 14  THR 14  15  15  THR THR A . n 
A 1 15  ALA 15  16  16  ALA ALA A . n 
A 1 16  PHE 16  17  17  PHE PHE A . n 
A 1 17  ALA 17  18  18  ALA ALA A . n 
A 1 18  GLY 18  19  19  GLY GLY A . n 
A 1 19  GLU 19  20  20  GLU GLU A . n 
A 1 20  SER 20  21  21  SER SER A . n 
A 1 21  GLN 21  22  22  GLN GLN A . n 
A 1 22  ALA 22  23  23  ALA ALA A . n 
A 1 23  ARG 23  24  24  ARG ARG A . n 
A 1 24  ASN 24  25  25  ASN ASN A . n 
A 1 25  ARG 25  26  26  ARG ARG A . n 
A 1 26  TYR 26  27  27  TYR TYR A . n 
A 1 27  ASN 27  28  28  ASN ASN A . n 
A 1 28  TYR 28  29  29  TYR TYR A . n 
A 1 29  PHE 29  30  30  PHE PHE A . n 
A 1 30  GLY 30  31  31  GLY GLY A . n 
A 1 31  GLY 31  32  32  GLY GLY A . n 
A 1 32  GLN 32  33  33  GLN GLN A . n 
A 1 33  ALA 33  34  34  ALA ALA A . n 
A 1 34  LYS 34  35  35  LYS LYS A . n 
A 1 35  LYS 35  36  36  LYS LYS A . n 
A 1 36  ASP 36  37  37  ASP ASP A . n 
A 1 37  GLY 37  38  38  GLY GLY A . n 
A 1 38  PHE 38  39  39  PHE PHE A . n 
A 1 39  VAL 39  40  40  VAL VAL A . n 
A 1 40  GLN 40  41  41  GLN GLN A . n 
A 1 41  ILE 41  42  42  ILE ILE A . n 
A 1 42  SER 42  43  43  SER SER A . n 
A 1 43  ASP 43  44  44  ASP ASP A . n 
A 1 44  ILE 44  45  45  ILE ILE A . n 
A 1 45  PHE 45  46  46  PHE PHE A . n 
A 1 46  ALA 46  47  47  ALA ALA A . n 
A 1 47  GLU 47  48  48  GLU GLU A . n 
A 1 48  THR 48  49  49  THR THR A . n 
A 1 49  ALA 49  50  50  ALA ALA A . n 
A 1 50  ASP 50  51  51  ASP ASP A . n 
A 1 51  GLN 51  52  52  GLN GLN A . n 
A 1 52  GLU 52  53  53  GLU GLU A . n 
A 1 53  ARG 53  54  54  ARG ARG A . n 
A 1 54  GLU 54  55  55  GLU GLU A . n 
A 1 55  HIS 55  56  56  HIS HIS A . n 
A 1 56  ALA 56  57  57  ALA ALA A . n 
A 1 57  LYS 57  58  58  LYS LYS A . n 
A 1 58  ARG 58  59  59  ARG ARG A . n 
A 1 59  LEU 59  60  60  LEU LEU A . n 
A 1 60  PHE 60  61  61  PHE PHE A . n 
A 1 61  LYS 61  62  62  LYS LYS A . n 
A 1 62  PHE 62  63  63  PHE PHE A . n 
A 1 63  LEU 63  64  64  LEU LEU A . n 
A 1 64  GLU 64  65  65  GLU GLU A . n 
A 1 65  GLY 65  66  66  GLY GLY A . n 
A 1 66  GLY 66  67  67  GLY GLY A . n 
A 1 67  ASP 67  68  68  ASP ASP A . n 
A 1 68  LEU 68  69  69  LEU LEU A . n 
A 1 69  GLU 69  70  70  GLU GLU A . n 
A 1 70  ILE 70  71  71  ILE ILE A . n 
A 1 71  VAL 71  72  72  VAL VAL A . n 
A 1 72  ALA 72  73  73  ALA ALA A . n 
A 1 73  ALA 73  74  74  ALA ALA A . n 
A 1 74  PHE 74  75  75  PHE PHE A . n 
A 1 75  PRO 75  76  76  PRO PRO A . n 
A 1 76  ALA 76  77  77  ALA ALA A . n 
A 1 77  GLY 77  78  78  GLY GLY A . n 
A 1 78  ILE 78  79  79  ILE ILE A . n 
A 1 79  ILE 79  80  80  ILE ILE A . n 
A 1 80  ALA 80  81  81  ALA ALA A . n 
A 1 81  ASP 81  82  82  ASP ASP A . n 
A 1 82  THR 82  83  83  THR THR A . n 
A 1 83  HIS 83  84  84  HIS HIS A . n 
A 1 84  ALA 84  85  85  ALA ALA A . n 
A 1 85  ASN 85  86  86  ASN ASN A . n 
A 1 86  LEU 86  87  87  LEU LEU A . n 
A 1 87  ILE 87  88  88  ILE ILE A . n 
A 1 88  ALA 88  89  89  ALA ALA A . n 
A 1 89  SER 89  90  90  SER SER A . n 
A 1 90  ALA 90  91  91  ALA ALA A . n 
A 1 91  ALA 91  92  92  ALA ALA A . n 
A 1 92  GLY 92  93  93  GLY GLY A . n 
A 1 93  GLU 93  94  94  GLU GLU A . n 
A 1 94  HIS 94  95  95  HIS HIS A . n 
A 1 95  HIS 95  96  96  HIS HIS A . n 
A 1 96  GLU 96  97  97  GLU GLU A . n 
A 1 97  TYR 97  98  98  TYR TYR A . n 
A 1 98  THR 98  99  99  THR THR A . n 
A 1 99  GLU 99  100 100 GLU GLU A . n 
A 1 100 MET 100 101 101 MET MET A . n 
A 1 101 TYR 101 102 102 TYR TYR A . n 
A 1 102 PRO 102 103 103 PRO PRO A . n 
A 1 103 SER 103 104 104 SER SER A . n 
A 1 104 PHE 104 105 105 PHE PHE A . n 
A 1 105 ALA 105 106 106 ALA ALA A . n 
A 1 106 ARG 106 107 107 ARG ARG A . n 
A 1 107 ILE 107 108 108 ILE ILE A . n 
A 1 108 ALA 108 109 109 ALA ALA A . n 
A 1 109 ARG 109 110 110 ARG ARG A . n 
A 1 110 GLU 110 111 111 GLU GLU A . n 
A 1 111 GLU 111 112 112 GLU GLU A . n 
A 1 112 GLY 112 113 113 GLY GLY A . n 
A 1 113 TYR 113 114 114 TYR TYR A . n 
A 1 114 GLU 114 115 115 GLU GLU A . n 
A 1 115 GLU 115 116 116 GLU GLU A . n 
A 1 116 ILE 116 117 117 ILE ILE A . n 
A 1 117 ALA 117 118 118 ALA ALA A . n 
A 1 118 ARG 118 119 119 ARG ARG A . n 
A 1 119 VAL 119 120 120 VAL VAL A . n 
A 1 120 PHE 120 121 121 PHE PHE A . n 
A 1 121 ALA 121 122 122 ALA ALA A . n 
A 1 122 SER 122 123 123 SER SER A . n 
A 1 123 ILE 123 124 124 ILE ILE A . n 
A 1 124 ALA 124 125 125 ALA ALA A . n 
A 1 125 VAL 125 126 126 VAL VAL A . n 
A 1 126 ALA 126 127 127 ALA ALA A . n 
A 1 127 GLU 127 128 128 GLU GLU A . n 
A 1 128 GLU 128 129 129 GLU GLU A . n 
A 1 129 PHE 129 130 130 PHE PHE A . n 
A 1 130 HIS 130 131 131 HIS HIS A . n 
A 1 131 GLU 131 132 132 GLU GLU A . n 
A 1 132 LYS 132 133 133 LYS LYS A . n 
A 1 133 ARG 133 134 134 ARG ARG A . n 
A 1 134 PHE 134 135 135 PHE PHE A . n 
A 1 135 LEU 135 136 136 LEU LEU A . n 
A 1 136 ASP 136 137 137 ASP ASP A . n 
A 1 137 PHE 137 138 138 PHE PHE A . n 
A 1 138 ALA 138 139 139 ALA ALA A . n 
A 1 139 ARG 139 140 140 ARG ARG A . n 
A 1 140 ASN 140 141 141 ASN ASN A . n 
A 1 141 ILE 141 142 142 ILE ILE A . n 
A 1 142 LYS 142 143 143 LYS LYS A . n 
A 1 143 GLU 143 144 144 GLU GLU A . n 
A 1 144 GLY 144 145 145 GLY GLY A . n 
A 1 145 ARG 145 146 146 ARG ARG A . n 
A 1 146 VAL 146 147 147 VAL VAL A . n 
A 1 147 PHE 147 148 148 PHE PHE A . n 
A 1 148 LEU 148 149 149 LEU LEU A . n 
A 1 149 ARG 149 150 150 ARG ARG A . n 
A 1 150 GLU 150 151 151 GLU GLU A . n 
A 1 151 GLN 151 152 152 GLN GLN A . n 
A 1 152 ALA 152 153 153 ALA ALA A . n 
A 1 153 THR 153 154 154 THR THR A . n 
A 1 154 LYS 154 155 155 LYS LYS A . n 
A 1 155 TRP 155 156 156 TRP TRP A . n 
A 1 156 ARG 156 157 157 ARG ARG A . n 
A 1 157 CYS 157 158 158 CYS CYS A . n 
A 1 158 ARG 158 159 159 ARG ARG A . n 
A 1 159 ASN 159 160 160 ASN ASN A . n 
A 1 160 CYS 160 161 161 CYS CYS A . n 
A 1 161 GLY 161 162 162 GLY GLY A . n 
A 1 162 TYR 162 163 163 TYR TYR A . n 
A 1 163 VAL 163 164 164 VAL VAL A . n 
A 1 164 HIS 164 165 165 HIS HIS A . n 
A 1 165 GLU 165 166 166 GLU GLU A . n 
A 1 166 GLY 166 167 167 GLY GLY A . n 
A 1 167 THR 167 168 168 THR THR A . n 
A 1 168 GLY 168 169 169 GLY GLY A . n 
A 1 169 ALA 169 170 170 ALA ALA A . n 
A 1 170 PRO 170 171 171 PRO PRO A . n 
A 1 171 GLU 171 172 172 GLU GLU A . n 
A 1 172 LEU 172 173 173 LEU LEU A . n 
A 1 173 CYS 173 174 174 CYS CYS A . n 
A 1 174 PRO 174 175 175 PRO PRO A . n 
A 1 175 ALA 175 176 176 ALA ALA A . n 
A 1 176 CYS 176 177 177 CYS CYS A . n 
A 1 177 ALA 177 178 178 ALA ALA A . n 
A 1 178 HIS 178 179 179 HIS HIS A . n 
A 1 179 PRO 179 180 180 PRO PRO A . n 
A 1 180 LYS 180 181 181 LYS LYS A . n 
A 1 181 ALA 181 182 182 ALA ALA A . n 
A 1 182 HIS 182 183 183 HIS HIS A . n 
A 1 183 PHE 183 184 184 PHE PHE A . n 
A 1 184 GLU 184 185 185 GLU GLU A . n 
A 1 185 LEU 185 186 186 LEU LEU A . n 
A 1 186 LEU 186 187 187 LEU LEU A . n 
A 1 187 GLY 187 188 188 GLY GLY A . n 
A 1 188 ILE 188 189 189 ILE ILE A . n 
A 1 189 ASN 189 190 190 ASN ASN A . n 
A 1 190 TRP 190 191 191 TRP TRP A . n 
# 
loop_
_pdbx_nonpoly_scheme.asym_id 
_pdbx_nonpoly_scheme.entity_id 
_pdbx_nonpoly_scheme.mon_id 
_pdbx_nonpoly_scheme.ndb_seq_num 
_pdbx_nonpoly_scheme.pdb_seq_num 
_pdbx_nonpoly_scheme.auth_seq_num 
_pdbx_nonpoly_scheme.pdb_mon_id 
_pdbx_nonpoly_scheme.auth_mon_id 
_pdbx_nonpoly_scheme.pdb_strand_id 
_pdbx_nonpoly_scheme.pdb_ins_code 
B 2 FE  1  600 600 FE  FE  A . 
C 2 FE  1  601 601 FE  FE  A . 
D 2 FE  1  401 401 FE  FE  A . 
E 3 HOH 1  602 602 HOH HOH A . 
E 3 HOH 2  604 604 HOH HOH A . 
E 3 HOH 3  606 606 HOH HOH A . 
E 3 HOH 4  609 609 HOH HOH A . 
E 3 HOH 5  610 610 HOH HOH A . 
E 3 HOH 6  611 611 HOH HOH A . 
E 3 HOH 7  613 613 HOH HOH A . 
E 3 HOH 8  614 614 HOH HOH A . 
E 3 HOH 9  617 617 HOH HOH A . 
E 3 HOH 10 618 618 HOH HOH A . 
E 3 HOH 11 621 621 HOH HOH A . 
E 3 HOH 12 623 623 HOH HOH A . 
E 3 HOH 13 624 624 HOH HOH A . 
E 3 HOH 14 625 625 HOH HOH A . 
E 3 HOH 15 628 628 HOH HOH A . 
E 3 HOH 16 629 629 HOH HOH A . 
E 3 HOH 17 631 631 HOH HOH A . 
E 3 HOH 18 635 635 HOH HOH A . 
E 3 HOH 19 636 636 HOH HOH A . 
E 3 HOH 20 639 639 HOH HOH A . 
E 3 HOH 21 640 640 HOH HOH A . 
E 3 HOH 22 641 641 HOH HOH A . 
E 3 HOH 23 644 644 HOH HOH A . 
E 3 HOH 24 646 646 HOH HOH A . 
E 3 HOH 25 647 647 HOH HOH A . 
E 3 HOH 26 650 650 HOH HOH A . 
E 3 HOH 27 654 654 HOH HOH A . 
E 3 HOH 28 655 655 HOH HOH A . 
E 3 HOH 29 658 658 HOH HOH A . 
E 3 HOH 30 661 661 HOH HOH A . 
E 3 HOH 31 663 663 HOH HOH A . 
E 3 HOH 32 664 664 HOH HOH A . 
E 3 HOH 33 665 665 HOH HOH A . 
E 3 HOH 34 666 666 HOH HOH A . 
E 3 HOH 35 667 667 HOH HOH A . 
E 3 HOH 36 668 668 HOH HOH A . 
E 3 HOH 37 669 669 HOH HOH A . 
E 3 HOH 38 670 670 HOH HOH A . 
E 3 HOH 39 671 671 HOH HOH A . 
E 3 HOH 40 672 672 HOH HOH A . 
E 3 HOH 41 673 673 HOH HOH A . 
E 3 HOH 42 674 674 HOH HOH A . 
E 3 HOH 43 675 675 HOH HOH A . 
E 3 HOH 44 676 676 HOH HOH A . 
E 3 HOH 45 677 677 HOH HOH A . 
E 3 HOH 46 678 678 HOH HOH A . 
E 3 HOH 47 679 679 HOH HOH A . 
E 3 HOH 48 680 680 HOH HOH A . 
E 3 HOH 49 681 681 HOH HOH A . 
E 3 HOH 50 682 682 HOH HOH A . 
E 3 HOH 51 683 683 HOH HOH A . 
# 
loop_
_software.name 
_software.classification 
_software.version 
_software.citation_id 
_software.pdbx_ordinal 
X-PLOR 'model building' . ? 1 
X-PLOR refinement       . ? 2 
MARXDS 'data reduction' . ? 3 
X-PLOR phasing          . ? 4 
# 
_cell.entry_id           1RYT 
_cell.length_a           50.400 
_cell.length_b           82.000 
_cell.length_c           100.700 
_cell.angle_alpha        90.00 
_cell.angle_beta         90.00 
_cell.angle_gamma        90.00 
_cell.Z_PDB              8 
_cell.pdbx_unique_axis   ? 
# 
_symmetry.entry_id                         1RYT 
_symmetry.space_group_name_H-M             'I 2 2 2' 
_symmetry.pdbx_full_space_group_name_H-M   ? 
_symmetry.cell_setting                     ? 
_symmetry.Int_Tables_number                23 
# 
_exptl.entry_id          1RYT 
_exptl.method            'X-RAY DIFFRACTION' 
_exptl.crystals_number   ? 
# 
_exptl_crystal.id                    1 
_exptl_crystal.density_meas          ? 
_exptl_crystal.density_Matthews      2.43 
_exptl_crystal.density_percent_sol   48. 
_exptl_crystal.description           ? 
# 
_diffrn.id                     1 
_diffrn.ambient_temp           ? 
_diffrn.ambient_temp_details   ? 
_diffrn.crystal_id             1 
# 
_diffrn_detector.diffrn_id              1 
_diffrn_detector.detector               'IMAGE PLATE' 
_diffrn_detector.type                   MARRESEARCH 
_diffrn_detector.pdbx_collection_date   1994-02-05 
_diffrn_detector.details                ? 
# 
_diffrn_radiation.diffrn_id                        1 
_diffrn_radiation.wavelength_id                    1 
_diffrn_radiation.pdbx_monochromatic_or_laue_m_l   M 
_diffrn_radiation.monochromator                    ? 
_diffrn_radiation.pdbx_diffrn_protocol             ? 
_diffrn_radiation.pdbx_scattering_type             x-ray 
# 
_diffrn_radiation_wavelength.id           1 
_diffrn_radiation_wavelength.wavelength   1.5418 
_diffrn_radiation_wavelength.wt           1.0 
# 
_diffrn_source.diffrn_id                   1 
_diffrn_source.source                      ? 
_diffrn_source.type                        ? 
_diffrn_source.pdbx_synchrotron_site       ? 
_diffrn_source.pdbx_synchrotron_beamline   ? 
_diffrn_source.pdbx_wavelength             1.5418 
_diffrn_source.pdbx_wavelength_list        ? 
# 
_reflns.entry_id                     1RYT 
_reflns.observed_criterion_sigma_I   ? 
_reflns.observed_criterion_sigma_F   ? 
_reflns.d_resolution_low             ? 
_reflns.d_resolution_high            ? 
_reflns.number_obs                   11938 
_reflns.number_all                   ? 
_reflns.percent_possible_obs         96. 
_reflns.pdbx_Rmerge_I_obs            0.0500000 
_reflns.pdbx_Rsym_value              ? 
_reflns.pdbx_netI_over_sigmaI        ? 
_reflns.B_iso_Wilson_estimate        ? 
_reflns.pdbx_redundancy              ? 
_reflns.pdbx_ordinal                 1 
_reflns.pdbx_diffrn_id               1 
# 
_refine.entry_id                                 1RYT 
_refine.ls_number_reflns_obs                     9998 
_refine.ls_number_reflns_all                     ? 
_refine.pdbx_ls_sigma_I                          ? 
_refine.pdbx_ls_sigma_F                          2. 
_refine.pdbx_data_cutoff_high_absF               ? 
_refine.pdbx_data_cutoff_low_absF                ? 
_refine.pdbx_data_cutoff_high_rms_absF           ? 
_refine.ls_d_res_low                             8.0 
_refine.ls_d_res_high                            2.1 
_refine.ls_percent_reflns_obs                    ? 
_refine.ls_R_factor_obs                          0.1820000 
_refine.ls_R_factor_all                          ? 
_refine.ls_R_factor_R_work                       0.1820000 
_refine.ls_R_factor_R_free                       0.2560000 
_refine.ls_R_factor_R_free_error                 ? 
_refine.ls_R_factor_R_free_error_details         ? 
_refine.ls_percent_reflns_R_free                 ? 
_refine.ls_number_reflns_R_free                  ? 
_refine.ls_number_parameters                     ? 
_refine.ls_number_restraints                     ? 
_refine.occupancy_min                            ? 
_refine.occupancy_max                            ? 
_refine.B_iso_mean                               25.1 
_refine.aniso_B[1][1]                            ? 
_refine.aniso_B[2][2]                            ? 
_refine.aniso_B[3][3]                            ? 
_refine.aniso_B[1][2]                            ? 
_refine.aniso_B[1][3]                            ? 
_refine.aniso_B[2][3]                            ? 
_refine.solvent_model_details                    ? 
_refine.solvent_model_param_ksol                 ? 
_refine.solvent_model_param_bsol                 ? 
_refine.pdbx_ls_cross_valid_method               ? 
_refine.details                                  ? 
_refine.pdbx_starting_model                      ? 
_refine.pdbx_method_to_determine_struct          ? 
_refine.pdbx_isotropic_thermal_model             ? 
_refine.pdbx_stereochemistry_target_values       ? 
_refine.pdbx_stereochem_target_val_spec_case     ? 
_refine.pdbx_R_Free_selection_details            ? 
_refine.pdbx_overall_ESU_R                       ? 
_refine.pdbx_overall_ESU_R_Free                  ? 
_refine.overall_SU_ML                            ? 
_refine.overall_SU_B                             ? 
_refine.pdbx_refine_id                           'X-RAY DIFFRACTION' 
_refine.pdbx_diffrn_id                           1 
_refine.pdbx_TLS_residual_ADP_flag               ? 
_refine.correlation_coeff_Fo_to_Fc               ? 
_refine.correlation_coeff_Fo_to_Fc_free          ? 
_refine.pdbx_solvent_vdw_probe_radii             ? 
_refine.pdbx_solvent_ion_probe_radii             ? 
_refine.pdbx_solvent_shrinkage_radii             ? 
_refine.pdbx_overall_phase_error                 ? 
_refine.overall_SU_R_Cruickshank_DPI             ? 
_refine.pdbx_overall_SU_R_free_Cruickshank_DPI   ? 
_refine.pdbx_overall_SU_R_Blow_DPI               ? 
_refine.pdbx_overall_SU_R_free_Blow_DPI          ? 
# 
_refine_analyze.entry_id                        1RYT 
_refine_analyze.Luzzati_coordinate_error_obs    0.20 
_refine_analyze.Luzzati_sigma_a_obs             ? 
_refine_analyze.Luzzati_d_res_low_obs           ? 
_refine_analyze.Luzzati_coordinate_error_free   ? 
_refine_analyze.Luzzati_sigma_a_free            ? 
_refine_analyze.Luzzati_d_res_low_free          ? 
_refine_analyze.number_disordered_residues      ? 
_refine_analyze.occupancy_sum_hydrogen          ? 
_refine_analyze.occupancy_sum_non_hydrogen      ? 
_refine_analyze.pdbx_refine_id                  'X-RAY DIFFRACTION' 
# 
_refine_hist.pdbx_refine_id                   'X-RAY DIFFRACTION' 
_refine_hist.cycle_id                         LAST 
_refine_hist.pdbx_number_atoms_protein        1514 
_refine_hist.pdbx_number_atoms_nucleic_acid   0 
_refine_hist.pdbx_number_atoms_ligand         3 
_refine_hist.number_atoms_solvent             51 
_refine_hist.number_atoms_total               1568 
_refine_hist.d_res_high                       2.1 
_refine_hist.d_res_low                        8.0 
# 
loop_
_refine_ls_restr.type 
_refine_ls_restr.dev_ideal 
_refine_ls_restr.dev_ideal_target 
_refine_ls_restr.weight 
_refine_ls_restr.number 
_refine_ls_restr.pdbx_refine_id 
_refine_ls_restr.pdbx_restraint_function 
x_bond_d                0.01 ? ? ? 'X-RAY DIFFRACTION' ? 
x_bond_d_na             ?    ? ? ? 'X-RAY DIFFRACTION' ? 
x_bond_d_prot           ?    ? ? ? 'X-RAY DIFFRACTION' ? 
x_angle_d               ?    ? ? ? 'X-RAY DIFFRACTION' ? 
x_angle_d_na            ?    ? ? ? 'X-RAY DIFFRACTION' ? 
x_angle_d_prot          ?    ? ? ? 'X-RAY DIFFRACTION' ? 
x_angle_deg             ?    ? ? ? 'X-RAY DIFFRACTION' ? 
x_angle_deg_na          ?    ? ? ? 'X-RAY DIFFRACTION' ? 
x_angle_deg_prot        ?    ? ? ? 'X-RAY DIFFRACTION' ? 
x_dihedral_angle_d      ?    ? ? ? 'X-RAY DIFFRACTION' ? 
x_dihedral_angle_d_na   ?    ? ? ? 'X-RAY DIFFRACTION' ? 
x_dihedral_angle_d_prot ?    ? ? ? 'X-RAY DIFFRACTION' ? 
x_improper_angle_d      ?    ? ? ? 'X-RAY DIFFRACTION' ? 
x_improper_angle_d_na   ?    ? ? ? 'X-RAY DIFFRACTION' ? 
x_improper_angle_d_prot ?    ? ? ? 'X-RAY DIFFRACTION' ? 
x_mcbond_it             ?    ? ? ? 'X-RAY DIFFRACTION' ? 
x_mcangle_it            ?    ? ? ? 'X-RAY DIFFRACTION' ? 
x_scbond_it             ?    ? ? ? 'X-RAY DIFFRACTION' ? 
x_scangle_it            ?    ? ? ? 'X-RAY DIFFRACTION' ? 
# 
_struct.entry_id                  1RYT 
_struct.title                     RUBRERYTHRIN 
_struct.pdbx_model_details        ? 
_struct.pdbx_CASP_flag            ? 
_struct.pdbx_model_type_details   ? 
# 
_struct_keywords.entry_id        1RYT 
_struct_keywords.pdbx_keywords   'ELECTRON TRANSPORT' 
_struct_keywords.text            'ELECTRON TRANSPORT, IRON, FERROXIDASE' 
# 
loop_
_struct_asym.id 
_struct_asym.pdbx_blank_PDB_chainid_flag 
_struct_asym.pdbx_modified 
_struct_asym.entity_id 
_struct_asym.details 
A N N 1 ? 
B N N 2 ? 
C N N 2 ? 
D N N 2 ? 
E N N 3 ? 
# 
_struct_ref.id                         1 
_struct_ref.db_name                    UNP 
_struct_ref.db_code                    RUBY_DESVH 
_struct_ref.entity_id                  1 
_struct_ref.pdbx_db_accession          P24931 
_struct_ref.pdbx_align_begin           1 
_struct_ref.pdbx_seq_one_letter_code   
;MKSLKGSRTEKNILTAFAGESQARNRYNYFGGQAKKDGFVQISDIFAETADQEREHAKRLFKFLEGGDLEIVAAFPAGII
ADTHANLIASAAGEHHEYTEMYPSFARIAREEGYEEIARVFASIAVAEEFHEKRFLDFARNIKEGRVFLREQATKWRCRN
CGYVHEGTGAPELCPACAHPKAHFELLGINW
;
_struct_ref.pdbx_db_isoform            ? 
# 
_struct_ref_seq.align_id                      1 
_struct_ref_seq.ref_id                        1 
_struct_ref_seq.pdbx_PDB_id_code              1RYT 
_struct_ref_seq.pdbx_strand_id                A 
_struct_ref_seq.seq_align_beg                 1 
_struct_ref_seq.pdbx_seq_align_beg_ins_code   ? 
_struct_ref_seq.seq_align_end                 190 
_struct_ref_seq.pdbx_seq_align_end_ins_code   ? 
_struct_ref_seq.pdbx_db_accession             P24931 
_struct_ref_seq.db_align_beg                  2 
_struct_ref_seq.pdbx_db_align_beg_ins_code    ? 
_struct_ref_seq.db_align_end                  191 
_struct_ref_seq.pdbx_db_align_end_ins_code    ? 
_struct_ref_seq.pdbx_auth_seq_align_beg       2 
_struct_ref_seq.pdbx_auth_seq_align_end       191 
# 
loop_
_pdbx_struct_assembly.id 
_pdbx_struct_assembly.details 
_pdbx_struct_assembly.method_details 
_pdbx_struct_assembly.oligomeric_details 
_pdbx_struct_assembly.oligomeric_count 
1 author_and_software_defined_assembly PISA     dimeric    2 
2 software_defined_assembly            PISA,PQS tetrameric 4 
# 
loop_
_pdbx_struct_assembly_prop.biol_id 
_pdbx_struct_assembly_prop.type 
_pdbx_struct_assembly_prop.value 
_pdbx_struct_assembly_prop.details 
1 'ABSA (A^2)' 3530  ? 
1 MORE         -73   ? 
1 'SSA (A^2)'  18230 ? 
2 'ABSA (A^2)' 13610 ? 
2 MORE         -170  ? 
2 'SSA (A^2)'  29900 ? 
# 
loop_
_pdbx_struct_assembly_gen.assembly_id 
_pdbx_struct_assembly_gen.oper_expression 
_pdbx_struct_assembly_gen.asym_id_list 
1 1,2     A,B,C,D,E 
2 1,3,2,4 A,B,C,D,E 
# 
loop_
_pdbx_struct_oper_list.id 
_pdbx_struct_oper_list.type 
_pdbx_struct_oper_list.name 
_pdbx_struct_oper_list.symmetry_operation 
_pdbx_struct_oper_list.matrix[1][1] 
_pdbx_struct_oper_list.matrix[1][2] 
_pdbx_struct_oper_list.matrix[1][3] 
_pdbx_struct_oper_list.vector[1] 
_pdbx_struct_oper_list.matrix[2][1] 
_pdbx_struct_oper_list.matrix[2][2] 
_pdbx_struct_oper_list.matrix[2][3] 
_pdbx_struct_oper_list.vector[2] 
_pdbx_struct_oper_list.matrix[3][1] 
_pdbx_struct_oper_list.matrix[3][2] 
_pdbx_struct_oper_list.matrix[3][3] 
_pdbx_struct_oper_list.vector[3] 
1 'identity operation'         1_555 x,y,z   1.0000000000  0.0000000000  0.0000000000  0.0000000000   0.0000000000  1.0000000000  0.0000000000  0.0000000000   0.0000000000  0.0000000000  1.0000000000  0.0000000000  
2 'crystal symmetry operation' 3_555 -x,y,-z -0.2636977116 0.3067506164  -0.9145313424 15.8959620068  0.3067506164  -0.8722047424 -0.3810025548 -18.8874030316 -0.9145313424 -0.3810025548 0.1359024540  6.4628847646  
3 'crystal symmetry operation' 2_555 -x,-y,z -0.0386988106 -0.8764199963 0.4799899917  -17.9135335616 -0.8764199963 -0.2009663377 -0.4376077253 -9.7696714032  0.4799899917  -0.4376077253 -0.7603348516 18.0378047314 
4 'crystal symmetry operation' 4_555 x,-y,-z -0.6976034777 0.5696693799  0.4345413507  1.1267293148   0.5696693799  0.0731710801  0.8186102801  -22.7336864498 0.4345413507  0.8186102801  -0.3755676024 29.0190243517 
# 
_struct_biol.id   1 
# 
loop_
_struct_conf.conf_type_id 
_struct_conf.id 
_struct_conf.pdbx_PDB_helix_id 
_struct_conf.beg_label_comp_id 
_struct_conf.beg_label_asym_id 
_struct_conf.beg_label_seq_id 
_struct_conf.pdbx_beg_PDB_ins_code 
_struct_conf.end_label_comp_id 
_struct_conf.end_label_asym_id 
_struct_conf.end_label_seq_id 
_struct_conf.pdbx_end_PDB_ins_code 
_struct_conf.beg_auth_comp_id 
_struct_conf.beg_auth_asym_id 
_struct_conf.beg_auth_seq_id 
_struct_conf.end_auth_comp_id 
_struct_conf.end_auth_asym_id 
_struct_conf.end_auth_seq_id 
_struct_conf.pdbx_PDB_helix_class 
_struct_conf.details 
_struct_conf.pdbx_PDB_helix_length 
HELX_P HELX_P1 1 ARG A 7   ? ASP A 36  ? ARG A 8   ASP A 37  1 ? 30 
HELX_P HELX_P2 2 VAL A 39  ? PHE A 62  ? VAL A 40  PHE A 63  1 ? 24 
HELX_P HELX_P3 3 THR A 82  ? THR A 98  ? THR A 83  THR A 99  1 ? 17 
HELX_P HELX_P4 4 MET A 100 ? GLU A 110 ? MET A 101 GLU A 111 1 ? 11 
HELX_P HELX_P5 5 GLU A 114 ? LYS A 142 ? GLU A 115 LYS A 143 1 ? 29 
HELX_P HELX_P6 6 LYS A 180 ? HIS A 182 ? LYS A 181 HIS A 183 5 ? 3  
# 
_struct_conf_type.id          HELX_P 
_struct_conf_type.criteria    ? 
_struct_conf_type.reference   ? 
# 
loop_
_struct_conn.id 
_struct_conn.conn_type_id 
_struct_conn.pdbx_leaving_atom_flag 
_struct_conn.pdbx_PDB_id 
_struct_conn.ptnr1_label_asym_id 
_struct_conn.ptnr1_label_comp_id 
_struct_conn.ptnr1_label_seq_id 
_struct_conn.ptnr1_label_atom_id 
_struct_conn.pdbx_ptnr1_label_alt_id 
_struct_conn.pdbx_ptnr1_PDB_ins_code 
_struct_conn.pdbx_ptnr1_standard_comp_id 
_struct_conn.ptnr1_symmetry 
_struct_conn.ptnr2_label_asym_id 
_struct_conn.ptnr2_label_comp_id 
_struct_conn.ptnr2_label_seq_id 
_struct_conn.ptnr2_label_atom_id 
_struct_conn.pdbx_ptnr2_label_alt_id 
_struct_conn.pdbx_ptnr2_PDB_ins_code 
_struct_conn.ptnr1_auth_asym_id 
_struct_conn.ptnr1_auth_comp_id 
_struct_conn.ptnr1_auth_seq_id 
_struct_conn.ptnr2_auth_asym_id 
_struct_conn.ptnr2_auth_comp_id 
_struct_conn.ptnr2_auth_seq_id 
_struct_conn.ptnr2_symmetry 
_struct_conn.pdbx_ptnr3_label_atom_id 
_struct_conn.pdbx_ptnr3_label_seq_id 
_struct_conn.pdbx_ptnr3_label_comp_id 
_struct_conn.pdbx_ptnr3_label_asym_id 
_struct_conn.pdbx_ptnr3_label_alt_id 
_struct_conn.pdbx_ptnr3_PDB_ins_code 
_struct_conn.details 
_struct_conn.pdbx_dist_value 
_struct_conn.pdbx_value_order 
_struct_conn.pdbx_role 
metalc1  metalc ? ? A GLU 19  OE1 ? ? ? 1_555 C FE  . FE ? ? A GLU 20  A FE  601 1_555 ? ? ? ? ? ? ? 2.104 ? ? 
metalc2  metalc ? ? A GLU 19  OE2 ? ? ? 1_555 C FE  . FE ? ? A GLU 20  A FE  601 1_555 ? ? ? ? ? ? ? 2.506 ? ? 
metalc3  metalc ? ? A GLU 52  OE2 ? ? ? 1_555 B FE  . FE ? ? A GLU 53  A FE  600 1_555 ? ? ? ? ? ? ? 2.123 ? ? 
metalc4  metalc ? ? A GLU 52  OE1 ? ? ? 1_555 C FE  . FE ? ? A GLU 53  A FE  601 1_555 ? ? ? ? ? ? ? 2.151 ? ? 
metalc5  metalc ? ? A GLU 93  OE1 ? ? ? 1_555 B FE  . FE ? ? A GLU 94  A FE  600 1_555 ? ? ? ? ? ? ? 2.144 ? ? 
metalc6  metalc ? ? A GLU 93  OE2 ? ? ? 1_555 B FE  . FE ? ? A GLU 94  A FE  600 1_555 ? ? ? ? ? ? ? 2.290 ? ? 
metalc7  metalc ? ? A GLU 96  OE1 ? ? ? 1_555 C FE  . FE ? ? A GLU 97  A FE  601 1_555 ? ? ? ? ? ? ? 2.184 ? ? 
metalc8  metalc ? ? A GLU 127 OE1 ? ? ? 1_555 B FE  . FE ? ? A GLU 128 A FE  600 1_555 ? ? ? ? ? ? ? 2.051 ? ? 
metalc9  metalc ? ? A GLU 127 OE2 ? ? ? 1_555 C FE  . FE ? ? A GLU 128 A FE  601 1_555 ? ? ? ? ? ? ? 2.035 ? ? 
metalc10 metalc ? ? A HIS 130 ND1 ? ? ? 1_555 B FE  . FE ? ? A HIS 131 A FE  600 1_555 ? ? ? ? ? ? ? 2.504 ? ? 
metalc11 metalc ? ? A CYS 157 SG  ? ? ? 1_555 D FE  . FE ? ? A CYS 158 A FE  401 1_555 ? ? ? ? ? ? ? 2.184 ? ? 
metalc12 metalc ? ? A CYS 160 SG  ? ? ? 1_555 D FE  . FE ? ? A CYS 161 A FE  401 1_555 ? ? ? ? ? ? ? 2.109 ? ? 
metalc13 metalc ? ? A CYS 173 SG  ? ? ? 1_555 D FE  . FE ? ? A CYS 174 A FE  401 1_555 ? ? ? ? ? ? ? 2.349 ? ? 
metalc14 metalc ? ? A CYS 176 SG  ? ? ? 1_555 D FE  . FE ? ? A CYS 177 A FE  401 1_555 ? ? ? ? ? ? ? 2.407 ? ? 
metalc15 metalc ? ? B FE  .   FE  ? ? ? 1_555 E HOH . O  ? ? A FE  600 A HOH 680 1_555 ? ? ? ? ? ? ? 2.185 ? ? 
metalc16 metalc ? ? C FE  .   FE  ? ? ? 1_555 E HOH . O  ? ? A FE  601 A HOH 680 1_555 ? ? ? ? ? ? ? 1.914 ? ? 
# 
_struct_conn_type.id          metalc 
_struct_conn_type.criteria    ? 
_struct_conn_type.reference   ? 
# 
loop_
_pdbx_struct_conn_angle.id 
_pdbx_struct_conn_angle.ptnr1_label_atom_id 
_pdbx_struct_conn_angle.ptnr1_label_alt_id 
_pdbx_struct_conn_angle.ptnr1_label_asym_id 
_pdbx_struct_conn_angle.ptnr1_label_comp_id 
_pdbx_struct_conn_angle.ptnr1_label_seq_id 
_pdbx_struct_conn_angle.ptnr1_auth_atom_id 
_pdbx_struct_conn_angle.ptnr1_auth_asym_id 
_pdbx_struct_conn_angle.ptnr1_auth_comp_id 
_pdbx_struct_conn_angle.ptnr1_auth_seq_id 
_pdbx_struct_conn_angle.ptnr1_PDB_ins_code 
_pdbx_struct_conn_angle.ptnr1_symmetry 
_pdbx_struct_conn_angle.ptnr2_label_atom_id 
_pdbx_struct_conn_angle.ptnr2_label_alt_id 
_pdbx_struct_conn_angle.ptnr2_label_asym_id 
_pdbx_struct_conn_angle.ptnr2_label_comp_id 
_pdbx_struct_conn_angle.ptnr2_label_seq_id 
_pdbx_struct_conn_angle.ptnr2_auth_atom_id 
_pdbx_struct_conn_angle.ptnr2_auth_asym_id 
_pdbx_struct_conn_angle.ptnr2_auth_comp_id 
_pdbx_struct_conn_angle.ptnr2_auth_seq_id 
_pdbx_struct_conn_angle.ptnr2_PDB_ins_code 
_pdbx_struct_conn_angle.ptnr2_symmetry 
_pdbx_struct_conn_angle.ptnr3_label_atom_id 
_pdbx_struct_conn_angle.ptnr3_label_alt_id 
_pdbx_struct_conn_angle.ptnr3_label_asym_id 
_pdbx_struct_conn_angle.ptnr3_label_comp_id 
_pdbx_struct_conn_angle.ptnr3_label_seq_id 
_pdbx_struct_conn_angle.ptnr3_auth_atom_id 
_pdbx_struct_conn_angle.ptnr3_auth_asym_id 
_pdbx_struct_conn_angle.ptnr3_auth_comp_id 
_pdbx_struct_conn_angle.ptnr3_auth_seq_id 
_pdbx_struct_conn_angle.ptnr3_PDB_ins_code 
_pdbx_struct_conn_angle.ptnr3_symmetry 
_pdbx_struct_conn_angle.value 
_pdbx_struct_conn_angle.value_esd 
1  OE1 ? A GLU 19  ? A GLU 20  ? 1_555 FE ? C FE . ? A FE 601 ? 1_555 OE2 ? A GLU 19  ? A GLU 20  ? 1_555 55.6  ? 
2  OE1 ? A GLU 19  ? A GLU 20  ? 1_555 FE ? C FE . ? A FE 601 ? 1_555 OE1 ? A GLU 52  ? A GLU 53  ? 1_555 87.2  ? 
3  OE2 ? A GLU 19  ? A GLU 20  ? 1_555 FE ? C FE . ? A FE 601 ? 1_555 OE1 ? A GLU 52  ? A GLU 53  ? 1_555 77.6  ? 
4  OE1 ? A GLU 19  ? A GLU 20  ? 1_555 FE ? C FE . ? A FE 601 ? 1_555 OE1 ? A GLU 96  ? A GLU 97  ? 1_555 81.8  ? 
5  OE2 ? A GLU 19  ? A GLU 20  ? 1_555 FE ? C FE . ? A FE 601 ? 1_555 OE1 ? A GLU 96  ? A GLU 97  ? 1_555 93.5  ? 
6  OE1 ? A GLU 52  ? A GLU 53  ? 1_555 FE ? C FE . ? A FE 601 ? 1_555 OE1 ? A GLU 96  ? A GLU 97  ? 1_555 168.5 ? 
7  OE1 ? A GLU 19  ? A GLU 20  ? 1_555 FE ? C FE . ? A FE 601 ? 1_555 OE2 ? A GLU 127 ? A GLU 128 ? 1_555 129.0 ? 
8  OE2 ? A GLU 19  ? A GLU 20  ? 1_555 FE ? C FE . ? A FE 601 ? 1_555 OE2 ? A GLU 127 ? A GLU 128 ? 1_555 76.7  ? 
9  OE1 ? A GLU 52  ? A GLU 53  ? 1_555 FE ? C FE . ? A FE 601 ? 1_555 OE2 ? A GLU 127 ? A GLU 128 ? 1_555 100.3 ? 
10 OE1 ? A GLU 96  ? A GLU 97  ? 1_555 FE ? C FE . ? A FE 601 ? 1_555 OE2 ? A GLU 127 ? A GLU 128 ? 1_555 84.4  ? 
11 OE1 ? A GLU 19  ? A GLU 20  ? 1_555 FE ? C FE . ? A FE 601 ? 1_555 O   ? E HOH .   ? A HOH 680 ? 1_555 115.6 ? 
12 OE2 ? A GLU 19  ? A GLU 20  ? 1_555 FE ? C FE . ? A FE 601 ? 1_555 O   ? E HOH .   ? A HOH 680 ? 1_555 166.3 ? 
13 OE1 ? A GLU 52  ? A GLU 53  ? 1_555 FE ? C FE . ? A FE 601 ? 1_555 O   ? E HOH .   ? A HOH 680 ? 1_555 92.0  ? 
14 OE1 ? A GLU 96  ? A GLU 97  ? 1_555 FE ? C FE . ? A FE 601 ? 1_555 O   ? E HOH .   ? A HOH 680 ? 1_555 95.6  ? 
15 OE2 ? A GLU 127 ? A GLU 128 ? 1_555 FE ? C FE . ? A FE 601 ? 1_555 O   ? E HOH .   ? A HOH 680 ? 1_555 114.4 ? 
16 OE2 ? A GLU 52  ? A GLU 53  ? 1_555 FE ? B FE . ? A FE 600 ? 1_555 OE1 ? A GLU 93  ? A GLU 94  ? 1_555 160.5 ? 
17 OE2 ? A GLU 52  ? A GLU 53  ? 1_555 FE ? B FE . ? A FE 600 ? 1_555 OE2 ? A GLU 93  ? A GLU 94  ? 1_555 102.4 ? 
18 OE1 ? A GLU 93  ? A GLU 94  ? 1_555 FE ? B FE . ? A FE 600 ? 1_555 OE2 ? A GLU 93  ? A GLU 94  ? 1_555 59.4  ? 
19 OE2 ? A GLU 52  ? A GLU 53  ? 1_555 FE ? B FE . ? A FE 600 ? 1_555 OE1 ? A GLU 127 ? A GLU 128 ? 1_555 105.6 ? 
20 OE1 ? A GLU 93  ? A GLU 94  ? 1_555 FE ? B FE . ? A FE 600 ? 1_555 OE1 ? A GLU 127 ? A GLU 128 ? 1_555 93.8  ? 
21 OE2 ? A GLU 93  ? A GLU 94  ? 1_555 FE ? B FE . ? A FE 600 ? 1_555 OE1 ? A GLU 127 ? A GLU 128 ? 1_555 149.1 ? 
22 OE2 ? A GLU 52  ? A GLU 53  ? 1_555 FE ? B FE . ? A FE 600 ? 1_555 ND1 ? A HIS 130 ? A HIS 131 ? 1_555 82.2  ? 
23 OE1 ? A GLU 93  ? A GLU 94  ? 1_555 FE ? B FE . ? A FE 600 ? 1_555 ND1 ? A HIS 130 ? A HIS 131 ? 1_555 102.6 ? 
24 OE2 ? A GLU 93  ? A GLU 94  ? 1_555 FE ? B FE . ? A FE 600 ? 1_555 ND1 ? A HIS 130 ? A HIS 131 ? 1_555 88.1  ? 
25 OE1 ? A GLU 127 ? A GLU 128 ? 1_555 FE ? B FE . ? A FE 600 ? 1_555 ND1 ? A HIS 130 ? A HIS 131 ? 1_555 83.1  ? 
26 OE2 ? A GLU 52  ? A GLU 53  ? 1_555 FE ? B FE . ? A FE 600 ? 1_555 O   ? E HOH .   ? A HOH 680 ? 1_555 92.8  ? 
27 OE1 ? A GLU 93  ? A GLU 94  ? 1_555 FE ? B FE . ? A FE 600 ? 1_555 O   ? E HOH .   ? A HOH 680 ? 1_555 81.9  ? 
28 OE2 ? A GLU 93  ? A GLU 94  ? 1_555 FE ? B FE . ? A FE 600 ? 1_555 O   ? E HOH .   ? A HOH 680 ? 1_555 92.6  ? 
29 OE1 ? A GLU 127 ? A GLU 128 ? 1_555 FE ? B FE . ? A FE 600 ? 1_555 O   ? E HOH .   ? A HOH 680 ? 1_555 98.8  ? 
30 ND1 ? A HIS 130 ? A HIS 131 ? 1_555 FE ? B FE . ? A FE 600 ? 1_555 O   ? E HOH .   ? A HOH 680 ? 1_555 175.0 ? 
31 SG  ? A CYS 157 ? A CYS 158 ? 1_555 FE ? D FE . ? A FE 401 ? 1_555 SG  ? A CYS 160 ? A CYS 161 ? 1_555 119.3 ? 
32 SG  ? A CYS 157 ? A CYS 158 ? 1_555 FE ? D FE . ? A FE 401 ? 1_555 SG  ? A CYS 173 ? A CYS 174 ? 1_555 114.5 ? 
33 SG  ? A CYS 160 ? A CYS 161 ? 1_555 FE ? D FE . ? A FE 401 ? 1_555 SG  ? A CYS 173 ? A CYS 174 ? 1_555 101.3 ? 
34 SG  ? A CYS 157 ? A CYS 158 ? 1_555 FE ? D FE . ? A FE 401 ? 1_555 SG  ? A CYS 176 ? A CYS 177 ? 1_555 104.8 ? 
35 SG  ? A CYS 160 ? A CYS 161 ? 1_555 FE ? D FE . ? A FE 401 ? 1_555 SG  ? A CYS 176 ? A CYS 177 ? 1_555 109.8 ? 
36 SG  ? A CYS 173 ? A CYS 174 ? 1_555 FE ? D FE . ? A FE 401 ? 1_555 SG  ? A CYS 176 ? A CYS 177 ? 1_555 106.7 ? 
# 
_struct_sheet.id               A 
_struct_sheet.type             ? 
_struct_sheet.number_strands   3 
_struct_sheet.details          ? 
# 
loop_
_struct_sheet_order.sheet_id 
_struct_sheet_order.range_id_1 
_struct_sheet_order.range_id_2 
_struct_sheet_order.offset 
_struct_sheet_order.sense 
A 1 2 ? anti-parallel 
A 2 3 ? anti-parallel 
# 
loop_
_struct_sheet_range.sheet_id 
_struct_sheet_range.id 
_struct_sheet_range.beg_label_comp_id 
_struct_sheet_range.beg_label_asym_id 
_struct_sheet_range.beg_label_seq_id 
_struct_sheet_range.pdbx_beg_PDB_ins_code 
_struct_sheet_range.end_label_comp_id 
_struct_sheet_range.end_label_asym_id 
_struct_sheet_range.end_label_seq_id 
_struct_sheet_range.pdbx_end_PDB_ins_code 
_struct_sheet_range.beg_auth_comp_id 
_struct_sheet_range.beg_auth_asym_id 
_struct_sheet_range.beg_auth_seq_id 
_struct_sheet_range.end_auth_comp_id 
_struct_sheet_range.end_auth_asym_id 
_struct_sheet_range.end_auth_seq_id 
A 1 VAL A 163 ? GLY A 166 ? VAL A 164 GLY A 167 
A 2 THR A 153 ? CYS A 157 ? THR A 154 CYS A 158 
A 3 PHE A 183 ? LEU A 185 ? PHE A 184 LEU A 186 
# 
loop_
_pdbx_struct_sheet_hbond.sheet_id 
_pdbx_struct_sheet_hbond.range_id_1 
_pdbx_struct_sheet_hbond.range_id_2 
_pdbx_struct_sheet_hbond.range_1_label_atom_id 
_pdbx_struct_sheet_hbond.range_1_label_comp_id 
_pdbx_struct_sheet_hbond.range_1_label_asym_id 
_pdbx_struct_sheet_hbond.range_1_label_seq_id 
_pdbx_struct_sheet_hbond.range_1_PDB_ins_code 
_pdbx_struct_sheet_hbond.range_1_auth_atom_id 
_pdbx_struct_sheet_hbond.range_1_auth_comp_id 
_pdbx_struct_sheet_hbond.range_1_auth_asym_id 
_pdbx_struct_sheet_hbond.range_1_auth_seq_id 
_pdbx_struct_sheet_hbond.range_2_label_atom_id 
_pdbx_struct_sheet_hbond.range_2_label_comp_id 
_pdbx_struct_sheet_hbond.range_2_label_asym_id 
_pdbx_struct_sheet_hbond.range_2_label_seq_id 
_pdbx_struct_sheet_hbond.range_2_PDB_ins_code 
_pdbx_struct_sheet_hbond.range_2_auth_atom_id 
_pdbx_struct_sheet_hbond.range_2_auth_comp_id 
_pdbx_struct_sheet_hbond.range_2_auth_asym_id 
_pdbx_struct_sheet_hbond.range_2_auth_seq_id 
A 1 2 O HIS A 164 ? O HIS A 165 N TRP A 155 ? N TRP A 156 
A 2 3 O ARG A 156 ? O ARG A 157 N GLU A 184 ? N GLU A 185 
# 
loop_
_struct_site.id 
_struct_site.pdbx_evidence_code 
_struct_site.pdbx_auth_asym_id 
_struct_site.pdbx_auth_comp_id 
_struct_site.pdbx_auth_seq_id 
_struct_site.pdbx_auth_ins_code 
_struct_site.pdbx_num_residues 
_struct_site.details 
AC1 Software A FE 600 ? 6 'BINDING SITE FOR RESIDUE FE A 600' 
AC2 Software A FE 601 ? 6 'BINDING SITE FOR RESIDUE FE A 601' 
AC3 Software A FE 401 ? 4 'BINDING SITE FOR RESIDUE FE A 401' 
# 
loop_
_struct_site_gen.id 
_struct_site_gen.site_id 
_struct_site_gen.pdbx_num_res 
_struct_site_gen.label_comp_id 
_struct_site_gen.label_asym_id 
_struct_site_gen.label_seq_id 
_struct_site_gen.pdbx_auth_ins_code 
_struct_site_gen.auth_comp_id 
_struct_site_gen.auth_asym_id 
_struct_site_gen.auth_seq_id 
_struct_site_gen.label_atom_id 
_struct_site_gen.label_alt_id 
_struct_site_gen.symmetry 
_struct_site_gen.details 
1  AC1 6 GLU A 52  ? GLU A 53  . ? 1_555 ? 
2  AC1 6 GLU A 93  ? GLU A 94  . ? 1_555 ? 
3  AC1 6 GLU A 127 ? GLU A 128 . ? 1_555 ? 
4  AC1 6 HIS A 130 ? HIS A 131 . ? 1_555 ? 
5  AC1 6 FE  C .   ? FE  A 601 . ? 1_555 ? 
6  AC1 6 HOH E .   ? HOH A 680 . ? 1_555 ? 
7  AC2 6 GLU A 19  ? GLU A 20  . ? 1_555 ? 
8  AC2 6 GLU A 52  ? GLU A 53  . ? 1_555 ? 
9  AC2 6 GLU A 96  ? GLU A 97  . ? 1_555 ? 
10 AC2 6 GLU A 127 ? GLU A 128 . ? 1_555 ? 
11 AC2 6 FE  B .   ? FE  A 600 . ? 1_555 ? 
12 AC2 6 HOH E .   ? HOH A 680 . ? 1_555 ? 
13 AC3 4 CYS A 157 ? CYS A 158 . ? 1_555 ? 
14 AC3 4 CYS A 160 ? CYS A 161 . ? 1_555 ? 
15 AC3 4 CYS A 173 ? CYS A 174 . ? 1_555 ? 
16 AC3 4 CYS A 176 ? CYS A 177 . ? 1_555 ? 
# 
loop_
_pdbx_validate_torsion.id 
_pdbx_validate_torsion.PDB_model_num 
_pdbx_validate_torsion.auth_comp_id 
_pdbx_validate_torsion.auth_asym_id 
_pdbx_validate_torsion.auth_seq_id 
_pdbx_validate_torsion.PDB_ins_code 
_pdbx_validate_torsion.label_alt_id 
_pdbx_validate_torsion.phi 
_pdbx_validate_torsion.psi 
1 1 ILE A 79  ? ? 84.39   106.71  
2 1 ALA A 81  ? ? -121.20 -154.36 
3 1 TYR A 114 ? ? -115.70 72.36   
# 
loop_
_chem_comp_atom.comp_id 
_chem_comp_atom.atom_id 
_chem_comp_atom.type_symbol 
_chem_comp_atom.pdbx_aromatic_flag 
_chem_comp_atom.pdbx_stereo_config 
_chem_comp_atom.pdbx_ordinal 
ALA N    N  N N 1   
ALA CA   C  N S 2   
ALA C    C  N N 3   
ALA O    O  N N 4   
ALA CB   C  N N 5   
ALA OXT  O  N N 6   
ALA H    H  N N 7   
ALA H2   H  N N 8   
ALA HA   H  N N 9   
ALA HB1  H  N N 10  
ALA HB2  H  N N 11  
ALA HB3  H  N N 12  
ALA HXT  H  N N 13  
ARG N    N  N N 14  
ARG CA   C  N S 15  
ARG C    C  N N 16  
ARG O    O  N N 17  
ARG CB   C  N N 18  
ARG CG   C  N N 19  
ARG CD   C  N N 20  
ARG NE   N  N N 21  
ARG CZ   C  N N 22  
ARG NH1  N  N N 23  
ARG NH2  N  N N 24  
ARG OXT  O  N N 25  
ARG H    H  N N 26  
ARG H2   H  N N 27  
ARG HA   H  N N 28  
ARG HB2  H  N N 29  
ARG HB3  H  N N 30  
ARG HG2  H  N N 31  
ARG HG3  H  N N 32  
ARG HD2  H  N N 33  
ARG HD3  H  N N 34  
ARG HE   H  N N 35  
ARG HH11 H  N N 36  
ARG HH12 H  N N 37  
ARG HH21 H  N N 38  
ARG HH22 H  N N 39  
ARG HXT  H  N N 40  
ASN N    N  N N 41  
ASN CA   C  N S 42  
ASN C    C  N N 43  
ASN O    O  N N 44  
ASN CB   C  N N 45  
ASN CG   C  N N 46  
ASN OD1  O  N N 47  
ASN ND2  N  N N 48  
ASN OXT  O  N N 49  
ASN H    H  N N 50  
ASN H2   H  N N 51  
ASN HA   H  N N 52  
ASN HB2  H  N N 53  
ASN HB3  H  N N 54  
ASN HD21 H  N N 55  
ASN HD22 H  N N 56  
ASN HXT  H  N N 57  
ASP N    N  N N 58  
ASP CA   C  N S 59  
ASP C    C  N N 60  
ASP O    O  N N 61  
ASP CB   C  N N 62  
ASP CG   C  N N 63  
ASP OD1  O  N N 64  
ASP OD2  O  N N 65  
ASP OXT  O  N N 66  
ASP H    H  N N 67  
ASP H2   H  N N 68  
ASP HA   H  N N 69  
ASP HB2  H  N N 70  
ASP HB3  H  N N 71  
ASP HD2  H  N N 72  
ASP HXT  H  N N 73  
CYS N    N  N N 74  
CYS CA   C  N R 75  
CYS C    C  N N 76  
CYS O    O  N N 77  
CYS CB   C  N N 78  
CYS SG   S  N N 79  
CYS OXT  O  N N 80  
CYS H    H  N N 81  
CYS H2   H  N N 82  
CYS HA   H  N N 83  
CYS HB2  H  N N 84  
CYS HB3  H  N N 85  
CYS HG   H  N N 86  
CYS HXT  H  N N 87  
FE  FE   FE N N 88  
GLN N    N  N N 89  
GLN CA   C  N S 90  
GLN C    C  N N 91  
GLN O    O  N N 92  
GLN CB   C  N N 93  
GLN CG   C  N N 94  
GLN CD   C  N N 95  
GLN OE1  O  N N 96  
GLN NE2  N  N N 97  
GLN OXT  O  N N 98  
GLN H    H  N N 99  
GLN H2   H  N N 100 
GLN HA   H  N N 101 
GLN HB2  H  N N 102 
GLN HB3  H  N N 103 
GLN HG2  H  N N 104 
GLN HG3  H  N N 105 
GLN HE21 H  N N 106 
GLN HE22 H  N N 107 
GLN HXT  H  N N 108 
GLU N    N  N N 109 
GLU CA   C  N S 110 
GLU C    C  N N 111 
GLU O    O  N N 112 
GLU CB   C  N N 113 
GLU CG   C  N N 114 
GLU CD   C  N N 115 
GLU OE1  O  N N 116 
GLU OE2  O  N N 117 
GLU OXT  O  N N 118 
GLU H    H  N N 119 
GLU H2   H  N N 120 
GLU HA   H  N N 121 
GLU HB2  H  N N 122 
GLU HB3  H  N N 123 
GLU HG2  H  N N 124 
GLU HG3  H  N N 125 
GLU HE2  H  N N 126 
GLU HXT  H  N N 127 
GLY N    N  N N 128 
GLY CA   C  N N 129 
GLY C    C  N N 130 
GLY O    O  N N 131 
GLY OXT  O  N N 132 
GLY H    H  N N 133 
GLY H2   H  N N 134 
GLY HA2  H  N N 135 
GLY HA3  H  N N 136 
GLY HXT  H  N N 137 
HIS N    N  N N 138 
HIS CA   C  N S 139 
HIS C    C  N N 140 
HIS O    O  N N 141 
HIS CB   C  N N 142 
HIS CG   C  Y N 143 
HIS ND1  N  Y N 144 
HIS CD2  C  Y N 145 
HIS CE1  C  Y N 146 
HIS NE2  N  Y N 147 
HIS OXT  O  N N 148 
HIS H    H  N N 149 
HIS H2   H  N N 150 
HIS HA   H  N N 151 
HIS HB2  H  N N 152 
HIS HB3  H  N N 153 
HIS HD1  H  N N 154 
HIS HD2  H  N N 155 
HIS HE1  H  N N 156 
HIS HE2  H  N N 157 
HIS HXT  H  N N 158 
HOH O    O  N N 159 
HOH H1   H  N N 160 
HOH H2   H  N N 161 
ILE N    N  N N 162 
ILE CA   C  N S 163 
ILE C    C  N N 164 
ILE O    O  N N 165 
ILE CB   C  N S 166 
ILE CG1  C  N N 167 
ILE CG2  C  N N 168 
ILE CD1  C  N N 169 
ILE OXT  O  N N 170 
ILE H    H  N N 171 
ILE H2   H  N N 172 
ILE HA   H  N N 173 
ILE HB   H  N N 174 
ILE HG12 H  N N 175 
ILE HG13 H  N N 176 
ILE HG21 H  N N 177 
ILE HG22 H  N N 178 
ILE HG23 H  N N 179 
ILE HD11 H  N N 180 
ILE HD12 H  N N 181 
ILE HD13 H  N N 182 
ILE HXT  H  N N 183 
LEU N    N  N N 184 
LEU CA   C  N S 185 
LEU C    C  N N 186 
LEU O    O  N N 187 
LEU CB   C  N N 188 
LEU CG   C  N N 189 
LEU CD1  C  N N 190 
LEU CD2  C  N N 191 
LEU OXT  O  N N 192 
LEU H    H  N N 193 
LEU H2   H  N N 194 
LEU HA   H  N N 195 
LEU HB2  H  N N 196 
LEU HB3  H  N N 197 
LEU HG   H  N N 198 
LEU HD11 H  N N 199 
LEU HD12 H  N N 200 
LEU HD13 H  N N 201 
LEU HD21 H  N N 202 
LEU HD22 H  N N 203 
LEU HD23 H  N N 204 
LEU HXT  H  N N 205 
LYS N    N  N N 206 
LYS CA   C  N S 207 
LYS C    C  N N 208 
LYS O    O  N N 209 
LYS CB   C  N N 210 
LYS CG   C  N N 211 
LYS CD   C  N N 212 
LYS CE   C  N N 213 
LYS NZ   N  N N 214 
LYS OXT  O  N N 215 
LYS H    H  N N 216 
LYS H2   H  N N 217 
LYS HA   H  N N 218 
LYS HB2  H  N N 219 
LYS HB3  H  N N 220 
LYS HG2  H  N N 221 
LYS HG3  H  N N 222 
LYS HD2  H  N N 223 
LYS HD3  H  N N 224 
LYS HE2  H  N N 225 
LYS HE3  H  N N 226 
LYS HZ1  H  N N 227 
LYS HZ2  H  N N 228 
LYS HZ3  H  N N 229 
LYS HXT  H  N N 230 
MET N    N  N N 231 
MET CA   C  N S 232 
MET C    C  N N 233 
MET O    O  N N 234 
MET CB   C  N N 235 
MET CG   C  N N 236 
MET SD   S  N N 237 
MET CE   C  N N 238 
MET OXT  O  N N 239 
MET H    H  N N 240 
MET H2   H  N N 241 
MET HA   H  N N 242 
MET HB2  H  N N 243 
MET HB3  H  N N 244 
MET HG2  H  N N 245 
MET HG3  H  N N 246 
MET HE1  H  N N 247 
MET HE2  H  N N 248 
MET HE3  H  N N 249 
MET HXT  H  N N 250 
PHE N    N  N N 251 
PHE CA   C  N S 252 
PHE C    C  N N 253 
PHE O    O  N N 254 
PHE CB   C  N N 255 
PHE CG   C  Y N 256 
PHE CD1  C  Y N 257 
PHE CD2  C  Y N 258 
PHE CE1  C  Y N 259 
PHE CE2  C  Y N 260 
PHE CZ   C  Y N 261 
PHE OXT  O  N N 262 
PHE H    H  N N 263 
PHE H2   H  N N 264 
PHE HA   H  N N 265 
PHE HB2  H  N N 266 
PHE HB3  H  N N 267 
PHE HD1  H  N N 268 
PHE HD2  H  N N 269 
PHE HE1  H  N N 270 
PHE HE2  H  N N 271 
PHE HZ   H  N N 272 
PHE HXT  H  N N 273 
PRO N    N  N N 274 
PRO CA   C  N S 275 
PRO C    C  N N 276 
PRO O    O  N N 277 
PRO CB   C  N N 278 
PRO CG   C  N N 279 
PRO CD   C  N N 280 
PRO OXT  O  N N 281 
PRO H    H  N N 282 
PRO HA   H  N N 283 
PRO HB2  H  N N 284 
PRO HB3  H  N N 285 
PRO HG2  H  N N 286 
PRO HG3  H  N N 287 
PRO HD2  H  N N 288 
PRO HD3  H  N N 289 
PRO HXT  H  N N 290 
SER N    N  N N 291 
SER CA   C  N S 292 
SER C    C  N N 293 
SER O    O  N N 294 
SER CB   C  N N 295 
SER OG   O  N N 296 
SER OXT  O  N N 297 
SER H    H  N N 298 
SER H2   H  N N 299 
SER HA   H  N N 300 
SER HB2  H  N N 301 
SER HB3  H  N N 302 
SER HG   H  N N 303 
SER HXT  H  N N 304 
THR N    N  N N 305 
THR CA   C  N S 306 
THR C    C  N N 307 
THR O    O  N N 308 
THR CB   C  N R 309 
THR OG1  O  N N 310 
THR CG2  C  N N 311 
THR OXT  O  N N 312 
THR H    H  N N 313 
THR H2   H  N N 314 
THR HA   H  N N 315 
THR HB   H  N N 316 
THR HG1  H  N N 317 
THR HG21 H  N N 318 
THR HG22 H  N N 319 
THR HG23 H  N N 320 
THR HXT  H  N N 321 
TRP N    N  N N 322 
TRP CA   C  N S 323 
TRP C    C  N N 324 
TRP O    O  N N 325 
TRP CB   C  N N 326 
TRP CG   C  Y N 327 
TRP CD1  C  Y N 328 
TRP CD2  C  Y N 329 
TRP NE1  N  Y N 330 
TRP CE2  C  Y N 331 
TRP CE3  C  Y N 332 
TRP CZ2  C  Y N 333 
TRP CZ3  C  Y N 334 
TRP CH2  C  Y N 335 
TRP OXT  O  N N 336 
TRP H    H  N N 337 
TRP H2   H  N N 338 
TRP HA   H  N N 339 
TRP HB2  H  N N 340 
TRP HB3  H  N N 341 
TRP HD1  H  N N 342 
TRP HE1  H  N N 343 
TRP HE3  H  N N 344 
TRP HZ2  H  N N 345 
TRP HZ3  H  N N 346 
TRP HH2  H  N N 347 
TRP HXT  H  N N 348 
TYR N    N  N N 349 
TYR CA   C  N S 350 
TYR C    C  N N 351 
TYR O    O  N N 352 
TYR CB   C  N N 353 
TYR CG   C  Y N 354 
TYR CD1  C  Y N 355 
TYR CD2  C  Y N 356 
TYR CE1  C  Y N 357 
TYR CE2  C  Y N 358 
TYR CZ   C  Y N 359 
TYR OH   O  N N 360 
TYR OXT  O  N N 361 
TYR H    H  N N 362 
TYR H2   H  N N 363 
TYR HA   H  N N 364 
TYR HB2  H  N N 365 
TYR HB3  H  N N 366 
TYR HD1  H  N N 367 
TYR HD2  H  N N 368 
TYR HE1  H  N N 369 
TYR HE2  H  N N 370 
TYR HH   H  N N 371 
TYR HXT  H  N N 372 
VAL N    N  N N 373 
VAL CA   C  N S 374 
VAL C    C  N N 375 
VAL O    O  N N 376 
VAL CB   C  N N 377 
VAL CG1  C  N N 378 
VAL CG2  C  N N 379 
VAL OXT  O  N N 380 
VAL H    H  N N 381 
VAL H2   H  N N 382 
VAL HA   H  N N 383 
VAL HB   H  N N 384 
VAL HG11 H  N N 385 
VAL HG12 H  N N 386 
VAL HG13 H  N N 387 
VAL HG21 H  N N 388 
VAL HG22 H  N N 389 
VAL HG23 H  N N 390 
VAL HXT  H  N N 391 
# 
loop_
_chem_comp_bond.comp_id 
_chem_comp_bond.atom_id_1 
_chem_comp_bond.atom_id_2 
_chem_comp_bond.value_order 
_chem_comp_bond.pdbx_aromatic_flag 
_chem_comp_bond.pdbx_stereo_config 
_chem_comp_bond.pdbx_ordinal 
ALA N   CA   sing N N 1   
ALA N   H    sing N N 2   
ALA N   H2   sing N N 3   
ALA CA  C    sing N N 4   
ALA CA  CB   sing N N 5   
ALA CA  HA   sing N N 6   
ALA C   O    doub N N 7   
ALA C   OXT  sing N N 8   
ALA CB  HB1  sing N N 9   
ALA CB  HB2  sing N N 10  
ALA CB  HB3  sing N N 11  
ALA OXT HXT  sing N N 12  
ARG N   CA   sing N N 13  
ARG N   H    sing N N 14  
ARG N   H2   sing N N 15  
ARG CA  C    sing N N 16  
ARG CA  CB   sing N N 17  
ARG CA  HA   sing N N 18  
ARG C   O    doub N N 19  
ARG C   OXT  sing N N 20  
ARG CB  CG   sing N N 21  
ARG CB  HB2  sing N N 22  
ARG CB  HB3  sing N N 23  
ARG CG  CD   sing N N 24  
ARG CG  HG2  sing N N 25  
ARG CG  HG3  sing N N 26  
ARG CD  NE   sing N N 27  
ARG CD  HD2  sing N N 28  
ARG CD  HD3  sing N N 29  
ARG NE  CZ   sing N N 30  
ARG NE  HE   sing N N 31  
ARG CZ  NH1  sing N N 32  
ARG CZ  NH2  doub N N 33  
ARG NH1 HH11 sing N N 34  
ARG NH1 HH12 sing N N 35  
ARG NH2 HH21 sing N N 36  
ARG NH2 HH22 sing N N 37  
ARG OXT HXT  sing N N 38  
ASN N   CA   sing N N 39  
ASN N   H    sing N N 40  
ASN N   H2   sing N N 41  
ASN CA  C    sing N N 42  
ASN CA  CB   sing N N 43  
ASN CA  HA   sing N N 44  
ASN C   O    doub N N 45  
ASN C   OXT  sing N N 46  
ASN CB  CG   sing N N 47  
ASN CB  HB2  sing N N 48  
ASN CB  HB3  sing N N 49  
ASN CG  OD1  doub N N 50  
ASN CG  ND2  sing N N 51  
ASN ND2 HD21 sing N N 52  
ASN ND2 HD22 sing N N 53  
ASN OXT HXT  sing N N 54  
ASP N   CA   sing N N 55  
ASP N   H    sing N N 56  
ASP N   H2   sing N N 57  
ASP CA  C    sing N N 58  
ASP CA  CB   sing N N 59  
ASP CA  HA   sing N N 60  
ASP C   O    doub N N 61  
ASP C   OXT  sing N N 62  
ASP CB  CG   sing N N 63  
ASP CB  HB2  sing N N 64  
ASP CB  HB3  sing N N 65  
ASP CG  OD1  doub N N 66  
ASP CG  OD2  sing N N 67  
ASP OD2 HD2  sing N N 68  
ASP OXT HXT  sing N N 69  
CYS N   CA   sing N N 70  
CYS N   H    sing N N 71  
CYS N   H2   sing N N 72  
CYS CA  C    sing N N 73  
CYS CA  CB   sing N N 74  
CYS CA  HA   sing N N 75  
CYS C   O    doub N N 76  
CYS C   OXT  sing N N 77  
CYS CB  SG   sing N N 78  
CYS CB  HB2  sing N N 79  
CYS CB  HB3  sing N N 80  
CYS SG  HG   sing N N 81  
CYS OXT HXT  sing N N 82  
GLN N   CA   sing N N 83  
GLN N   H    sing N N 84  
GLN N   H2   sing N N 85  
GLN CA  C    sing N N 86  
GLN CA  CB   sing N N 87  
GLN CA  HA   sing N N 88  
GLN C   O    doub N N 89  
GLN C   OXT  sing N N 90  
GLN CB  CG   sing N N 91  
GLN CB  HB2  sing N N 92  
GLN CB  HB3  sing N N 93  
GLN CG  CD   sing N N 94  
GLN CG  HG2  sing N N 95  
GLN CG  HG3  sing N N 96  
GLN CD  OE1  doub N N 97  
GLN CD  NE2  sing N N 98  
GLN NE2 HE21 sing N N 99  
GLN NE2 HE22 sing N N 100 
GLN OXT HXT  sing N N 101 
GLU N   CA   sing N N 102 
GLU N   H    sing N N 103 
GLU N   H2   sing N N 104 
GLU CA  C    sing N N 105 
GLU CA  CB   sing N N 106 
GLU CA  HA   sing N N 107 
GLU C   O    doub N N 108 
GLU C   OXT  sing N N 109 
GLU CB  CG   sing N N 110 
GLU CB  HB2  sing N N 111 
GLU CB  HB3  sing N N 112 
GLU CG  CD   sing N N 113 
GLU CG  HG2  sing N N 114 
GLU CG  HG3  sing N N 115 
GLU CD  OE1  doub N N 116 
GLU CD  OE2  sing N N 117 
GLU OE2 HE2  sing N N 118 
GLU OXT HXT  sing N N 119 
GLY N   CA   sing N N 120 
GLY N   H    sing N N 121 
GLY N   H2   sing N N 122 
GLY CA  C    sing N N 123 
GLY CA  HA2  sing N N 124 
GLY CA  HA3  sing N N 125 
GLY C   O    doub N N 126 
GLY C   OXT  sing N N 127 
GLY OXT HXT  sing N N 128 
HIS N   CA   sing N N 129 
HIS N   H    sing N N 130 
HIS N   H2   sing N N 131 
HIS CA  C    sing N N 132 
HIS CA  CB   sing N N 133 
HIS CA  HA   sing N N 134 
HIS C   O    doub N N 135 
HIS C   OXT  sing N N 136 
HIS CB  CG   sing N N 137 
HIS CB  HB2  sing N N 138 
HIS CB  HB3  sing N N 139 
HIS CG  ND1  sing Y N 140 
HIS CG  CD2  doub Y N 141 
HIS ND1 CE1  doub Y N 142 
HIS ND1 HD1  sing N N 143 
HIS CD2 NE2  sing Y N 144 
HIS CD2 HD2  sing N N 145 
HIS CE1 NE2  sing Y N 146 
HIS CE1 HE1  sing N N 147 
HIS NE2 HE2  sing N N 148 
HIS OXT HXT  sing N N 149 
HOH O   H1   sing N N 150 
HOH O   H2   sing N N 151 
ILE N   CA   sing N N 152 
ILE N   H    sing N N 153 
ILE N   H2   sing N N 154 
ILE CA  C    sing N N 155 
ILE CA  CB   sing N N 156 
ILE CA  HA   sing N N 157 
ILE C   O    doub N N 158 
ILE C   OXT  sing N N 159 
ILE CB  CG1  sing N N 160 
ILE CB  CG2  sing N N 161 
ILE CB  HB   sing N N 162 
ILE CG1 CD1  sing N N 163 
ILE CG1 HG12 sing N N 164 
ILE CG1 HG13 sing N N 165 
ILE CG2 HG21 sing N N 166 
ILE CG2 HG22 sing N N 167 
ILE CG2 HG23 sing N N 168 
ILE CD1 HD11 sing N N 169 
ILE CD1 HD12 sing N N 170 
ILE CD1 HD13 sing N N 171 
ILE OXT HXT  sing N N 172 
LEU N   CA   sing N N 173 
LEU N   H    sing N N 174 
LEU N   H2   sing N N 175 
LEU CA  C    sing N N 176 
LEU CA  CB   sing N N 177 
LEU CA  HA   sing N N 178 
LEU C   O    doub N N 179 
LEU C   OXT  sing N N 180 
LEU CB  CG   sing N N 181 
LEU CB  HB2  sing N N 182 
LEU CB  HB3  sing N N 183 
LEU CG  CD1  sing N N 184 
LEU CG  CD2  sing N N 185 
LEU CG  HG   sing N N 186 
LEU CD1 HD11 sing N N 187 
LEU CD1 HD12 sing N N 188 
LEU CD1 HD13 sing N N 189 
LEU CD2 HD21 sing N N 190 
LEU CD2 HD22 sing N N 191 
LEU CD2 HD23 sing N N 192 
LEU OXT HXT  sing N N 193 
LYS N   CA   sing N N 194 
LYS N   H    sing N N 195 
LYS N   H2   sing N N 196 
LYS CA  C    sing N N 197 
LYS CA  CB   sing N N 198 
LYS CA  HA   sing N N 199 
LYS C   O    doub N N 200 
LYS C   OXT  sing N N 201 
LYS CB  CG   sing N N 202 
LYS CB  HB2  sing N N 203 
LYS CB  HB3  sing N N 204 
LYS CG  CD   sing N N 205 
LYS CG  HG2  sing N N 206 
LYS CG  HG3  sing N N 207 
LYS CD  CE   sing N N 208 
LYS CD  HD2  sing N N 209 
LYS CD  HD3  sing N N 210 
LYS CE  NZ   sing N N 211 
LYS CE  HE2  sing N N 212 
LYS CE  HE3  sing N N 213 
LYS NZ  HZ1  sing N N 214 
LYS NZ  HZ2  sing N N 215 
LYS NZ  HZ3  sing N N 216 
LYS OXT HXT  sing N N 217 
MET N   CA   sing N N 218 
MET N   H    sing N N 219 
MET N   H2   sing N N 220 
MET CA  C    sing N N 221 
MET CA  CB   sing N N 222 
MET CA  HA   sing N N 223 
MET C   O    doub N N 224 
MET C   OXT  sing N N 225 
MET CB  CG   sing N N 226 
MET CB  HB2  sing N N 227 
MET CB  HB3  sing N N 228 
MET CG  SD   sing N N 229 
MET CG  HG2  sing N N 230 
MET CG  HG3  sing N N 231 
MET SD  CE   sing N N 232 
MET CE  HE1  sing N N 233 
MET CE  HE2  sing N N 234 
MET CE  HE3  sing N N 235 
MET OXT HXT  sing N N 236 
PHE N   CA   sing N N 237 
PHE N   H    sing N N 238 
PHE N   H2   sing N N 239 
PHE CA  C    sing N N 240 
PHE CA  CB   sing N N 241 
PHE CA  HA   sing N N 242 
PHE C   O    doub N N 243 
PHE C   OXT  sing N N 244 
PHE CB  CG   sing N N 245 
PHE CB  HB2  sing N N 246 
PHE CB  HB3  sing N N 247 
PHE CG  CD1  doub Y N 248 
PHE CG  CD2  sing Y N 249 
PHE CD1 CE1  sing Y N 250 
PHE CD1 HD1  sing N N 251 
PHE CD2 CE2  doub Y N 252 
PHE CD2 HD2  sing N N 253 
PHE CE1 CZ   doub Y N 254 
PHE CE1 HE1  sing N N 255 
PHE CE2 CZ   sing Y N 256 
PHE CE2 HE2  sing N N 257 
PHE CZ  HZ   sing N N 258 
PHE OXT HXT  sing N N 259 
PRO N   CA   sing N N 260 
PRO N   CD   sing N N 261 
PRO N   H    sing N N 262 
PRO CA  C    sing N N 263 
PRO CA  CB   sing N N 264 
PRO CA  HA   sing N N 265 
PRO C   O    doub N N 266 
PRO C   OXT  sing N N 267 
PRO CB  CG   sing N N 268 
PRO CB  HB2  sing N N 269 
PRO CB  HB3  sing N N 270 
PRO CG  CD   sing N N 271 
PRO CG  HG2  sing N N 272 
PRO CG  HG3  sing N N 273 
PRO CD  HD2  sing N N 274 
PRO CD  HD3  sing N N 275 
PRO OXT HXT  sing N N 276 
SER N   CA   sing N N 277 
SER N   H    sing N N 278 
SER N   H2   sing N N 279 
SER CA  C    sing N N 280 
SER CA  CB   sing N N 281 
SER CA  HA   sing N N 282 
SER C   O    doub N N 283 
SER C   OXT  sing N N 284 
SER CB  OG   sing N N 285 
SER CB  HB2  sing N N 286 
SER CB  HB3  sing N N 287 
SER OG  HG   sing N N 288 
SER OXT HXT  sing N N 289 
THR N   CA   sing N N 290 
THR N   H    sing N N 291 
THR N   H2   sing N N 292 
THR CA  C    sing N N 293 
THR CA  CB   sing N N 294 
THR CA  HA   sing N N 295 
THR C   O    doub N N 296 
THR C   OXT  sing N N 297 
THR CB  OG1  sing N N 298 
THR CB  CG2  sing N N 299 
THR CB  HB   sing N N 300 
THR OG1 HG1  sing N N 301 
THR CG2 HG21 sing N N 302 
THR CG2 HG22 sing N N 303 
THR CG2 HG23 sing N N 304 
THR OXT HXT  sing N N 305 
TRP N   CA   sing N N 306 
TRP N   H    sing N N 307 
TRP N   H2   sing N N 308 
TRP CA  C    sing N N 309 
TRP CA  CB   sing N N 310 
TRP CA  HA   sing N N 311 
TRP C   O    doub N N 312 
TRP C   OXT  sing N N 313 
TRP CB  CG   sing N N 314 
TRP CB  HB2  sing N N 315 
TRP CB  HB3  sing N N 316 
TRP CG  CD1  doub Y N 317 
TRP CG  CD2  sing Y N 318 
TRP CD1 NE1  sing Y N 319 
TRP CD1 HD1  sing N N 320 
TRP CD2 CE2  doub Y N 321 
TRP CD2 CE3  sing Y N 322 
TRP NE1 CE2  sing Y N 323 
TRP NE1 HE1  sing N N 324 
TRP CE2 CZ2  sing Y N 325 
TRP CE3 CZ3  doub Y N 326 
TRP CE3 HE3  sing N N 327 
TRP CZ2 CH2  doub Y N 328 
TRP CZ2 HZ2  sing N N 329 
TRP CZ3 CH2  sing Y N 330 
TRP CZ3 HZ3  sing N N 331 
TRP CH2 HH2  sing N N 332 
TRP OXT HXT  sing N N 333 
TYR N   CA   sing N N 334 
TYR N   H    sing N N 335 
TYR N   H2   sing N N 336 
TYR CA  C    sing N N 337 
TYR CA  CB   sing N N 338 
TYR CA  HA   sing N N 339 
TYR C   O    doub N N 340 
TYR C   OXT  sing N N 341 
TYR CB  CG   sing N N 342 
TYR CB  HB2  sing N N 343 
TYR CB  HB3  sing N N 344 
TYR CG  CD1  doub Y N 345 
TYR CG  CD2  sing Y N 346 
TYR CD1 CE1  sing Y N 347 
TYR CD1 HD1  sing N N 348 
TYR CD2 CE2  doub Y N 349 
TYR CD2 HD2  sing N N 350 
TYR CE1 CZ   doub Y N 351 
TYR CE1 HE1  sing N N 352 
TYR CE2 CZ   sing Y N 353 
TYR CE2 HE2  sing N N 354 
TYR CZ  OH   sing N N 355 
TYR OH  HH   sing N N 356 
TYR OXT HXT  sing N N 357 
VAL N   CA   sing N N 358 
VAL N   H    sing N N 359 
VAL N   H2   sing N N 360 
VAL CA  C    sing N N 361 
VAL CA  CB   sing N N 362 
VAL CA  HA   sing N N 363 
VAL C   O    doub N N 364 
VAL C   OXT  sing N N 365 
VAL CB  CG1  sing N N 366 
VAL CB  CG2  sing N N 367 
VAL CB  HB   sing N N 368 
VAL CG1 HG11 sing N N 369 
VAL CG1 HG12 sing N N 370 
VAL CG1 HG13 sing N N 371 
VAL CG2 HG21 sing N N 372 
VAL CG2 HG22 sing N N 373 
VAL CG2 HG23 sing N N 374 
VAL OXT HXT  sing N N 375 
# 
_atom_sites.entry_id                    1RYT 
_atom_sites.fract_transf_matrix[1][1]   0.00771502 
_atom_sites.fract_transf_matrix[1][2]   0.01453393 
_atom_sites.fract_transf_matrix[1][3]   0.01108642 
_atom_sites.fract_transf_matrix[2][1]   0.00739937 
_atom_sites.fract_transf_matrix[2][2]   0.00308265 
_atom_sites.fract_transf_matrix[2][3]   -0.00919046 
_atom_sites.fract_transf_matrix[3][1]   -0.00688437 
_atom_sites.fract_transf_matrix[3][2]   0.00627649 
_atom_sites.fract_transf_matrix[3][3]   -0.00343745 
_atom_sites.fract_transf_vector[1]      0.040110 
_atom_sites.fract_transf_vector[2]      0.164221 
_atom_sites.fract_transf_vector[3]      0.125098 
# 
loop_
_atom_type.symbol 
C  
FE 
N  
O  
S  
# 
loop_
_atom_site.group_PDB 
_atom_site.id 
_atom_site.type_symbol 
_atom_site.label_atom_id 
_atom_site.label_alt_id 
_atom_site.label_comp_id 
_atom_site.label_asym_id 
_atom_site.label_entity_id 
_atom_site.label_seq_id 
_atom_site.pdbx_PDB_ins_code 
_atom_site.Cartn_x 
_atom_site.Cartn_y 
_atom_site.Cartn_z 
_atom_site.occupancy 
_atom_site.B_iso_or_equiv 
_atom_site.pdbx_formal_charge 
_atom_site.auth_seq_id 
_atom_site.auth_comp_id 
_atom_site.auth_asym_id 
_atom_site.auth_atom_id 
_atom_site.pdbx_PDB_model_num 
ATOM   1    N  N   . LYS A 1 1   ? 3.224   -19.551 -24.645 1.00 61.80 ? 2   LYS A N   1 
ATOM   2    C  CA  . LYS A 1 1   ? 4.498   -20.294 -24.891 1.00 60.59 ? 2   LYS A CA  1 
ATOM   3    C  C   . LYS A 1 1   ? 5.507   -20.248 -23.732 1.00 58.91 ? 2   LYS A C   1 
ATOM   4    O  O   . LYS A 1 1   ? 5.169   -19.854 -22.615 1.00 59.22 ? 2   LYS A O   1 
ATOM   5    C  CB  . LYS A 1 1   ? 5.156   -19.786 -26.188 1.00 62.24 ? 2   LYS A CB  1 
ATOM   6    C  CG  . LYS A 1 1   ? 5.219   -18.262 -26.312 1.00 64.61 ? 2   LYS A CG  1 
ATOM   7    C  CD  . LYS A 1 1   ? 6.421   -17.802 -27.131 1.00 65.73 ? 2   LYS A CD  1 
ATOM   8    C  CE  . LYS A 1 1   ? 6.467   -16.272 -27.242 1.00 66.08 ? 2   LYS A CE  1 
ATOM   9    N  NZ  . LYS A 1 1   ? 7.793   -15.723 -27.701 1.00 64.25 ? 2   LYS A NZ  1 
ATOM   10   N  N   . SER A 1 2   ? 6.729   -20.712 -23.990 1.00 55.00 ? 3   SER A N   1 
ATOM   11   C  CA  . SER A 1 2   ? 7.781   -20.711 -22.985 1.00 50.62 ? 3   SER A CA  1 
ATOM   12   C  C   . SER A 1 2   ? 8.109   -19.271 -22.649 1.00 47.65 ? 3   SER A C   1 
ATOM   13   O  O   . SER A 1 2   ? 8.126   -18.424 -23.529 1.00 45.67 ? 3   SER A O   1 
ATOM   14   C  CB  . SER A 1 2   ? 9.041   -21.389 -23.526 1.00 51.32 ? 3   SER A CB  1 
ATOM   15   O  OG  . SER A 1 2   ? 10.102  -21.378 -22.573 1.00 51.45 ? 3   SER A OG  1 
ATOM   16   N  N   . LEU A 1 3   ? 8.405   -19.013 -21.384 1.00 45.42 ? 4   LEU A N   1 
ATOM   17   C  CA  . LEU A 1 3   ? 8.725   -17.671 -20.939 1.00 46.23 ? 4   LEU A CA  1 
ATOM   18   C  C   . LEU A 1 3   ? 10.213  -17.349 -21.047 1.00 47.48 ? 4   LEU A C   1 
ATOM   19   O  O   . LEU A 1 3   ? 10.599  -16.190 -21.188 1.00 47.18 ? 4   LEU A O   1 
ATOM   20   C  CB  . LEU A 1 3   ? 8.246   -17.512 -19.492 1.00 47.01 ? 4   LEU A CB  1 
ATOM   21   C  CG  . LEU A 1 3   ? 8.108   -16.128 -18.861 1.00 47.48 ? 4   LEU A CG  1 
ATOM   22   C  CD1 . LEU A 1 3   ? 7.095   -15.303 -19.637 1.00 44.24 ? 4   LEU A CD1 1 
ATOM   23   C  CD2 . LEU A 1 3   ? 7.680   -16.278 -17.418 1.00 47.28 ? 4   LEU A CD2 1 
ATOM   24   N  N   . LYS A 1 4   ? 11.047  -18.381 -20.984 1.00 50.81 ? 5   LYS A N   1 
ATOM   25   C  CA  . LYS A 1 4   ? 12.504  -18.215 -21.039 1.00 51.73 ? 5   LYS A CA  1 
ATOM   26   C  C   . LYS A 1 4   ? 13.009  -17.465 -22.254 1.00 50.28 ? 5   LYS A C   1 
ATOM   27   O  O   . LYS A 1 4   ? 12.704  -17.831 -23.391 1.00 49.67 ? 5   LYS A O   1 
ATOM   28   C  CB  . LYS A 1 4   ? 13.200  -19.584 -20.937 1.00 53.57 ? 5   LYS A CB  1 
ATOM   29   C  CG  . LYS A 1 4   ? 13.080  -20.236 -19.560 1.00 54.44 ? 5   LYS A CG  1 
ATOM   30   C  CD  . LYS A 1 4   ? 13.411  -21.741 -19.566 1.00 58.78 ? 5   LYS A CD  1 
ATOM   31   C  CE  . LYS A 1 4   ? 12.394  -22.574 -20.379 1.00 60.64 ? 5   LYS A CE  1 
ATOM   32   N  NZ  . LYS A 1 4   ? 12.431  -24.038 -20.045 1.00 60.10 ? 5   LYS A NZ  1 
ATOM   33   N  N   . GLY A 1 5   ? 13.807  -16.430 -21.989 1.00 48.13 ? 6   GLY A N   1 
ATOM   34   C  CA  . GLY A 1 5   ? 14.387  -15.621 -23.051 1.00 46.54 ? 6   GLY A CA  1 
ATOM   35   C  C   . GLY A 1 5   ? 13.397  -14.698 -23.724 1.00 44.71 ? 6   GLY A C   1 
ATOM   36   O  O   . GLY A 1 5   ? 13.183  -14.783 -24.939 1.00 48.75 ? 6   GLY A O   1 
ATOM   37   N  N   . SER A 1 6   ? 12.788  -13.818 -22.931 1.00 40.33 ? 7   SER A N   1 
ATOM   38   C  CA  . SER A 1 6   ? 11.813  -12.855 -23.434 1.00 34.54 ? 7   SER A CA  1 
ATOM   39   C  C   . SER A 1 6   ? 11.944  -11.643 -22.546 1.00 33.27 ? 7   SER A C   1 
ATOM   40   O  O   . SER A 1 6   ? 12.377  -11.774 -21.402 1.00 35.47 ? 7   SER A O   1 
ATOM   41   C  CB  . SER A 1 6   ? 10.390  -13.417 -23.332 1.00 30.81 ? 7   SER A CB  1 
ATOM   42   O  OG  . SER A 1 6   ? 9.954   -13.511 -21.986 1.00 30.26 ? 7   SER A OG  1 
ATOM   43   N  N   . ARG A 1 7   ? 11.548  -10.476 -23.048 1.00 34.73 ? 8   ARG A N   1 
ATOM   44   C  CA  . ARG A 1 7   ? 11.611  -9.254  -22.249 1.00 35.49 ? 8   ARG A CA  1 
ATOM   45   C  C   . ARG A 1 7   ? 10.649  -9.369  -21.059 1.00 31.50 ? 8   ARG A C   1 
ATOM   46   O  O   . ARG A 1 7   ? 10.913  -8.862  -19.971 1.00 32.86 ? 8   ARG A O   1 
ATOM   47   C  CB  . ARG A 1 7   ? 11.239  -8.026  -23.084 1.00 40.55 ? 8   ARG A CB  1 
ATOM   48   C  CG  . ARG A 1 7   ? 12.036  -7.841  -24.366 1.00 47.50 ? 8   ARG A CG  1 
ATOM   49   C  CD  . ARG A 1 7   ? 12.976  -6.621  -24.327 1.00 51.14 ? 8   ARG A CD  1 
ATOM   50   N  NE  . ARG A 1 7   ? 12.308  -5.315  -24.235 1.00 52.90 ? 8   ARG A NE  1 
ATOM   51   C  CZ  . ARG A 1 7   ? 11.502  -4.789  -25.164 1.00 53.43 ? 8   ARG A CZ  1 
ATOM   52   N  NH1 . ARG A 1 7   ? 11.198  -5.471  -26.275 1.00 52.25 ? 8   ARG A NH1 1 
ATOM   53   N  NH2 . ARG A 1 7   ? 10.967  -3.580  -24.967 1.00 51.83 ? 8   ARG A NH2 1 
ATOM   54   N  N   . THR A 1 8   ? 9.535   -10.057 -21.287 1.00 28.53 ? 9   THR A N   1 
ATOM   55   C  CA  . THR A 1 8   ? 8.510   -10.271 -20.273 1.00 26.54 ? 9   THR A CA  1 
ATOM   56   C  C   . THR A 1 8   ? 9.076   -11.010 -19.049 1.00 29.44 ? 9   THR A C   1 
ATOM   57   O  O   . THR A 1 8   ? 8.830   -10.620 -17.898 1.00 27.61 ? 9   THR A O   1 
ATOM   58   C  CB  . THR A 1 8   ? 7.309   -11.004 -20.903 1.00 24.94 ? 9   THR A CB  1 
ATOM   59   O  OG1 . THR A 1 8   ? 6.730   -10.158 -21.904 1.00 25.60 ? 9   THR A OG1 1 
ATOM   60   C  CG2 . THR A 1 8   ? 6.246   -11.352 -19.868 1.00 23.82 ? 9   THR A CG2 1 
ATOM   61   N  N   . GLU A 1 9   ? 9.924   -12.003 -19.311 1.00 29.75 ? 10  GLU A N   1 
ATOM   62   C  CA  . GLU A 1 9   ? 10.527  -12.785 -18.248 1.00 29.96 ? 10  GLU A CA  1 
ATOM   63   C  C   . GLU A 1 9   ? 11.343  -11.851 -17.365 1.00 29.12 ? 10  GLU A C   1 
ATOM   64   O  O   . GLU A 1 9   ? 11.231  -11.880 -16.137 1.00 32.28 ? 10  GLU A O   1 
ATOM   65   C  CB  . GLU A 1 9   ? 11.428  -13.873 -18.818 1.00 32.42 ? 10  GLU A CB  1 
ATOM   66   C  CG  . GLU A 1 9   ? 12.077  -14.687 -17.727 1.00 35.61 ? 10  GLU A CG  1 
ATOM   67   C  CD  . GLU A 1 9   ? 13.078  -15.703 -18.243 1.00 35.92 ? 10  GLU A CD  1 
ATOM   68   O  OE1 . GLU A 1 9   ? 14.023  -15.307 -18.952 1.00 35.98 ? 10  GLU A OE1 1 
ATOM   69   O  OE2 . GLU A 1 9   ? 12.909  -16.891 -17.916 1.00 38.34 ? 10  GLU A OE2 1 
ATOM   70   N  N   . LYS A 1 10  ? 12.152  -11.006 -17.990 1.00 26.37 ? 11  LYS A N   1 
ATOM   71   C  CA  . LYS A 1 10  ? 12.956  -10.069 -17.221 1.00 28.04 ? 11  LYS A CA  1 
ATOM   72   C  C   . LYS A 1 10  ? 12.058  -9.065  -16.495 1.00 27.94 ? 11  LYS A C   1 
ATOM   73   O  O   . LYS A 1 10  ? 12.342  -8.675  -15.354 1.00 27.17 ? 11  LYS A O   1 
ATOM   74   C  CB  . LYS A 1 10  ? 13.965  -9.334  -18.111 1.00 32.56 ? 11  LYS A CB  1 
ATOM   75   C  CG  . LYS A 1 10  ? 15.188  -10.151 -18.543 1.00 41.70 ? 11  LYS A CG  1 
ATOM   76   C  CD  . LYS A 1 10  ? 14.846  -11.189 -19.623 1.00 49.16 ? 11  LYS A CD  1 
ATOM   77   C  CE  . LYS A 1 10  ? 16.085  -11.976 -20.098 1.00 52.80 ? 11  LYS A CE  1 
ATOM   78   N  NZ  . LYS A 1 10  ? 15.734  -13.137 -20.988 1.00 54.01 ? 11  LYS A NZ  1 
ATOM   79   N  N   . ASN A 1 11  ? 10.938  -8.702  -17.124 1.00 23.92 ? 12  ASN A N   1 
ATOM   80   C  CA  . ASN A 1 11  ? 10.009  -7.730  -16.537 1.00 22.28 ? 12  ASN A CA  1 
ATOM   81   C  C   . ASN A 1 11  ? 9.310   -8.246  -15.283 1.00 18.66 ? 12  ASN A C   1 
ATOM   82   O  O   . ASN A 1 11  ? 9.104   -7.493  -14.330 1.00 14.53 ? 12  ASN A O   1 
ATOM   83   C  CB  . ASN A 1 11  ? 8.978   -7.276  -17.572 1.00 22.39 ? 12  ASN A CB  1 
ATOM   84   C  CG  . ASN A 1 11  ? 9.584   -6.428  -18.684 1.00 22.26 ? 12  ASN A CG  1 
ATOM   85   O  OD1 . ASN A 1 11  ? 10.689  -5.906  -18.561 1.00 19.42 ? 12  ASN A OD1 1 
ATOM   86   N  ND2 . ASN A 1 11  ? 8.847   -6.281  -19.772 1.00 23.70 ? 12  ASN A ND2 1 
ATOM   87   N  N   . ILE A 1 12  ? 8.960   -9.532  -15.286 1.00 19.17 ? 13  ILE A N   1 
ATOM   88   C  CA  . ILE A 1 12  ? 8.300   -10.165 -14.140 1.00 19.03 ? 13  ILE A CA  1 
ATOM   89   C  C   . ILE A 1 12  ? 9.244   -10.196 -12.926 1.00 20.54 ? 13  ILE A C   1 
ATOM   90   O  O   . ILE A 1 12  ? 8.820   -9.907  -11.791 1.00 18.09 ? 13  ILE A O   1 
ATOM   91   C  CB  . ILE A 1 12  ? 7.835   -11.590 -14.483 1.00 19.56 ? 13  ILE A CB  1 
ATOM   92   C  CG1 . ILE A 1 12  ? 6.754   -11.532 -15.566 1.00 17.07 ? 13  ILE A CG1 1 
ATOM   93   C  CG2 . ILE A 1 12  ? 7.319   -12.303 -13.242 1.00 15.91 ? 13  ILE A CG2 1 
ATOM   94   C  CD1 . ILE A 1 12  ? 6.344   -12.891 -16.093 1.00 19.10 ? 13  ILE A CD1 1 
ATOM   95   N  N   . LEU A 1 13  ? 10.526  -10.503 -13.165 1.00 20.87 ? 14  LEU A N   1 
ATOM   96   C  CA  . LEU A 1 13  ? 11.491  -10.539 -12.065 1.00 21.68 ? 14  LEU A CA  1 
ATOM   97   C  C   . LEU A 1 13  ? 11.653  -9.135  -11.493 1.00 19.06 ? 14  LEU A C   1 
ATOM   98   O  O   . LEU A 1 13  ? 11.768  -8.965  -10.275 1.00 21.44 ? 14  LEU A O   1 
ATOM   99   C  CB  . LEU A 1 13  ? 12.862  -11.060 -12.514 1.00 20.54 ? 14  LEU A CB  1 
ATOM   100  C  CG  . LEU A 1 13  ? 13.596  -12.056 -11.577 1.00 24.56 ? 14  LEU A CG  1 
ATOM   101  C  CD1 . LEU A 1 13  ? 15.090  -12.022 -11.848 1.00 24.74 ? 14  LEU A CD1 1 
ATOM   102  C  CD2 . LEU A 1 13  ? 13.367  -11.762 -10.117 1.00 23.31 ? 14  LEU A CD2 1 
ATOM   103  N  N   . THR A 1 14  ? 11.655  -8.130  -12.367 1.00 18.93 ? 15  THR A N   1 
ATOM   104  C  CA  . THR A 1 14  ? 11.791  -6.745  -11.924 1.00 17.30 ? 15  THR A CA  1 
ATOM   105  C  C   . THR A 1 14  ? 10.617  -6.311  -11.071 1.00 15.45 ? 15  THR A C   1 
ATOM   106  O  O   . THR A 1 14  ? 10.810  -5.708  -10.014 1.00 15.59 ? 15  THR A O   1 
ATOM   107  C  CB  . THR A 1 14  ? 11.965  -5.820  -13.102 1.00 17.03 ? 15  THR A CB  1 
ATOM   108  O  OG1 . THR A 1 14  ? 13.139  -6.219  -13.823 1.00 19.06 ? 15  THR A OG1 1 
ATOM   109  C  CG2 . THR A 1 14  ? 12.117  -4.366  -12.622 1.00 17.35 ? 15  THR A CG2 1 
ATOM   110  N  N   . ALA A 1 15  ? 9.416   -6.678  -11.506 1.00 13.68 ? 16  ALA A N   1 
ATOM   111  C  CA  . ALA A 1 15  ? 8.196   -6.349  -10.774 1.00 13.45 ? 16  ALA A CA  1 
ATOM   112  C  C   . ALA A 1 15  ? 8.240   -7.099  -9.417  1.00 15.07 ? 16  ALA A C   1 
ATOM   113  O  O   . ALA A 1 15  ? 8.010   -6.514  -8.350  1.00 16.38 ? 16  ALA A O   1 
ATOM   114  C  CB  . ALA A 1 15  ? 6.984   -6.737  -11.583 1.00 10.46 ? 16  ALA A CB  1 
ATOM   115  N  N   . PHE A 1 16  ? 8.652   -8.365  -9.448  1.00 16.99 ? 17  PHE A N   1 
ATOM   116  C  CA  . PHE A 1 16  ? 8.748   -9.160  -8.222  1.00 15.24 ? 17  PHE A CA  1 
ATOM   117  C  C   . PHE A 1 16  ? 9.717   -8.506  -7.209  1.00 15.91 ? 17  PHE A C   1 
ATOM   118  O  O   . PHE A 1 16  ? 9.404   -8.403  -6.023  1.00 18.34 ? 17  PHE A O   1 
ATOM   119  C  CB  . PHE A 1 16  ? 9.173   -10.610 -8.576  1.00 16.46 ? 17  PHE A CB  1 
ATOM   120  C  CG  . PHE A 1 16  ? 9.405   -11.491 -7.380  1.00 12.97 ? 17  PHE A CG  1 
ATOM   121  C  CD1 . PHE A 1 16  ? 8.341   -11.894 -6.579  1.00 14.59 ? 17  PHE A CD1 1 
ATOM   122  C  CD2 . PHE A 1 16  ? 10.695  -11.855 -7.009  1.00 9.68  ? 17  PHE A CD2 1 
ATOM   123  C  CE1 . PHE A 1 16  ? 8.568   -12.638 -5.416  1.00 12.07 ? 17  PHE A CE1 1 
ATOM   124  C  CE2 . PHE A 1 16  ? 10.925  -12.599 -5.846  1.00 10.24 ? 17  PHE A CE2 1 
ATOM   125  C  CZ  . PHE A 1 16  ? 9.864   -12.984 -5.056  1.00 10.90 ? 17  PHE A CZ  1 
ATOM   126  N  N   . ALA A 1 17  ? 10.850  -7.998  -7.697  1.00 17.15 ? 18  ALA A N   1 
ATOM   127  C  CA  . ALA A 1 17  ? 11.886  -7.361  -6.848  1.00 15.75 ? 18  ALA A CA  1 
ATOM   128  C  C   . ALA A 1 17  ? 11.417  -6.041  -6.248  1.00 14.18 ? 18  ALA A C   1 
ATOM   129  O  O   . ALA A 1 17  ? 11.703  -5.729  -5.082  1.00 15.69 ? 18  ALA A O   1 
ATOM   130  C  CB  . ALA A 1 17  ? 13.170  -7.141  -7.665  1.00 14.87 ? 18  ALA A CB  1 
ATOM   131  N  N   . GLY A 1 18  ? 10.744  -5.233  -7.061  1.00 16.95 ? 19  GLY A N   1 
ATOM   132  C  CA  . GLY A 1 18  ? 10.230  -3.977  -6.549  1.00 7.43  ? 19  GLY A CA  1 
ATOM   133  C  C   . GLY A 1 18  ? 9.107   -4.265  -5.564  1.00 9.62  ? 19  GLY A C   1 
ATOM   134  O  O   . GLY A 1 18  ? 9.053   -3.649  -4.493  1.00 12.77 ? 19  GLY A O   1 
ATOM   135  N  N   . GLU A 1 19  ? 8.218   -5.202  -5.888  1.00 8.00  ? 20  GLU A N   1 
ATOM   136  C  CA  . GLU A 1 19  ? 7.126   -5.517  -4.969  1.00 11.61 ? 20  GLU A CA  1 
ATOM   137  C  C   . GLU A 1 19  ? 7.669   -6.081  -3.655  1.00 13.14 ? 20  GLU A C   1 
ATOM   138  O  O   . GLU A 1 19  ? 7.155   -5.766  -2.572  1.00 16.78 ? 20  GLU A O   1 
ATOM   139  C  CB  . GLU A 1 19  ? 6.100   -6.471  -5.599  1.00 16.68 ? 20  GLU A CB  1 
ATOM   140  C  CG  . GLU A 1 19  ? 5.360   -5.924  -6.824  1.00 23.25 ? 20  GLU A CG  1 
ATOM   141  C  CD  . GLU A 1 19  ? 4.317   -4.845  -6.502  1.00 28.43 ? 20  GLU A CD  1 
ATOM   142  O  OE1 . GLU A 1 19  ? 4.679   -3.791  -5.942  1.00 30.84 ? 20  GLU A OE1 1 
ATOM   143  O  OE2 . GLU A 1 19  ? 3.132   -5.038  -6.837  1.00 28.17 ? 20  GLU A OE2 1 
ATOM   144  N  N   . SER A 1 20  ? 8.770   -6.833  -3.752  1.00 14.27 ? 21  SER A N   1 
ATOM   145  C  CA  . SER A 1 20  ? 9.399   -7.412  -2.580  1.00 9.25  ? 21  SER A CA  1 
ATOM   146  C  C   . SER A 1 20  ? 9.950   -6.329  -1.655  1.00 7.46  ? 21  SER A C   1 
ATOM   147  O  O   . SER A 1 20  ? 9.770   -6.375  -0.440  1.00 6.17  ? 21  SER A O   1 
ATOM   148  C  CB  . SER A 1 20  ? 10.463  -8.413  -2.998  1.00 11.78 ? 21  SER A CB  1 
ATOM   149  O  OG  . SER A 1 20  ? 9.828   -9.488  -3.657  1.00 13.58 ? 21  SER A OG  1 
ATOM   150  N  N   . GLN A 1 21  ? 10.599  -5.325  -2.228  1.00 6.61  ? 22  GLN A N   1 
ATOM   151  C  CA  . GLN A 1 21  ? 11.106  -4.240  -1.416  1.00 9.15  ? 22  GLN A CA  1 
ATOM   152  C  C   . GLN A 1 21  ? 9.958   -3.383  -0.855  1.00 11.46 ? 22  GLN A C   1 
ATOM   153  O  O   . GLN A 1 21  ? 10.061  -2.878  0.260   1.00 12.54 ? 22  GLN A O   1 
ATOM   154  C  CB  . GLN A 1 21  ? 12.043  -3.361  -2.238  1.00 8.29  ? 22  GLN A CB  1 
ATOM   155  C  CG  . GLN A 1 21  ? 13.370  -3.995  -2.500  1.00 13.01 ? 22  GLN A CG  1 
ATOM   156  C  CD  . GLN A 1 21  ? 14.191  -3.252  -3.529  1.00 15.40 ? 22  GLN A CD  1 
ATOM   157  O  OE1 . GLN A 1 21  ? 14.745  -2.179  -3.262  1.00 18.69 ? 22  GLN A OE1 1 
ATOM   158  N  NE2 . GLN A 1 21  ? 14.280  -3.823  -4.719  1.00 12.72 ? 22  GLN A NE2 1 
ATOM   159  N  N   . ALA A 1 22  ? 8.868   -3.222  -1.621  1.00 13.40 ? 23  ALA A N   1 
ATOM   160  C  CA  . ALA A 1 22  ? 7.713   -2.420  -1.171  1.00 10.48 ? 23  ALA A CA  1 
ATOM   161  C  C   . ALA A 1 22  ? 7.070   -3.037  0.059   1.00 11.84 ? 23  ALA A C   1 
ATOM   162  O  O   . ALA A 1 22  ? 6.698   -2.324  0.990   1.00 14.91 ? 23  ALA A O   1 
ATOM   163  C  CB  . ALA A 1 22  ? 6.683   -2.215  -2.306  1.00 10.60 ? 23  ALA A CB  1 
ATOM   164  N  N   . ARG A 1 23  ? 6.973   -4.361  0.091   1.00 9.17  ? 24  ARG A N   1 
ATOM   165  C  CA  . ARG A 1 23  ? 6.396   -5.044  1.249   1.00 12.61 ? 24  ARG A CA  1 
ATOM   166  C  C   . ARG A 1 23  ? 7.185   -4.728  2.527   1.00 16.36 ? 24  ARG A C   1 
ATOM   167  O  O   . ARG A 1 23  ? 6.601   -4.522  3.590   1.00 16.12 ? 24  ARG A O   1 
ATOM   168  C  CB  . ARG A 1 23  ? 6.397   -6.551  1.018   1.00 14.23 ? 24  ARG A CB  1 
ATOM   169  C  CG  . ARG A 1 23  ? 5.899   -7.347  2.202   1.00 13.83 ? 24  ARG A CG  1 
ATOM   170  C  CD  . ARG A 1 23  ? 6.122   -8.817  1.966   1.00 16.43 ? 24  ARG A CD  1 
ATOM   171  N  NE  . ARG A 1 23  ? 5.575   -9.608  3.052   1.00 18.78 ? 24  ARG A NE  1 
ATOM   172  C  CZ  . ARG A 1 23  ? 5.909   -10.862 3.323   1.00 16.47 ? 24  ARG A CZ  1 
ATOM   173  N  NH1 . ARG A 1 23  ? 6.788   -11.515 2.581   1.00 16.03 ? 24  ARG A NH1 1 
ATOM   174  N  NH2 . ARG A 1 23  ? 5.337   -11.465 4.348   1.00 15.82 ? 24  ARG A NH2 1 
ATOM   175  N  N   . ASN A 1 24  ? 8.513   -4.687  2.419   1.00 13.50 ? 25  ASN A N   1 
ATOM   176  C  CA  . ASN A 1 24  ? 9.354   -4.387  3.571   1.00 14.09 ? 25  ASN A CA  1 
ATOM   177  C  C   . ASN A 1 24  ? 9.179   -2.917  3.917   1.00 10.69 ? 25  ASN A C   1 
ATOM   178  O  O   . ASN A 1 24  ? 8.916   -2.587  5.073   1.00 14.56 ? 25  ASN A O   1 
ATOM   179  C  CB  . ASN A 1 24  ? 10.834  -4.721  3.284   1.00 10.75 ? 25  ASN A CB  1 
ATOM   180  C  CG  . ASN A 1 24  ? 11.235  -6.158  3.705   1.00 7.28  ? 25  ASN A CG  1 
ATOM   181  O  OD1 . ASN A 1 24  ? 12.123  -6.756  3.102   1.00 14.22 ? 25  ASN A OD1 1 
ATOM   182  N  ND2 . ASN A 1 24  ? 10.624  -6.683  4.754   1.00 7.70  ? 25  ASN A ND2 1 
ATOM   183  N  N   . ARG A 1 25  ? 9.303   -2.028  2.931   1.00 13.65 ? 26  ARG A N   1 
ATOM   184  C  CA  . ARG A 1 25  ? 9.087   -0.594  3.208   1.00 14.70 ? 26  ARG A CA  1 
ATOM   185  C  C   . ARG A 1 25  ? 7.748   -0.303  3.902   1.00 11.03 ? 26  ARG A C   1 
ATOM   186  O  O   . ARG A 1 25  ? 7.702   0.380   4.917   1.00 15.76 ? 26  ARG A O   1 
ATOM   187  C  CB  . ARG A 1 25  ? 9.176   0.256   1.934   1.00 14.48 ? 26  ARG A CB  1 
ATOM   188  C  CG  . ARG A 1 25  ? 10.569  0.367   1.339   1.00 19.60 ? 26  ARG A CG  1 
ATOM   189  C  CD  . ARG A 1 25  ? 10.700  1.533   0.354   1.00 21.47 ? 26  ARG A CD  1 
ATOM   190  N  NE  . ARG A 1 25  ? 9.708   1.485   -0.719  1.00 24.10 ? 26  ARG A NE  1 
ATOM   191  C  CZ  . ARG A 1 25  ? 9.853   0.807   -1.860  1.00 26.30 ? 26  ARG A CZ  1 
ATOM   192  N  NH1 . ARG A 1 25  ? 10.974  0.120   -2.098  1.00 24.66 ? 26  ARG A NH1 1 
ATOM   193  N  NH2 . ARG A 1 25  ? 8.874   0.822   -2.778  1.00 29.09 ? 26  ARG A NH2 1 
ATOM   194  N  N   . TYR A 1 26  ? 6.662   -0.862  3.394   1.00 13.02 ? 27  TYR A N   1 
ATOM   195  C  CA  . TYR A 1 26  ? 5.347   -0.620  4.003   1.00 14.35 ? 27  TYR A CA  1 
ATOM   196  C  C   . TYR A 1 26  ? 5.286   -1.140  5.446   1.00 16.40 ? 27  TYR A C   1 
ATOM   197  O  O   . TYR A 1 26  ? 4.688   -0.498  6.321   1.00 17.97 ? 27  TYR A O   1 
ATOM   198  C  CB  . TYR A 1 26  ? 4.196   -1.189  3.130   1.00 12.50 ? 27  TYR A CB  1 
ATOM   199  C  CG  . TYR A 1 26  ? 4.060   -0.505  1.773   1.00 14.66 ? 27  TYR A CG  1 
ATOM   200  C  CD1 . TYR A 1 26  ? 4.515   0.814   1.574   1.00 15.71 ? 27  TYR A CD1 1 
ATOM   201  C  CD2 . TYR A 1 26  ? 3.530   -1.192  0.673   1.00 19.07 ? 27  TYR A CD2 1 
ATOM   202  C  CE1 . TYR A 1 26  ? 4.449   1.430   0.301   1.00 14.66 ? 27  TYR A CE1 1 
ATOM   203  C  CE2 . TYR A 1 26  ? 3.459   -0.581  -0.613  1.00 14.98 ? 27  TYR A CE2 1 
ATOM   204  C  CZ  . TYR A 1 26  ? 3.922   0.714   -0.760  1.00 18.31 ? 27  TYR A CZ  1 
ATOM   205  O  OH  . TYR A 1 26  ? 3.851   1.316   -2.014  1.00 20.56 ? 27  TYR A OH  1 
ATOM   206  N  N   . ASN A 1 27  ? 5.947   -2.265  5.719   1.00 18.14 ? 28  ASN A N   1 
ATOM   207  C  CA  . ASN A 1 27  ? 5.957   -2.794  7.083   1.00 16.48 ? 28  ASN A CA  1 
ATOM   208  C  C   . ASN A 1 27  ? 6.757   -1.886  8.036   1.00 13.88 ? 28  ASN A C   1 
ATOM   209  O  O   . ASN A 1 27  ? 6.342   -1.647  9.182   1.00 11.24 ? 28  ASN A O   1 
ATOM   210  C  CB  . ASN A 1 27  ? 6.490   -4.233  7.131   1.00 14.02 ? 28  ASN A CB  1 
ATOM   211  C  CG  . ASN A 1 27  ? 5.426   -5.264  6.835   1.00 11.63 ? 28  ASN A CG  1 
ATOM   212  O  OD1 . ASN A 1 27  ? 5.567   -6.086  5.929   1.00 16.18 ? 28  ASN A OD1 1 
ATOM   213  N  ND2 . ASN A 1 27  ? 4.358   -5.252  7.620   1.00 11.65 ? 28  ASN A ND2 1 
ATOM   214  N  N   . TYR A 1 28  ? 7.874   -1.342  7.554   1.00 17.39 ? 29  TYR A N   1 
ATOM   215  C  CA  . TYR A 1 28  ? 8.700   -0.424  8.367   1.00 16.86 ? 29  TYR A CA  1 
ATOM   216  C  C   . TYR A 1 28  ? 7.876   0.847   8.577   1.00 15.65 ? 29  TYR A C   1 
ATOM   217  O  O   . TYR A 1 28  ? 7.758   1.333   9.707   1.00 16.47 ? 29  TYR A O   1 
ATOM   218  C  CB  . TYR A 1 28  ? 10.048  -0.092  7.669   1.00 16.71 ? 29  TYR A CB  1 
ATOM   219  C  CG  . TYR A 1 28  ? 10.905  -1.300  7.280   1.00 21.52 ? 29  TYR A CG  1 
ATOM   220  C  CD1 . TYR A 1 28  ? 10.799  -2.521  7.970   1.00 21.32 ? 29  TYR A CD1 1 
ATOM   221  C  CD2 . TYR A 1 28  ? 11.787  -1.224  6.191   1.00 21.08 ? 29  TYR A CD2 1 
ATOM   222  C  CE1 . TYR A 1 28  ? 11.543  -3.646  7.575   1.00 20.21 ? 29  TYR A CE1 1 
ATOM   223  C  CE2 . TYR A 1 28  ? 12.542  -2.337  5.793   1.00 21.65 ? 29  TYR A CE2 1 
ATOM   224  C  CZ  . TYR A 1 28  ? 12.407  -3.535  6.488   1.00 20.35 ? 29  TYR A CZ  1 
ATOM   225  O  OH  . TYR A 1 28  ? 13.113  -4.655  6.070   1.00 20.14 ? 29  TYR A OH  1 
ATOM   226  N  N   . PHE A 1 29  ? 7.234   1.330   7.507   1.00 15.41 ? 30  PHE A N   1 
ATOM   227  C  CA  . PHE A 1 29  ? 6.401   2.537   7.596   1.00 16.19 ? 30  PHE A CA  1 
ATOM   228  C  C   . PHE A 1 29  ? 5.249   2.314   8.566   1.00 15.98 ? 30  PHE A C   1 
ATOM   229  O  O   . PHE A 1 29  ? 4.872   3.230   9.299   1.00 15.90 ? 30  PHE A O   1 
ATOM   230  C  CB  . PHE A 1 29  ? 5.868   2.935   6.215   1.00 12.21 ? 30  PHE A CB  1 
ATOM   231  C  CG  . PHE A 1 29  ? 6.933   3.430   5.274   1.00 12.19 ? 30  PHE A CG  1 
ATOM   232  C  CD1 . PHE A 1 29  ? 8.207   3.768   5.742   1.00 14.82 ? 30  PHE A CD1 1 
ATOM   233  C  CD2 . PHE A 1 29  ? 6.653   3.571   3.914   1.00 9.63  ? 30  PHE A CD2 1 
ATOM   234  C  CE1 . PHE A 1 29  ? 9.193   4.238   4.860   1.00 12.87 ? 30  PHE A CE1 1 
ATOM   235  C  CE2 . PHE A 1 29  ? 7.622   4.036   3.021   1.00 7.49  ? 30  PHE A CE2 1 
ATOM   236  C  CZ  . PHE A 1 29  ? 8.892   4.367   3.494   1.00 12.59 ? 30  PHE A CZ  1 
ATOM   237  N  N   . GLY A 1 30  ? 4.707   1.095   8.590   1.00 13.54 ? 31  GLY A N   1 
ATOM   238  C  CA  . GLY A 1 30  ? 3.649   0.787   9.532   1.00 6.98  ? 31  GLY A CA  1 
ATOM   239  C  C   . GLY A 1 30  ? 4.164   0.956   10.958  1.00 13.80 ? 31  GLY A C   1 
ATOM   240  O  O   . GLY A 1 30  ? 3.476   1.496   11.828  1.00 14.86 ? 31  GLY A O   1 
ATOM   241  N  N   . GLY A 1 31  ? 5.391   0.499   11.205  1.00 17.24 ? 32  GLY A N   1 
ATOM   242  C  CA  . GLY A 1 31  ? 5.974   0.621   12.533  1.00 13.71 ? 32  GLY A CA  1 
ATOM   243  C  C   . GLY A 1 31  ? 6.095   2.072   13.007  1.00 17.10 ? 32  GLY A C   1 
ATOM   244  O  O   . GLY A 1 31  ? 5.801   2.407   14.160  1.00 17.37 ? 32  GLY A O   1 
ATOM   245  N  N   . GLN A 1 32  ? 6.559   2.932   12.109  1.00 17.24 ? 33  GLN A N   1 
ATOM   246  C  CA  . GLN A 1 32  ? 6.727   4.352   12.396  1.00 18.74 ? 33  GLN A CA  1 
ATOM   247  C  C   . GLN A 1 32  ? 5.360   5.041   12.619  1.00 19.23 ? 33  GLN A C   1 
ATOM   248  O  O   . GLN A 1 32  ? 5.217   5.879   13.501  1.00 20.09 ? 33  GLN A O   1 
ATOM   249  C  CB  . GLN A 1 32  ? 7.511   5.002   11.253  1.00 17.66 ? 33  GLN A CB  1 
ATOM   250  C  CG  . GLN A 1 32  ? 7.825   6.467   11.447  1.00 24.18 ? 33  GLN A CG  1 
ATOM   251  C  CD  . GLN A 1 32  ? 8.751   6.727   12.617  1.00 24.75 ? 33  GLN A CD  1 
ATOM   252  O  OE1 . GLN A 1 32  ? 9.876   6.236   12.657  1.00 27.45 ? 33  GLN A OE1 1 
ATOM   253  N  NE2 . GLN A 1 32  ? 8.278   7.507   13.579  1.00 25.92 ? 33  GLN A NE2 1 
ATOM   254  N  N   . ALA A 1 33  ? 4.347   4.630   11.861  1.00 15.76 ? 34  ALA A N   1 
ATOM   255  C  CA  . ALA A 1 33  ? 2.988   5.180   11.982  1.00 15.26 ? 34  ALA A CA  1 
ATOM   256  C  C   . ALA A 1 33  ? 2.462   4.890   13.369  1.00 17.51 ? 34  ALA A C   1 
ATOM   257  O  O   . ALA A 1 33  ? 1.861   5.742   14.007  1.00 22.40 ? 34  ALA A O   1 
ATOM   258  C  CB  . ALA A 1 33  ? 2.067   4.551   10.959  1.00 11.76 ? 34  ALA A CB  1 
ATOM   259  N  N   . LYS A 1 34  ? 2.710   3.676   13.842  1.00 24.37 ? 35  LYS A N   1 
ATOM   260  C  CA  . LYS A 1 34  ? 2.276   3.230   15.161  1.00 25.78 ? 35  LYS A CA  1 
ATOM   261  C  C   . LYS A 1 34  ? 2.955   4.095   16.209  1.00 27.42 ? 35  LYS A C   1 
ATOM   262  O  O   . LYS A 1 34  ? 2.321   4.509   17.179  1.00 28.58 ? 35  LYS A O   1 
ATOM   263  C  CB  . LYS A 1 34  ? 2.698   1.764   15.335  1.00 32.53 ? 35  LYS A CB  1 
ATOM   264  C  CG  . LYS A 1 34  ? 2.141   1.043   16.564  1.00 36.52 ? 35  LYS A CG  1 
ATOM   265  C  CD  . LYS A 1 34  ? 0.743   0.451   16.336  1.00 43.43 ? 35  LYS A CD  1 
ATOM   266  C  CE  . LYS A 1 34  ? 0.746   -0.782  15.406  1.00 46.62 ? 35  LYS A CE  1 
ATOM   267  N  NZ  . LYS A 1 34  ? -0.650  -1.178  14.981  1.00 47.91 ? 35  LYS A NZ  1 
ATOM   268  N  N   . LYS A 1 35  ? 4.240   4.384   16.002  1.00 27.82 ? 36  LYS A N   1 
ATOM   269  C  CA  . LYS A 1 35  ? 5.004   5.210   16.937  1.00 31.27 ? 36  LYS A CA  1 
ATOM   270  C  C   . LYS A 1 35  ? 4.650   6.695   16.833  1.00 31.66 ? 36  LYS A C   1 
ATOM   271  O  O   . LYS A 1 35  ? 5.012   7.487   17.707  1.00 33.29 ? 36  LYS A O   1 
ATOM   272  C  CB  . LYS A 1 35  ? 6.506   4.976   16.742  1.00 34.24 ? 36  LYS A CB  1 
ATOM   273  C  CG  . LYS A 1 35  ? 6.954   3.577   17.179  1.00 41.57 ? 36  LYS A CG  1 
ATOM   274  C  CD  . LYS A 1 35  ? 8.488   3.424   17.288  1.00 48.61 ? 36  LYS A CD  1 
ATOM   275  C  CE  . LYS A 1 35  ? 9.158   3.062   15.943  1.00 52.44 ? 36  LYS A CE  1 
ATOM   276  N  NZ  . LYS A 1 35  ? 8.943   1.639   15.486  1.00 52.92 ? 36  LYS A NZ  1 
ATOM   277  N  N   . ASP A 1 36  ? 3.961   7.075   15.757  1.00 30.09 ? 37  ASP A N   1 
ATOM   278  C  CA  . ASP A 1 36  ? 3.520   8.464   15.573  1.00 27.22 ? 37  ASP A CA  1 
ATOM   279  C  C   . ASP A 1 36  ? 2.117   8.730   16.138  1.00 25.96 ? 37  ASP A C   1 
ATOM   280  O  O   . ASP A 1 36  ? 1.684   9.884   16.189  1.00 27.80 ? 37  ASP A O   1 
ATOM   281  C  CB  . ASP A 1 36  ? 3.585   8.877   14.099  1.00 24.28 ? 37  ASP A CB  1 
ATOM   282  C  CG  . ASP A 1 36  ? 5.000   9.153   13.640  1.00 22.58 ? 37  ASP A CG  1 
ATOM   283  O  OD1 . ASP A 1 36  ? 5.894   9.218   14.496  1.00 20.38 ? 37  ASP A OD1 1 
ATOM   284  O  OD2 . ASP A 1 36  ? 5.239   9.308   12.429  1.00 23.21 ? 37  ASP A OD2 1 
ATOM   285  N  N   . GLY A 1 37  ? 1.444   7.665   16.591  1.00 22.85 ? 38  GLY A N   1 
ATOM   286  C  CA  . GLY A 1 37  ? 0.103   7.761   17.143  1.00 18.99 ? 38  GLY A CA  1 
ATOM   287  C  C   . GLY A 1 37  ? -1.012  7.608   16.129  1.00 17.58 ? 38  GLY A C   1 
ATOM   288  O  O   . GLY A 1 37  ? -2.107  8.122   16.348  1.00 19.36 ? 38  GLY A O   1 
ATOM   289  N  N   . PHE A 1 38  ? -0.740  6.914   15.025  1.00 18.34 ? 39  PHE A N   1 
ATOM   290  C  CA  . PHE A 1 38  ? -1.727  6.689   13.962  1.00 12.98 ? 39  PHE A CA  1 
ATOM   291  C  C   . PHE A 1 38  ? -1.885  5.189   13.778  1.00 10.83 ? 39  PHE A C   1 
ATOM   292  O  O   . PHE A 1 38  ? -1.327  4.611   12.851  1.00 13.05 ? 39  PHE A O   1 
ATOM   293  C  CB  . PHE A 1 38  ? -1.255  7.321   12.638  1.00 13.86 ? 39  PHE A CB  1 
ATOM   294  C  CG  . PHE A 1 38  ? -0.932  8.778   12.742  1.00 15.53 ? 39  PHE A CG  1 
ATOM   295  C  CD1 . PHE A 1 38  ? -1.899  9.694   13.156  1.00 20.22 ? 39  PHE A CD1 1 
ATOM   296  C  CD2 . PHE A 1 38  ? 0.337   9.237   12.441  1.00 15.36 ? 39  PHE A CD2 1 
ATOM   297  C  CE1 . PHE A 1 38  ? -1.596  11.054  13.279  1.00 18.21 ? 39  PHE A CE1 1 
ATOM   298  C  CE2 . PHE A 1 38  ? 0.653   10.598  12.558  1.00 18.16 ? 39  PHE A CE2 1 
ATOM   299  C  CZ  . PHE A 1 38  ? -0.314  11.502  12.982  1.00 19.15 ? 39  PHE A CZ  1 
ATOM   300  N  N   . VAL A 1 39  ? -2.675  4.565   14.640  1.00 14.85 ? 40  VAL A N   1 
ATOM   301  C  CA  . VAL A 1 39  ? -2.902  3.124   14.590  1.00 15.85 ? 40  VAL A CA  1 
ATOM   302  C  C   . VAL A 1 39  ? -3.684  2.648   13.344  1.00 15.58 ? 40  VAL A C   1 
ATOM   303  O  O   . VAL A 1 39  ? -3.327  1.624   12.742  1.00 13.44 ? 40  VAL A O   1 
ATOM   304  C  CB  . VAL A 1 39  ? -3.554  2.648   15.907  1.00 16.32 ? 40  VAL A CB  1 
ATOM   305  C  CG1 . VAL A 1 39  ? -3.996  1.211   15.812  1.00 19.42 ? 40  VAL A CG1 1 
ATOM   306  C  CG2 . VAL A 1 39  ? -2.562  2.839   17.057  1.00 16.69 ? 40  VAL A CG2 1 
ATOM   307  N  N   . GLN A 1 40  ? -4.702  3.400   12.915  1.00 14.83 ? 41  GLN A N   1 
ATOM   308  C  CA  . GLN A 1 40  ? -5.449  3.012   11.715  1.00 9.40  ? 41  GLN A CA  1 
ATOM   309  C  C   . GLN A 1 40  ? -4.507  3.059   10.517  1.00 12.30 ? 41  GLN A C   1 
ATOM   310  O  O   . GLN A 1 40  ? -4.475  2.145   9.698   1.00 11.68 ? 41  GLN A O   1 
ATOM   311  C  CB  . GLN A 1 40  ? -6.629  3.947   11.466  1.00 13.75 ? 41  GLN A CB  1 
ATOM   312  C  CG  . GLN A 1 40  ? -7.441  3.514   10.240  1.00 16.38 ? 41  GLN A CG  1 
ATOM   313  C  CD  . GLN A 1 40  ? -8.492  4.512   9.768   1.00 16.04 ? 41  GLN A CD  1 
ATOM   314  O  OE1 . GLN A 1 40  ? -9.387  4.150   9.012   1.00 16.20 ? 41  GLN A OE1 1 
ATOM   315  N  NE2 . GLN A 1 40  ? -8.372  5.766   10.176  1.00 15.30 ? 41  GLN A NE2 1 
ATOM   316  N  N   . ILE A 1 41  ? -3.740  4.140   10.419  1.00 11.22 ? 42  ILE A N   1 
ATOM   317  C  CA  . ILE A 1 41  ? -2.779  4.300   9.337   1.00 12.44 ? 42  ILE A CA  1 
ATOM   318  C  C   . ILE A 1 41  ? -1.710  3.188   9.401   1.00 11.58 ? 42  ILE A C   1 
ATOM   319  O  O   . ILE A 1 41  ? -1.303  2.649   8.372   1.00 10.20 ? 42  ILE A O   1 
ATOM   320  C  CB  . ILE A 1 41  ? -2.130  5.684   9.370   1.00 14.74 ? 42  ILE A CB  1 
ATOM   321  C  CG1 . ILE A 1 41  ? -3.206  6.764   9.203   1.00 14.91 ? 42  ILE A CG1 1 
ATOM   322  C  CG2 . ILE A 1 41  ? -1.038  5.806   8.284   1.00 13.14 ? 42  ILE A CG2 1 
ATOM   323  C  CD1 . ILE A 1 41  ? -2.674  8.192   9.252   1.00 13.48 ? 42  ILE A CD1 1 
ATOM   324  N  N   . SER A 1 42  ? -1.310  2.815   10.615  1.00 14.28 ? 43  SER A N   1 
ATOM   325  C  CA  . SER A 1 42  ? -0.311  1.764   10.814  1.00 11.85 ? 43  SER A CA  1 
ATOM   326  C  C   . SER A 1 42  ? -0.812  0.452   10.189  1.00 10.56 ? 43  SER A C   1 
ATOM   327  O  O   . SER A 1 42  ? -0.112  -0.173  9.384   1.00 13.52 ? 43  SER A O   1 
ATOM   328  C  CB  . SER A 1 42  ? -0.045  1.559   12.305  1.00 10.25 ? 43  SER A CB  1 
ATOM   329  O  OG  . SER A 1 42  ? 0.997   0.624   12.517  1.00 18.73 ? 43  SER A OG  1 
ATOM   330  N  N   . ASP A 1 43  ? -2.059  0.088   10.488  1.00 12.73 ? 44  ASP A N   1 
ATOM   331  C  CA  . ASP A 1 43  ? -2.640  -1.141  9.954   1.00 12.48 ? 44  ASP A CA  1 
ATOM   332  C  C   . ASP A 1 43  ? -2.865  -1.123  8.434   1.00 15.69 ? 44  ASP A C   1 
ATOM   333  O  O   . ASP A 1 43  ? -2.778  -2.163  7.775   1.00 13.73 ? 44  ASP A O   1 
ATOM   334  C  CB  . ASP A 1 43  ? -3.915  -1.497  10.712  1.00 16.66 ? 44  ASP A CB  1 
ATOM   335  C  CG  . ASP A 1 43  ? -3.638  -1.915  12.157  1.00 23.17 ? 44  ASP A CG  1 
ATOM   336  O  OD1 . ASP A 1 43  ? -2.533  -1.664  12.700  1.00 25.73 ? 44  ASP A OD1 1 
ATOM   337  O  OD2 . ASP A 1 43  ? -4.539  -2.508  12.764  1.00 26.06 ? 44  ASP A OD2 1 
ATOM   338  N  N   . ILE A 1 44  ? -3.090  0.056   7.860   1.00 16.64 ? 45  ILE A N   1 
ATOM   339  C  CA  . ILE A 1 44  ? -3.288  0.161   6.413   1.00 17.64 ? 45  ILE A CA  1 
ATOM   340  C  C   . ILE A 1 44  ? -1.974  -0.173  5.694   1.00 14.88 ? 45  ILE A C   1 
ATOM   341  O  O   . ILE A 1 44  ? -1.963  -0.916  4.710   1.00 23.09 ? 45  ILE A O   1 
ATOM   342  C  CB  . ILE A 1 44  ? -3.873  1.571   6.007   1.00 19.20 ? 45  ILE A CB  1 
ATOM   343  C  CG1 . ILE A 1 44  ? -5.362  1.441   5.697   1.00 19.05 ? 45  ILE A CG1 1 
ATOM   344  C  CG2 . ILE A 1 44  ? -3.130  2.185   4.830   1.00 18.36 ? 45  ILE A CG2 1 
ATOM   345  C  CD1 . ILE A 1 44  ? -6.181  1.141   6.900   1.00 21.92 ? 45  ILE A CD1 1 
ATOM   346  N  N   . PHE A 1 45  ? -0.865  0.335   6.234   1.00 17.97 ? 46  PHE A N   1 
ATOM   347  C  CA  . PHE A 1 45  ? 0.477   0.085   5.700   1.00 14.94 ? 46  PHE A CA  1 
ATOM   348  C  C   . PHE A 1 45  ? 0.728   -1.417  5.759   1.00 13.47 ? 46  PHE A C   1 
ATOM   349  O  O   . PHE A 1 45  ? 1.221   -2.022  4.806   1.00 19.18 ? 46  PHE A O   1 
ATOM   350  C  CB  . PHE A 1 45  ? 1.518   0.768   6.590   1.00 16.04 ? 46  PHE A CB  1 
ATOM   351  C  CG  . PHE A 1 45  ? 1.906   2.130   6.143   1.00 15.00 ? 46  PHE A CG  1 
ATOM   352  C  CD1 . PHE A 1 45  ? 2.332   2.355   4.838   1.00 15.06 ? 46  PHE A CD1 1 
ATOM   353  C  CD2 . PHE A 1 45  ? 1.875   3.195   7.036   1.00 15.79 ? 46  PHE A CD2 1 
ATOM   354  C  CE1 . PHE A 1 45  ? 2.727   3.637   4.420   1.00 6.26  ? 46  PHE A CE1 1 
ATOM   355  C  CE2 . PHE A 1 45  ? 2.263   4.468   6.622   1.00 12.55 ? 46  PHE A CE2 1 
ATOM   356  C  CZ  . PHE A 1 45  ? 2.687   4.677   5.313   1.00 11.12 ? 46  PHE A CZ  1 
ATOM   357  N  N   . ALA A 1 46  ? 0.396   -2.007  6.902   1.00 14.79 ? 47  ALA A N   1 
ATOM   358  C  CA  . ALA A 1 46  ? 0.581   -3.435  7.089   1.00 13.81 ? 47  ALA A CA  1 
ATOM   359  C  C   . ALA A 1 46  ? -0.246  -4.223  6.084   1.00 15.69 ? 47  ALA A C   1 
ATOM   360  O  O   . ALA A 1 46  ? 0.251   -5.166  5.475   1.00 16.59 ? 47  ALA A O   1 
ATOM   361  C  CB  . ALA A 1 46  ? 0.202   -3.840  8.510   1.00 13.76 ? 47  ALA A CB  1 
ATOM   362  N  N   . GLU A 1 47  ? -1.495  -3.801  5.877   1.00 14.38 ? 48  GLU A N   1 
ATOM   363  C  CA  . GLU A 1 47  ? -2.379  -4.480  4.934   1.00 13.61 ? 48  GLU A CA  1 
ATOM   364  C  C   . GLU A 1 47  ? -1.811  -4.356  3.533   1.00 12.13 ? 48  GLU A C   1 
ATOM   365  O  O   . GLU A 1 47  ? -1.778  -5.318  2.769   1.00 12.29 ? 48  GLU A O   1 
ATOM   366  C  CB  . GLU A 1 47  ? -3.774  -3.849  4.953   1.00 15.30 ? 48  GLU A CB  1 
ATOM   367  C  CG  . GLU A 1 47  ? -4.798  -4.655  4.164   1.00 16.31 ? 48  GLU A CG  1 
ATOM   368  C  CD  . GLU A 1 47  ? -6.007  -3.847  3.754   1.00 19.38 ? 48  GLU A CD  1 
ATOM   369  O  OE1 . GLU A 1 47  ? -5.829  -2.899  2.977   1.00 24.41 ? 48  GLU A OE1 1 
ATOM   370  O  OE2 . GLU A 1 47  ? -7.133  -4.172  4.177   1.00 25.94 ? 48  GLU A OE2 1 
ATOM   371  N  N   . THR A 1 48  ? -1.349  -3.158  3.203   1.00 8.75  ? 49  THR A N   1 
ATOM   372  C  CA  . THR A 1 48  ? -0.774  -2.921  1.894   1.00 12.40 ? 49  THR A CA  1 
ATOM   373  C  C   . THR A 1 48  ? 0.477   -3.771  1.691   1.00 9.16  ? 49  THR A C   1 
ATOM   374  O  O   . THR A 1 48  ? 0.700   -4.317  0.601   1.00 13.13 ? 49  THR A O   1 
ATOM   375  C  CB  . THR A 1 48  ? -0.471  -1.436  1.694   1.00 10.83 ? 49  THR A CB  1 
ATOM   376  O  OG1 . THR A 1 48  ? -1.595  -0.670  2.130   1.00 13.76 ? 49  THR A OG1 1 
ATOM   377  C  CG2 . THR A 1 48  ? -0.201  -1.128  0.221   1.00 10.05 ? 49  THR A CG2 1 
ATOM   378  N  N   . ALA A 1 49  ? 1.275   -3.910  2.743   1.00 9.01  ? 50  ALA A N   1 
ATOM   379  C  CA  . ALA A 1 49  ? 2.481   -4.740  2.663   1.00 9.68  ? 50  ALA A CA  1 
ATOM   380  C  C   . ALA A 1 49  ? 2.061   -6.165  2.259   1.00 10.42 ? 50  ALA A C   1 
ATOM   381  O  O   . ALA A 1 49  ? 2.615   -6.772  1.328   1.00 9.26  ? 50  ALA A O   1 
ATOM   382  C  CB  . ALA A 1 49  ? 3.186   -4.755  4.016   1.00 3.77  ? 50  ALA A CB  1 
ATOM   383  N  N   . ASP A 1 50  ? 0.993   -6.639  2.897   1.00 16.67 ? 51  ASP A N   1 
ATOM   384  C  CA  . ASP A 1 50  ? 0.433   -7.966  2.644   1.00 13.43 ? 51  ASP A CA  1 
ATOM   385  C  C   . ASP A 1 50  ? -0.111  -8.130  1.266   1.00 15.03 ? 51  ASP A C   1 
ATOM   386  O  O   . ASP A 1 50  ? 0.024   -9.188  0.669   1.00 18.06 ? 51  ASP A O   1 
ATOM   387  C  CB  . ASP A 1 50  ? -0.667  -8.281  3.661   1.00 16.66 ? 51  ASP A CB  1 
ATOM   388  C  CG  . ASP A 1 50  ? -0.110  -8.628  5.043   1.00 17.60 ? 51  ASP A CG  1 
ATOM   389  O  OD1 . ASP A 1 50  ? 1.118   -8.838  5.163   1.00 22.87 ? 51  ASP A OD1 1 
ATOM   390  O  OD2 . ASP A 1 50  ? -0.897  -8.708  6.005   1.00 20.84 ? 51  ASP A OD2 1 
ATOM   391  N  N   . GLN A 1 51  ? -0.722  -7.082  0.740   1.00 15.13 ? 52  GLN A N   1 
ATOM   392  C  CA  . GLN A 1 51  ? -1.250  -7.163  -0.598  1.00 11.59 ? 52  GLN A CA  1 
ATOM   393  C  C   . GLN A 1 51  ? -0.110  -7.188  -1.605  1.00 10.76 ? 52  GLN A C   1 
ATOM   394  O  O   . GLN A 1 51  ? -0.191  -7.921  -2.582  1.00 13.40 ? 52  GLN A O   1 
ATOM   395  C  CB  . GLN A 1 51  ? -2.252  -6.036  -0.841  1.00 11.40 ? 52  GLN A CB  1 
ATOM   396  C  CG  . GLN A 1 51  ? -3.499  -6.256  -0.008  1.00 14.39 ? 52  GLN A CG  1 
ATOM   397  C  CD  . GLN A 1 51  ? -4.518  -5.151  -0.134  1.00 15.33 ? 52  GLN A CD  1 
ATOM   398  O  OE1 . GLN A 1 51  ? -4.196  -4.032  -0.520  1.00 14.81 ? 52  GLN A OE1 1 
ATOM   399  N  NE2 . GLN A 1 51  ? -5.757  -5.458  0.189   1.00 13.11 ? 52  GLN A NE2 1 
ATOM   400  N  N   . GLU A 1 52  ? 0.970   -6.440  -1.373  1.00 11.75 ? 53  GLU A N   1 
ATOM   401  C  CA  . GLU A 1 52  ? 2.101   -6.498  -2.311  1.00 15.78 ? 53  GLU A CA  1 
ATOM   402  C  C   . GLU A 1 52  ? 2.729   -7.901  -2.297  1.00 16.74 ? 53  GLU A C   1 
ATOM   403  O  O   . GLU A 1 52  ? 3.229   -8.390  -3.321  1.00 16.65 ? 53  GLU A O   1 
ATOM   404  C  CB  . GLU A 1 52  ? 3.197   -5.485  -1.979  1.00 15.97 ? 53  GLU A CB  1 
ATOM   405  C  CG  . GLU A 1 52  ? 2.779   -4.030  -1.908  1.00 21.53 ? 53  GLU A CG  1 
ATOM   406  C  CD  . GLU A 1 52  ? 1.999   -3.531  -3.119  1.00 19.89 ? 53  GLU A CD  1 
ATOM   407  O  OE1 . GLU A 1 52  ? 2.269   -3.910  -4.273  1.00 21.21 ? 53  GLU A OE1 1 
ATOM   408  O  OE2 . GLU A 1 52  ? 1.089   -2.712  -2.892  1.00 28.29 ? 53  GLU A OE2 1 
ATOM   409  N  N   . ARG A 1 53  ? 2.673   -8.556  -1.139  1.00 13.27 ? 54  ARG A N   1 
ATOM   410  C  CA  . ARG A 1 53  ? 3.201   -9.906  -1.012  1.00 13.79 ? 54  ARG A CA  1 
ATOM   411  C  C   . ARG A 1 53  ? 2.424   -10.804 -1.974  1.00 14.80 ? 54  ARG A C   1 
ATOM   412  O  O   . ARG A 1 53  ? 2.993   -11.686 -2.620  1.00 16.37 ? 54  ARG A O   1 
ATOM   413  C  CB  . ARG A 1 53  ? 3.019   -10.417 0.421   1.00 13.39 ? 54  ARG A CB  1 
ATOM   414  C  CG  . ARG A 1 53  ? 3.473   -11.863 0.618   1.00 14.38 ? 54  ARG A CG  1 
ATOM   415  C  CD  . ARG A 1 53  ? 2.939   -12.448 1.897   1.00 12.23 ? 54  ARG A CD  1 
ATOM   416  N  NE  . ARG A 1 53  ? 1.501   -12.581 1.835   1.00 14.66 ? 54  ARG A NE  1 
ATOM   417  C  CZ  . ARG A 1 53  ? 0.686   -12.394 2.861   1.00 17.71 ? 54  ARG A CZ  1 
ATOM   418  N  NH1 . ARG A 1 53  ? 1.167   -12.049 4.048   1.00 19.45 ? 54  ARG A NH1 1 
ATOM   419  N  NH2 . ARG A 1 53  ? -0.626  -12.534 2.697   1.00 17.21 ? 54  ARG A NH2 1 
ATOM   420  N  N   . GLU A 1 54  ? 1.122   -10.551 -2.084  1.00 15.28 ? 55  GLU A N   1 
ATOM   421  C  CA  . GLU A 1 54  ? 0.267   -11.340 -2.966  1.00 12.10 ? 55  GLU A CA  1 
ATOM   422  C  C   . GLU A 1 54  ? 0.406   -11.024 -4.456  1.00 11.07 ? 55  GLU A C   1 
ATOM   423  O  O   . GLU A 1 54  ? 0.205   -11.895 -5.300  1.00 8.67  ? 55  GLU A O   1 
ATOM   424  C  CB  . GLU A 1 54  ? -1.181  -11.261 -2.494  1.00 16.93 ? 55  GLU A CB  1 
ATOM   425  C  CG  . GLU A 1 54  ? -1.397  -11.860 -1.100  1.00 18.42 ? 55  GLU A CG  1 
ATOM   426  C  CD  . GLU A 1 54  ? -0.998  -13.338 -1.022  1.00 19.29 ? 55  GLU A CD  1 
ATOM   427  O  OE1 . GLU A 1 54  ? -1.432  -14.124 -1.899  1.00 21.80 ? 55  GLU A OE1 1 
ATOM   428  O  OE2 . GLU A 1 54  ? -0.244  -13.708 -0.086  1.00 20.05 ? 55  GLU A OE2 1 
ATOM   429  N  N   . HIS A 1 55  ? 0.740   -9.774  -4.775  1.00 11.11 ? 56  HIS A N   1 
ATOM   430  C  CA  . HIS A 1 55  ? 0.975   -9.390  -6.156  1.00 12.55 ? 56  HIS A CA  1 
ATOM   431  C  C   . HIS A 1 55  ? 2.290   -10.099 -6.514  1.00 12.69 ? 56  HIS A C   1 
ATOM   432  O  O   . HIS A 1 55  ? 2.417   -10.709 -7.576  1.00 17.59 ? 56  HIS A O   1 
ATOM   433  C  CB  . HIS A 1 55  ? 1.187   -7.878  -6.286  1.00 15.18 ? 56  HIS A CB  1 
ATOM   434  C  CG  . HIS A 1 55  ? -0.048  -7.061  -6.066  1.00 18.80 ? 56  HIS A CG  1 
ATOM   435  N  ND1 . HIS A 1 55  ? -0.004  -5.730  -5.697  1.00 20.92 ? 56  HIS A ND1 1 
ATOM   436  C  CD2 . HIS A 1 55  ? -1.362  -7.377  -6.172  1.00 18.42 ? 56  HIS A CD2 1 
ATOM   437  C  CE1 . HIS A 1 55  ? -1.234  -5.263  -5.588  1.00 19.21 ? 56  HIS A CE1 1 
ATOM   438  N  NE2 . HIS A 1 55  ? -2.075  -6.244  -5.870  1.00 20.95 ? 56  HIS A NE2 1 
ATOM   439  N  N   . ALA A 1 56  ? 3.255   -10.038 -5.596  1.00 11.07 ? 57  ALA A N   1 
ATOM   440  C  CA  . ALA A 1 56  ? 4.547   -10.680 -5.792  1.00 12.27 ? 57  ALA A CA  1 
ATOM   441  C  C   . ALA A 1 56  ? 4.436   -12.208 -5.981  1.00 13.12 ? 57  ALA A C   1 
ATOM   442  O  O   . ALA A 1 56  ? 5.119   -12.788 -6.825  1.00 16.33 ? 57  ALA A O   1 
ATOM   443  C  CB  . ALA A 1 56  ? 5.488   -10.321 -4.647  1.00 11.72 ? 57  ALA A CB  1 
ATOM   444  N  N   . LYS A 1 57  ? 3.514   -12.847 -5.262  1.00 17.18 ? 58  LYS A N   1 
ATOM   445  C  CA  . LYS A 1 57  ? 3.313   -14.303 -5.368  1.00 16.16 ? 58  LYS A CA  1 
ATOM   446  C  C   . LYS A 1 57  ? 2.743   -14.750 -6.727  1.00 14.42 ? 58  LYS A C   1 
ATOM   447  O  O   . LYS A 1 57  ? 3.145   -15.778 -7.277  1.00 16.27 ? 58  LYS A O   1 
ATOM   448  C  CB  . LYS A 1 57  ? 2.409   -14.779 -4.240  1.00 15.92 ? 58  LYS A CB  1 
ATOM   449  C  CG  . LYS A 1 57  ? 2.239   -16.276 -4.155  1.00 20.89 ? 58  LYS A CG  1 
ATOM   450  C  CD  . LYS A 1 57  ? 1.193   -16.615 -3.114  1.00 22.60 ? 58  LYS A CD  1 
ATOM   451  C  CE  . LYS A 1 57  ? 0.960   -18.105 -3.029  1.00 27.59 ? 58  LYS A CE  1 
ATOM   452  N  NZ  . LYS A 1 57  ? -0.467  -18.420 -2.665  1.00 36.28 ? 58  LYS A NZ  1 
ATOM   453  N  N   . ARG A 1 58  ? 1.794   -13.983 -7.258  1.00 17.91 ? 59  ARG A N   1 
ATOM   454  C  CA  . ARG A 1 58  ? 1.208   -14.297 -8.555  1.00 16.21 ? 59  ARG A CA  1 
ATOM   455  C  C   . ARG A 1 58  ? 2.255   -14.221 -9.659  1.00 16.68 ? 59  ARG A C   1 
ATOM   456  O  O   . ARG A 1 58  ? 2.293   -15.068 -10.543 1.00 17.27 ? 59  ARG A O   1 
ATOM   457  C  CB  . ARG A 1 58  ? 0.071   -13.324 -8.865  1.00 20.42 ? 59  ARG A CB  1 
ATOM   458  C  CG  . ARG A 1 58  ? -0.565  -13.514 -10.232 1.00 20.30 ? 59  ARG A CG  1 
ATOM   459  C  CD  . ARG A 1 58  ? -1.456  -14.730 -10.272 1.00 22.54 ? 59  ARG A CD  1 
ATOM   460  N  NE  . ARG A 1 58  ? -2.673  -14.441 -11.034 1.00 28.51 ? 59  ARG A NE  1 
ATOM   461  C  CZ  . ARG A 1 58  ? -3.064  -15.119 -12.105 1.00 31.04 ? 59  ARG A CZ  1 
ATOM   462  N  NH1 . ARG A 1 58  ? -2.336  -16.150 -12.533 1.00 30.19 ? 59  ARG A NH1 1 
ATOM   463  N  NH2 . ARG A 1 58  ? -4.180  -14.779 -12.732 1.00 30.32 ? 59  ARG A NH2 1 
ATOM   464  N  N   . LEU A 1 59  ? 3.075   -13.176 -9.613  1.00 16.91 ? 60  LEU A N   1 
ATOM   465  C  CA  . LEU A 1 59  ? 4.141   -12.966 -10.584 1.00 18.71 ? 60  LEU A CA  1 
ATOM   466  C  C   . LEU A 1 59  ? 5.208   -14.072 -10.493 1.00 24.67 ? 60  LEU A C   1 
ATOM   467  O  O   . LEU A 1 59  ? 5.602   -14.672 -11.502 1.00 24.19 ? 60  LEU A O   1 
ATOM   468  C  CB  . LEU A 1 59  ? 4.776   -11.588 -10.365 1.00 20.64 ? 60  LEU A CB  1 
ATOM   469  C  CG  . LEU A 1 59  ? 3.898   -10.387 -10.726 1.00 24.02 ? 60  LEU A CG  1 
ATOM   470  C  CD1 . LEU A 1 59  ? 4.551   -9.089  -10.263 1.00 24.00 ? 60  LEU A CD1 1 
ATOM   471  C  CD2 . LEU A 1 59  ? 3.640   -10.379 -12.233 1.00 22.24 ? 60  LEU A CD2 1 
ATOM   472  N  N   . PHE A 1 60  ? 5.638   -14.344 -9.260  1.00 25.74 ? 61  PHE A N   1 
ATOM   473  C  CA  . PHE A 1 60  ? 6.639   -15.355 -8.959  1.00 24.63 ? 61  PHE A CA  1 
ATOM   474  C  C   . PHE A 1 60  ? 6.217   -16.705 -9.512  1.00 23.01 ? 61  PHE A C   1 
ATOM   475  O  O   . PHE A 1 60  ? 7.056   -17.428 -10.049 1.00 26.66 ? 61  PHE A O   1 
ATOM   476  C  CB  . PHE A 1 60  ? 6.801   -15.463 -7.450  1.00 25.49 ? 61  PHE A CB  1 
ATOM   477  C  CG  . PHE A 1 60  ? 7.989   -16.260 -7.027  1.00 26.40 ? 61  PHE A CG  1 
ATOM   478  C  CD1 . PHE A 1 60  ? 9.276   -15.737 -7.162  1.00 24.09 ? 61  PHE A CD1 1 
ATOM   479  C  CD2 . PHE A 1 60  ? 7.826   -17.512 -6.450  1.00 26.20 ? 61  PHE A CD2 1 
ATOM   480  C  CE1 . PHE A 1 60  ? 10.384  -16.445 -6.728  1.00 24.35 ? 61  PHE A CE1 1 
ATOM   481  C  CE2 . PHE A 1 60  ? 8.934   -18.231 -6.006  1.00 25.77 ? 61  PHE A CE2 1 
ATOM   482  C  CZ  . PHE A 1 60  ? 10.211  -17.698 -6.147  1.00 23.62 ? 61  PHE A CZ  1 
ATOM   483  N  N   . LYS A 1 61  ? 4.930   -17.044 -9.393  1.00 19.40 ? 62  LYS A N   1 
ATOM   484  C  CA  . LYS A 1 61  ? 4.418   -18.324 -9.909  1.00 18.27 ? 62  LYS A CA  1 
ATOM   485  C  C   . LYS A 1 61  ? 4.553   -18.494 -11.421 1.00 19.70 ? 62  LYS A C   1 
ATOM   486  O  O   . LYS A 1 61  ? 4.315   -19.582 -11.935 1.00 24.66 ? 62  LYS A O   1 
ATOM   487  C  CB  . LYS A 1 61  ? 2.956   -18.519 -9.533  1.00 20.92 ? 62  LYS A CB  1 
ATOM   488  C  CG  . LYS A 1 61  ? 2.722   -19.075 -8.158  1.00 28.96 ? 62  LYS A CG  1 
ATOM   489  C  CD  . LYS A 1 61  ? 1.230   -19.139 -7.873  1.00 35.88 ? 62  LYS A CD  1 
ATOM   490  C  CE  . LYS A 1 61  ? 0.953   -19.810 -6.539  1.00 40.87 ? 62  LYS A CE  1 
ATOM   491  N  NZ  . LYS A 1 61  ? -0.479  -19.684 -6.141  1.00 46.98 ? 62  LYS A NZ  1 
ATOM   492  N  N   . PHE A 1 62  ? 4.862   -17.418 -12.142 1.00 21.98 ? 63  PHE A N   1 
ATOM   493  C  CA  . PHE A 1 62  ? 5.039   -17.497 -13.591 1.00 23.70 ? 63  PHE A CA  1 
ATOM   494  C  C   . PHE A 1 62  ? 6.475   -17.905 -13.933 1.00 26.85 ? 63  PHE A C   1 
ATOM   495  O  O   . PHE A 1 62  ? 6.735   -18.496 -14.990 1.00 30.45 ? 63  PHE A O   1 
ATOM   496  C  CB  . PHE A 1 62  ? 4.755   -16.126 -14.242 1.00 23.89 ? 63  PHE A CB  1 
ATOM   497  C  CG  . PHE A 1 62  ? 3.290   -15.803 -14.412 1.00 22.79 ? 63  PHE A CG  1 
ATOM   498  C  CD1 . PHE A 1 62  ? 2.433   -16.684 -15.063 1.00 22.94 ? 63  PHE A CD1 1 
ATOM   499  C  CD2 . PHE A 1 62  ? 2.781   -14.599 -13.941 1.00 24.84 ? 63  PHE A CD2 1 
ATOM   500  C  CE1 . PHE A 1 62  ? 1.100   -16.374 -15.243 1.00 24.89 ? 63  PHE A CE1 1 
ATOM   501  C  CE2 . PHE A 1 62  ? 1.442   -14.279 -14.116 1.00 28.33 ? 63  PHE A CE2 1 
ATOM   502  C  CZ  . PHE A 1 62  ? 0.604   -15.173 -14.771 1.00 26.60 ? 63  PHE A CZ  1 
ATOM   503  N  N   . LEU A 1 63  ? 7.409   -17.524 -13.064 1.00 28.96 ? 64  LEU A N   1 
ATOM   504  C  CA  . LEU A 1 63  ? 8.831   -17.811 -13.254 1.00 33.06 ? 64  LEU A CA  1 
ATOM   505  C  C   . LEU A 1 63  ? 9.120   -19.317 -13.311 1.00 37.54 ? 64  LEU A C   1 
ATOM   506  O  O   . LEU A 1 63  ? 8.564   -20.107 -12.538 1.00 36.50 ? 64  LEU A O   1 
ATOM   507  C  CB  . LEU A 1 63  ? 9.650   -17.092 -12.176 1.00 28.85 ? 64  LEU A CB  1 
ATOM   508  C  CG  . LEU A 1 63  ? 9.545   -15.559 -12.297 1.00 26.12 ? 64  LEU A CG  1 
ATOM   509  C  CD1 . LEU A 1 63  ? 10.036  -14.878 -11.034 1.00 27.28 ? 64  LEU A CD1 1 
ATOM   510  C  CD2 . LEU A 1 63  ? 10.317  -15.072 -13.503 1.00 26.16 ? 64  LEU A CD2 1 
ATOM   511  N  N   . GLU A 1 64  ? 10.003  -19.696 -14.236 1.00 42.44 ? 65  GLU A N   1 
ATOM   512  C  CA  . GLU A 1 64  ? 10.361  -21.105 -14.454 1.00 46.87 ? 65  GLU A CA  1 
ATOM   513  C  C   . GLU A 1 64  ? 11.846  -21.474 -14.470 1.00 47.24 ? 65  GLU A C   1 
ATOM   514  O  O   . GLU A 1 64  ? 12.187  -22.661 -14.549 1.00 47.68 ? 65  GLU A O   1 
ATOM   515  C  CB  . GLU A 1 64  ? 9.735   -21.557 -15.780 1.00 44.81 ? 65  GLU A CB  1 
ATOM   516  C  CG  . GLU A 1 64  ? 10.049  -20.635 -16.959 1.00 42.52 ? 65  GLU A CG  1 
ATOM   517  C  CD  . GLU A 1 64  ? 9.155   -20.888 -18.172 1.00 43.14 ? 65  GLU A CD  1 
ATOM   518  O  OE1 . GLU A 1 64  ? 7.932   -20.660 -18.095 1.00 42.56 ? 65  GLU A OE1 1 
ATOM   519  O  OE2 . GLU A 1 64  ? 9.689   -21.299 -19.216 1.00 43.86 ? 65  GLU A OE2 1 
ATOM   520  N  N   . GLY A 1 65  ? 12.724  -20.483 -14.349 1.00 49.57 ? 66  GLY A N   1 
ATOM   521  C  CA  . GLY A 1 65  ? 14.142  -20.776 -14.444 1.00 50.70 ? 66  GLY A CA  1 
ATOM   522  C  C   . GLY A 1 65  ? 15.078  -20.610 -13.276 1.00 50.45 ? 66  GLY A C   1 
ATOM   523  O  O   . GLY A 1 65  ? 14.671  -20.645 -12.121 1.00 53.12 ? 66  GLY A O   1 
ATOM   524  N  N   . GLY A 1 66  ? 16.357  -20.447 -13.607 1.00 49.96 ? 67  GLY A N   1 
ATOM   525  C  CA  . GLY A 1 66  ? 17.395  -20.306 -12.598 1.00 50.84 ? 67  GLY A CA  1 
ATOM   526  C  C   . GLY A 1 66  ? 17.719  -18.868 -12.254 1.00 50.81 ? 67  GLY A C   1 
ATOM   527  O  O   . GLY A 1 66  ? 16.888  -18.156 -11.715 1.00 51.40 ? 67  GLY A O   1 
ATOM   528  N  N   . ASP A 1 67  ? 18.943  -18.447 -12.542 1.00 52.73 ? 68  ASP A N   1 
ATOM   529  C  CA  . ASP A 1 67  ? 19.368  -17.081 -12.257 1.00 53.91 ? 68  ASP A CA  1 
ATOM   530  C  C   . ASP A 1 67  ? 19.040  -16.104 -13.373 1.00 52.46 ? 68  ASP A C   1 
ATOM   531  O  O   . ASP A 1 67  ? 19.092  -16.465 -14.549 1.00 53.40 ? 68  ASP A O   1 
ATOM   532  C  CB  . ASP A 1 67  ? 20.862  -17.035 -11.933 1.00 57.33 ? 68  ASP A CB  1 
ATOM   533  C  CG  . ASP A 1 67  ? 21.145  -17.271 -10.463 1.00 60.28 ? 68  ASP A CG  1 
ATOM   534  O  OD1 . ASP A 1 67  ? 20.507  -18.162 -9.855  1.00 60.45 ? 68  ASP A OD1 1 
ATOM   535  O  OD2 . ASP A 1 67  ? 22.000  -16.546 -9.914  1.00 63.71 ? 68  ASP A OD2 1 
ATOM   536  N  N   . LEU A 1 68  ? 18.715  -14.868 -12.998 1.00 49.35 ? 69  LEU A N   1 
ATOM   537  C  CA  . LEU A 1 68  ? 18.377  -13.832 -13.968 1.00 45.83 ? 69  LEU A CA  1 
ATOM   538  C  C   . LEU A 1 68  ? 18.858  -12.465 -13.517 1.00 42.87 ? 69  LEU A C   1 
ATOM   539  O  O   . LEU A 1 68  ? 18.589  -12.034 -12.395 1.00 40.27 ? 69  LEU A O   1 
ATOM   540  C  CB  . LEU A 1 68  ? 16.866  -13.826 -14.215 1.00 45.69 ? 69  LEU A CB  1 
ATOM   541  C  CG  . LEU A 1 68  ? 16.281  -12.957 -15.328 1.00 46.88 ? 69  LEU A CG  1 
ATOM   542  C  CD1 . LEU A 1 68  ? 16.880  -13.338 -16.676 1.00 47.52 ? 69  LEU A CD1 1 
ATOM   543  C  CD2 . LEU A 1 68  ? 14.775  -13.145 -15.342 1.00 48.66 ? 69  LEU A CD2 1 
ATOM   544  N  N   . GLU A 1 69  ? 19.656  -11.832 -14.368 1.00 44.09 ? 70  GLU A N   1 
ATOM   545  C  CA  . GLU A 1 69  ? 20.194  -10.511 -14.084 1.00 47.23 ? 70  GLU A CA  1 
ATOM   546  C  C   . GLU A 1 69  ? 19.192  -9.405  -14.340 1.00 46.01 ? 70  GLU A C   1 
ATOM   547  O  O   . GLU A 1 69  ? 18.505  -9.391  -15.356 1.00 44.80 ? 70  GLU A O   1 
ATOM   548  C  CB  . GLU A 1 69  ? 21.460  -10.273 -14.892 1.00 51.42 ? 70  GLU A CB  1 
ATOM   549  C  CG  . GLU A 1 69  ? 22.235  -9.058  -14.449 1.00 59.15 ? 70  GLU A CG  1 
ATOM   550  C  CD  . GLU A 1 69  ? 23.725  -9.322  -14.418 1.00 64.87 ? 70  GLU A CD  1 
ATOM   551  O  OE1 . GLU A 1 69  ? 24.354  -9.277  -15.498 1.00 66.85 ? 70  GLU A OE1 1 
ATOM   552  O  OE2 . GLU A 1 69  ? 24.263  -9.593  -13.316 1.00 67.78 ? 70  GLU A OE2 1 
ATOM   553  N  N   . ILE A 1 70  ? 19.185  -8.438  -13.438 1.00 46.42 ? 71  ILE A N   1 
ATOM   554  C  CA  . ILE A 1 70  ? 18.256  -7.317  -13.475 1.00 44.26 ? 71  ILE A CA  1 
ATOM   555  C  C   . ILE A 1 70  ? 19.016  -6.002  -13.370 1.00 42.59 ? 71  ILE A C   1 
ATOM   556  O  O   . ILE A 1 70  ? 20.039  -5.917  -12.677 1.00 40.09 ? 71  ILE A O   1 
ATOM   557  C  CB  . ILE A 1 70  ? 17.301  -7.397  -12.228 1.00 43.73 ? 71  ILE A CB  1 
ATOM   558  C  CG1 . ILE A 1 70  ? 15.934  -7.936  -12.620 1.00 43.32 ? 71  ILE A CG1 1 
ATOM   559  C  CG2 . ILE A 1 70  ? 17.187  -6.049  -11.458 1.00 41.90 ? 71  ILE A CG2 1 
ATOM   560  C  CD1 . ILE A 1 70  ? 15.097  -8.241  -11.406 1.00 46.44 ? 71  ILE A CD1 1 
ATOM   561  N  N   . VAL A 1 71  ? 18.505  -4.980  -14.051 1.00 41.75 ? 72  VAL A N   1 
ATOM   562  C  CA  . VAL A 1 71  ? 19.085  -3.644  -13.977 1.00 41.35 ? 72  VAL A CA  1 
ATOM   563  C  C   . VAL A 1 71  ? 17.879  -2.799  -13.634 1.00 37.56 ? 72  VAL A C   1 
ATOM   564  O  O   . VAL A 1 71  ? 16.895  -2.806  -14.373 1.00 39.46 ? 72  VAL A O   1 
ATOM   565  C  CB  . VAL A 1 71  ? 19.692  -3.150  -15.315 1.00 40.74 ? 72  VAL A CB  1 
ATOM   566  C  CG1 . VAL A 1 71  ? 20.610  -1.970  -15.050 1.00 41.04 ? 72  VAL A CG1 1 
ATOM   567  C  CG2 . VAL A 1 71  ? 20.467  -4.267  -16.003 1.00 44.22 ? 72  VAL A CG2 1 
ATOM   568  N  N   . ALA A 1 72  ? 17.907  -2.140  -12.484 1.00 37.69 ? 73  ALA A N   1 
ATOM   569  C  CA  . ALA A 1 72  ? 16.758  -1.343  -12.082 1.00 35.94 ? 73  ALA A CA  1 
ATOM   570  C  C   . ALA A 1 72  ? 17.056  -0.388  -10.939 1.00 35.60 ? 73  ALA A C   1 
ATOM   571  O  O   . ALA A 1 72  ? 17.932  -0.653  -10.113 1.00 33.05 ? 73  ALA A O   1 
ATOM   572  C  CB  . ALA A 1 72  ? 15.612  -2.271  -11.697 1.00 38.27 ? 73  ALA A CB  1 
ATOM   573  N  N   . ALA A 1 73  ? 16.333  0.730   -10.906 1.00 32.39 ? 74  ALA A N   1 
ATOM   574  C  CA  . ALA A 1 73  ? 16.524  1.727   -9.855  1.00 31.56 ? 74  ALA A CA  1 
ATOM   575  C  C   . ALA A 1 73  ? 15.432  1.594   -8.806  1.00 32.58 ? 74  ALA A C   1 
ATOM   576  O  O   . ALA A 1 73  ? 14.243  1.516   -9.138  1.00 33.52 ? 74  ALA A O   1 
ATOM   577  C  CB  . ALA A 1 73  ? 16.525  3.125   -10.443 1.00 30.53 ? 74  ALA A CB  1 
ATOM   578  N  N   . PHE A 1 74  ? 15.841  1.567   -7.542  1.00 30.22 ? 75  PHE A N   1 
ATOM   579  C  CA  . PHE A 1 74  ? 14.903  1.421   -6.442  1.00 27.79 ? 75  PHE A CA  1 
ATOM   580  C  C   . PHE A 1 74  ? 15.182  2.530   -5.438  1.00 27.81 ? 75  PHE A C   1 
ATOM   581  O  O   . PHE A 1 74  ? 16.295  3.061   -5.386  1.00 29.75 ? 75  PHE A O   1 
ATOM   582  C  CB  . PHE A 1 74  ? 15.117  0.066   -5.749  1.00 27.22 ? 75  PHE A CB  1 
ATOM   583  C  CG  . PHE A 1 74  ? 15.030  -1.110  -6.682  1.00 28.87 ? 75  PHE A CG  1 
ATOM   584  C  CD1 . PHE A 1 74  ? 13.793  -1.568  -7.135  1.00 29.14 ? 75  PHE A CD1 1 
ATOM   585  C  CD2 . PHE A 1 74  ? 16.179  -1.777  -7.094  1.00 27.94 ? 75  PHE A CD2 1 
ATOM   586  C  CE1 . PHE A 1 74  ? 13.704  -2.676  -7.988  1.00 25.98 ? 75  PHE A CE1 1 
ATOM   587  C  CE2 . PHE A 1 74  ? 16.093  -2.888  -7.953  1.00 28.75 ? 75  PHE A CE2 1 
ATOM   588  C  CZ  . PHE A 1 74  ? 14.854  -3.331  -8.397  1.00 26.20 ? 75  PHE A CZ  1 
ATOM   589  N  N   . PRO A 1 75  ? 14.172  2.920   -4.648  1.00 27.25 ? 76  PRO A N   1 
ATOM   590  C  CA  . PRO A 1 75  ? 14.425  3.976   -3.674  1.00 28.66 ? 76  PRO A CA  1 
ATOM   591  C  C   . PRO A 1 75  ? 15.385  3.520   -2.587  1.00 32.49 ? 76  PRO A C   1 
ATOM   592  O  O   . PRO A 1 75  ? 15.144  2.521   -1.889  1.00 28.83 ? 76  PRO A O   1 
ATOM   593  C  CB  . PRO A 1 75  ? 13.035  4.288   -3.131  1.00 25.25 ? 76  PRO A CB  1 
ATOM   594  C  CG  . PRO A 1 75  ? 12.317  3.022   -3.298  1.00 23.39 ? 76  PRO A CG  1 
ATOM   595  C  CD  . PRO A 1 75  ? 12.757  2.531   -4.635  1.00 24.49 ? 76  PRO A CD  1 
ATOM   596  N  N   . ALA A 1 76  ? 16.521  4.208   -2.537  1.00 33.94 ? 77  ALA A N   1 
ATOM   597  C  CA  . ALA A 1 76  ? 17.553  3.949   -1.551  1.00 33.71 ? 77  ALA A CA  1 
ATOM   598  C  C   . ALA A 1 76  ? 17.167  4.477   -0.170  1.00 34.62 ? 77  ALA A C   1 
ATOM   599  O  O   . ALA A 1 76  ? 17.662  5.508   0.312   1.00 34.23 ? 77  ALA A O   1 
ATOM   600  C  CB  . ALA A 1 76  ? 18.905  4.512   -2.010  1.00 33.77 ? 77  ALA A CB  1 
ATOM   601  N  N   . GLY A 1 77  ? 16.239  3.749   0.435   1.00 35.45 ? 78  GLY A N   1 
ATOM   602  C  CA  . GLY A 1 77  ? 15.805  4.035   1.774   1.00 36.88 ? 78  GLY A CA  1 
ATOM   603  C  C   . GLY A 1 77  ? 14.874  5.163   2.142   1.00 40.04 ? 78  GLY A C   1 
ATOM   604  O  O   . GLY A 1 77  ? 13.981  5.605   1.387   1.00 32.91 ? 78  GLY A O   1 
ATOM   605  N  N   . ILE A 1 78  ? 15.041  5.453   3.434   1.00 43.04 ? 79  ILE A N   1 
ATOM   606  C  CA  . ILE A 1 78  ? 14.376  6.461   4.246   1.00 40.09 ? 79  ILE A CA  1 
ATOM   607  C  C   . ILE A 1 78  ? 13.027  6.228   4.916   1.00 37.11 ? 79  ILE A C   1 
ATOM   608  O  O   . ILE A 1 78  ? 12.003  6.059   4.267   1.00 36.64 ? 79  ILE A O   1 
ATOM   609  C  CB  . ILE A 1 78  ? 14.545  7.886   3.687   1.00 43.94 ? 79  ILE A CB  1 
ATOM   610  C  CG1 . ILE A 1 78  ? 15.994  8.314   3.915   1.00 44.85 ? 79  ILE A CG1 1 
ATOM   611  C  CG2 . ILE A 1 78  ? 13.678  8.890   4.455   1.00 45.34 ? 79  ILE A CG2 1 
ATOM   612  C  CD1 . ILE A 1 78  ? 16.347  8.416   5.396   1.00 47.95 ? 79  ILE A CD1 1 
ATOM   613  N  N   . ILE A 1 79  ? 13.102  6.062   6.236   1.00 33.91 ? 80  ILE A N   1 
ATOM   614  C  CA  . ILE A 1 79  ? 11.932  5.894   7.091   1.00 35.65 ? 80  ILE A CA  1 
ATOM   615  C  C   . ILE A 1 79  ? 11.929  7.266   7.750   1.00 38.49 ? 80  ILE A C   1 
ATOM   616  O  O   . ILE A 1 79  ? 12.913  7.639   8.385   1.00 41.54 ? 80  ILE A O   1 
ATOM   617  C  CB  . ILE A 1 79  ? 12.121  4.846   8.182   1.00 34.10 ? 80  ILE A CB  1 
ATOM   618  C  CG1 . ILE A 1 79  ? 12.190  3.455   7.558   1.00 32.77 ? 80  ILE A CG1 1 
ATOM   619  C  CG2 . ILE A 1 79  ? 10.968  4.910   9.165   1.00 32.86 ? 80  ILE A CG2 1 
ATOM   620  C  CD1 . ILE A 1 79  ? 12.737  2.420   8.488   1.00 31.67 ? 80  ILE A CD1 1 
ATOM   621  N  N   . ALA A 1 80  ? 10.886  8.050   7.521   1.00 36.20 ? 81  ALA A N   1 
ATOM   622  C  CA  . ALA A 1 80  ? 10.814  9.389   8.091   1.00 32.71 ? 81  ALA A CA  1 
ATOM   623  C  C   . ALA A 1 80  ? 9.568   9.469   8.946   1.00 31.13 ? 81  ALA A C   1 
ATOM   624  O  O   . ALA A 1 80  ? 9.119   8.460   9.480   1.00 33.18 ? 81  ALA A O   1 
ATOM   625  C  CB  . ALA A 1 80  ? 10.752  10.398  6.970   1.00 31.24 ? 81  ALA A CB  1 
ATOM   626  N  N   . ASP A 1 81  ? 9.036   10.678  9.120   1.00 28.12 ? 82  ASP A N   1 
ATOM   627  C  CA  . ASP A 1 81  ? 7.811   10.849  9.871   1.00 24.55 ? 82  ASP A CA  1 
ATOM   628  C  C   . ASP A 1 81  ? 6.712   10.295  8.965   1.00 21.56 ? 82  ASP A C   1 
ATOM   629  O  O   . ASP A 1 81  ? 6.874   10.244  7.740   1.00 18.85 ? 82  ASP A O   1 
ATOM   630  C  CB  . ASP A 1 81  ? 7.579   12.326  10.201  1.00 31.73 ? 82  ASP A CB  1 
ATOM   631  C  CG  . ASP A 1 81  ? 7.437   13.187  8.969   1.00 35.33 ? 82  ASP A CG  1 
ATOM   632  O  OD1 . ASP A 1 81  ? 8.456   13.400  8.275   1.00 41.95 ? 82  ASP A OD1 1 
ATOM   633  O  OD2 . ASP A 1 81  ? 6.308   13.660  8.701   1.00 37.92 ? 82  ASP A OD2 1 
ATOM   634  N  N   . THR A 1 82  ? 5.594   9.915   9.563   1.00 17.85 ? 83  THR A N   1 
ATOM   635  C  CA  . THR A 1 82  ? 4.469   9.329   8.829   1.00 20.56 ? 83  THR A CA  1 
ATOM   636  C  C   . THR A 1 82  ? 3.922   10.091  7.633   1.00 19.38 ? 83  THR A C   1 
ATOM   637  O  O   . THR A 1 82  ? 3.722   9.482   6.586   1.00 21.74 ? 83  THR A O   1 
ATOM   638  C  CB  . THR A 1 82  ? 3.374   8.906   9.832   1.00 20.04 ? 83  THR A CB  1 
ATOM   639  O  OG1 . THR A 1 82  ? 3.905   7.852   10.647  1.00 18.78 ? 83  THR A OG1 1 
ATOM   640  C  CG2 . THR A 1 82  ? 2.102   8.444   9.136   1.00 19.12 ? 83  THR A CG2 1 
ATOM   641  N  N   . HIS A 1 83  ? 3.728   11.406  7.749   1.00 20.28 ? 84  HIS A N   1 
ATOM   642  C  CA  . HIS A 1 83  ? 3.223   12.194  6.599   1.00 19.14 ? 84  HIS A CA  1 
ATOM   643  C  C   . HIS A 1 83  ? 4.151   12.043  5.371   1.00 18.25 ? 84  HIS A C   1 
ATOM   644  O  O   . HIS A 1 83  ? 3.693   11.793  4.259   1.00 18.98 ? 84  HIS A O   1 
ATOM   645  C  CB  . HIS A 1 83  ? 3.046   13.675  6.984   1.00 22.05 ? 84  HIS A CB  1 
ATOM   646  C  CG  . HIS A 1 83  ? 2.737   14.565  5.817   1.00 22.25 ? 84  HIS A CG  1 
ATOM   647  N  ND1 . HIS A 1 83  ? 1.482   14.649  5.257   1.00 24.88 ? 84  HIS A ND1 1 
ATOM   648  C  CD2 . HIS A 1 83  ? 3.540   15.350  5.056   1.00 23.30 ? 84  HIS A CD2 1 
ATOM   649  C  CE1 . HIS A 1 83  ? 1.528   15.436  4.196   1.00 23.36 ? 84  HIS A CE1 1 
ATOM   650  N  NE2 . HIS A 1 83  ? 2.763   15.876  4.053   1.00 22.05 ? 84  HIS A NE2 1 
ATOM   651  N  N   . ALA A 1 84  ? 5.454   12.130  5.593   1.00 19.22 ? 85  ALA A N   1 
ATOM   652  C  CA  . ALA A 1 84  ? 6.418   11.977  4.512   1.00 18.49 ? 85  ALA A CA  1 
ATOM   653  C  C   . ALA A 1 84  ? 6.420   10.558  3.959   1.00 16.88 ? 85  ALA A C   1 
ATOM   654  O  O   . ALA A 1 84  ? 6.579   10.359  2.757   1.00 21.18 ? 85  ALA A O   1 
ATOM   655  C  CB  . ALA A 1 84  ? 7.800   12.331  5.013   1.00 20.65 ? 85  ALA A CB  1 
ATOM   656  N  N   . ASN A 1 85  ? 6.269   9.574   4.841   1.00 18.51 ? 86  ASN A N   1 
ATOM   657  C  CA  . ASN A 1 85  ? 6.234   8.171   4.420   1.00 16.94 ? 86  ASN A CA  1 
ATOM   658  C  C   . ASN A 1 85  ? 5.029   7.896   3.521   1.00 15.77 ? 86  ASN A C   1 
ATOM   659  O  O   . ASN A 1 85  ? 5.123   7.124   2.564   1.00 19.73 ? 86  ASN A O   1 
ATOM   660  C  CB  . ASN A 1 85  ? 6.229   7.227   5.640   1.00 16.60 ? 86  ASN A CB  1 
ATOM   661  C  CG  . ASN A 1 85  ? 7.533   7.276   6.420   1.00 15.90 ? 86  ASN A CG  1 
ATOM   662  O  OD1 . ASN A 1 85  ? 8.585   7.632   5.879   1.00 12.90 ? 86  ASN A OD1 1 
ATOM   663  N  ND2 . ASN A 1 85  ? 7.466   6.932   7.698   1.00 11.89 ? 86  ASN A ND2 1 
ATOM   664  N  N   . LEU A 1 86  ? 3.907   8.543   3.831   1.00 18.54 ? 87  LEU A N   1 
ATOM   665  C  CA  . LEU A 1 86  ? 2.675   8.406   3.045   1.00 17.21 ? 87  LEU A CA  1 
ATOM   666  C  C   . LEU A 1 86  ? 2.837   9.044   1.670   1.00 15.00 ? 87  LEU A C   1 
ATOM   667  O  O   . LEU A 1 86  ? 2.350   8.519   0.674   1.00 15.47 ? 87  LEU A O   1 
ATOM   668  C  CB  . LEU A 1 86  ? 1.478   9.019   3.779   1.00 12.02 ? 87  LEU A CB  1 
ATOM   669  C  CG  . LEU A 1 86  ? 0.908   8.282   4.989   1.00 10.47 ? 87  LEU A CG  1 
ATOM   670  C  CD1 . LEU A 1 86  ? 0.026   9.232   5.775   1.00 9.53  ? 87  LEU A CD1 1 
ATOM   671  C  CD2 . LEU A 1 86  ? 0.125   7.056   4.540   1.00 11.08 ? 87  LEU A CD2 1 
ATOM   672  N  N   . ILE A 1 87  ? 3.563   10.153  1.621   1.00 13.73 ? 88  ILE A N   1 
ATOM   673  C  CA  . ILE A 1 87  ? 3.810   10.877  0.374   1.00 18.92 ? 88  ILE A CA  1 
ATOM   674  C  C   . ILE A 1 87  ? 4.750   10.083  -0.540  1.00 17.89 ? 88  ILE A C   1 
ATOM   675  O  O   . ILE A 1 87  ? 4.577   10.061  -1.761  1.00 21.94 ? 88  ILE A O   1 
ATOM   676  C  CB  . ILE A 1 87  ? 4.444   12.270  0.673   1.00 21.37 ? 88  ILE A CB  1 
ATOM   677  C  CG1 . ILE A 1 87  ? 3.448   13.174  1.412   1.00 20.96 ? 88  ILE A CG1 1 
ATOM   678  C  CG2 . ILE A 1 87  ? 4.940   12.921  -0.609  1.00 19.30 ? 88  ILE A CG2 1 
ATOM   679  C  CD1 . ILE A 1 87  ? 2.223   13.515  0.607   1.00 24.71 ? 88  ILE A CD1 1 
ATOM   680  N  N   . ALA A 1 88  ? 5.754   9.448   0.059   1.00 19.03 ? 89  ALA A N   1 
ATOM   681  C  CA  . ALA A 1 88  ? 6.720   8.645   -0.687  1.00 13.67 ? 89  ALA A CA  1 
ATOM   682  C  C   . ALA A 1 88  ? 6.052   7.363   -1.198  1.00 12.58 ? 89  ALA A C   1 
ATOM   683  O  O   . ALA A 1 88  ? 6.289   6.936   -2.324  1.00 16.39 ? 89  ALA A O   1 
ATOM   684  C  CB  . ALA A 1 88  ? 7.887   8.316   0.194   1.00 16.79 ? 89  ALA A CB  1 
ATOM   685  N  N   . SER A 1 89  ? 5.166   6.783   -0.401  1.00 15.51 ? 90  SER A N   1 
ATOM   686  C  CA  . SER A 1 89  ? 4.473   5.566   -0.808  1.00 15.44 ? 90  SER A CA  1 
ATOM   687  C  C   . SER A 1 89  ? 3.555   5.809   -1.995  1.00 16.69 ? 90  SER A C   1 
ATOM   688  O  O   . SER A 1 89  ? 3.640   5.088   -2.983  1.00 18.28 ? 90  SER A O   1 
ATOM   689  C  CB  . SER A 1 89  ? 3.679   4.997   0.373   1.00 18.10 ? 90  SER A CB  1 
ATOM   690  O  OG  . SER A 1 89  ? 4.543   4.563   1.418   1.00 19.26 ? 90  SER A OG  1 
ATOM   691  N  N   . ALA A 1 90  ? 2.700   6.836   -1.904  1.00 16.76 ? 91  ALA A N   1 
ATOM   692  C  CA  . ALA A 1 90  ? 1.770   7.194   -2.987  1.00 14.18 ? 91  ALA A CA  1 
ATOM   693  C  C   . ALA A 1 90  ? 2.559   7.379   -4.272  1.00 15.87 ? 91  ALA A C   1 
ATOM   694  O  O   . ALA A 1 90  ? 2.200   6.847   -5.316  1.00 16.12 ? 91  ALA A O   1 
ATOM   695  C  CB  . ALA A 1 90  ? 1.019   8.472   -2.647  1.00 14.34 ? 91  ALA A CB  1 
ATOM   696  N  N   . ALA A 1 91  ? 3.698   8.056   -4.170  1.00 16.89 ? 92  ALA A N   1 
ATOM   697  C  CA  . ALA A 1 91  ? 4.553   8.307   -5.336  1.00 16.56 ? 92  ALA A CA  1 
ATOM   698  C  C   . ALA A 1 91  ? 5.035   6.999   -5.947  1.00 19.25 ? 92  ALA A C   1 
ATOM   699  O  O   . ALA A 1 91  ? 5.059   6.844   -7.155  1.00 22.51 ? 92  ALA A O   1 
ATOM   700  C  CB  . ALA A 1 91  ? 5.769   9.164   -4.939  1.00 15.01 ? 92  ALA A CB  1 
ATOM   701  N  N   . GLY A 1 92  ? 5.411   6.046   -5.107  1.00 21.43 ? 93  GLY A N   1 
ATOM   702  C  CA  . GLY A 1 92  ? 5.882   4.776   -5.625  1.00 17.45 ? 93  GLY A CA  1 
ATOM   703  C  C   . GLY A 1 92  ? 4.742   4.022   -6.285  1.00 17.88 ? 93  GLY A C   1 
ATOM   704  O  O   . GLY A 1 92  ? 4.895   3.444   -7.371  1.00 18.65 ? 93  GLY A O   1 
ATOM   705  N  N   . GLU A 1 93  ? 3.590   4.048   -5.625  1.00 17.45 ? 94  GLU A N   1 
ATOM   706  C  CA  . GLU A 1 93  ? 2.382   3.403   -6.117  1.00 18.10 ? 94  GLU A CA  1 
ATOM   707  C  C   . GLU A 1 93  ? 2.029   4.045   -7.435  1.00 21.90 ? 94  GLU A C   1 
ATOM   708  O  O   . GLU A 1 93  ? 1.719   3.373   -8.418  1.00 24.81 ? 94  GLU A O   1 
ATOM   709  C  CB  . GLU A 1 93  ? 1.236   3.630   -5.128  1.00 18.74 ? 94  GLU A CB  1 
ATOM   710  C  CG  . GLU A 1 93  ? 1.382   2.917   -3.782  1.00 20.15 ? 94  GLU A CG  1 
ATOM   711  C  CD  . GLU A 1 93  ? 1.136   1.408   -3.878  1.00 24.64 ? 94  GLU A CD  1 
ATOM   712  O  OE1 . GLU A 1 93  ? 0.884   0.921   -5.000  1.00 22.05 ? 94  GLU A OE1 1 
ATOM   713  O  OE2 . GLU A 1 93  ? 1.183   0.726   -2.829  1.00 24.30 ? 94  GLU A OE2 1 
ATOM   714  N  N   . HIS A 1 94  ? 2.189   5.359   -7.477  1.00 23.28 ? 95  HIS A N   1 
ATOM   715  C  CA  . HIS A 1 94  ? 1.859   6.118   -8.660  1.00 22.97 ? 95  HIS A CA  1 
ATOM   716  C  C   . HIS A 1 94  ? 2.637   5.657   -9.863  1.00 24.97 ? 95  HIS A C   1 
ATOM   717  O  O   . HIS A 1 94  ? 2.070   5.500   -10.937 1.00 27.11 ? 95  HIS A O   1 
ATOM   718  C  CB  . HIS A 1 94  ? 2.129   7.595   -8.452  1.00 24.33 ? 95  HIS A CB  1 
ATOM   719  C  CG  . HIS A 1 94  ? 1.732   8.425   -9.626  1.00 27.77 ? 95  HIS A CG  1 
ATOM   720  N  ND1 . HIS A 1 94  ? 0.434   8.840   -9.830  1.00 28.69 ? 95  HIS A ND1 1 
ATOM   721  C  CD2 . HIS A 1 94  ? 2.448   8.894   -10.676 1.00 29.14 ? 95  HIS A CD2 1 
ATOM   722  C  CE1 . HIS A 1 94  ? 0.364   9.525   -10.957 1.00 26.57 ? 95  HIS A CE1 1 
ATOM   723  N  NE2 . HIS A 1 94  ? 1.572   9.575   -11.487 1.00 29.86 ? 95  HIS A NE2 1 
ATOM   724  N  N   . HIS A 1 95  ? 3.944   5.494   -9.691  1.00 23.65 ? 96  HIS A N   1 
ATOM   725  C  CA  . HIS A 1 95  ? 4.825   5.067   -10.776 1.00 25.41 ? 96  HIS A CA  1 
ATOM   726  C  C   . HIS A 1 95  ? 4.514   3.649   -11.260 1.00 24.32 ? 96  HIS A C   1 
ATOM   727  O  O   . HIS A 1 95  ? 4.670   3.332   -12.446 1.00 24.10 ? 96  HIS A O   1 
ATOM   728  C  CB  . HIS A 1 95  ? 6.276   5.187   -10.331 1.00 30.18 ? 96  HIS A CB  1 
ATOM   729  C  CG  . HIS A 1 95  ? 7.237   4.485   -11.234 1.00 36.20 ? 96  HIS A CG  1 
ATOM   730  N  ND1 . HIS A 1 95  ? 7.602   4.984   -12.466 1.00 37.82 ? 96  HIS A ND1 1 
ATOM   731  C  CD2 . HIS A 1 95  ? 7.891   3.305   -11.096 1.00 38.22 ? 96  HIS A CD2 1 
ATOM   732  C  CE1 . HIS A 1 95  ? 8.429   4.135   -13.054 1.00 38.23 ? 96  HIS A CE1 1 
ATOM   733  N  NE2 . HIS A 1 95  ? 8.622   3.110   -12.242 1.00 38.46 ? 96  HIS A NE2 1 
ATOM   734  N  N   . GLU A 1 96  ? 4.069   2.799   -10.348 1.00 22.72 ? 97  GLU A N   1 
ATOM   735  C  CA  . GLU A 1 96  ? 3.729   1.434   -10.717 1.00 22.05 ? 97  GLU A CA  1 
ATOM   736  C  C   . GLU A 1 96  ? 2.525   1.331   -11.650 1.00 20.35 ? 97  GLU A C   1 
ATOM   737  O  O   . GLU A 1 96  ? 2.585   0.653   -12.674 1.00 25.01 ? 97  GLU A O   1 
ATOM   738  C  CB  . GLU A 1 96  ? 3.512   0.572   -9.467  1.00 24.37 ? 97  GLU A CB  1 
ATOM   739  C  CG  . GLU A 1 96  ? 4.790   0.105   -8.783  1.00 26.80 ? 97  GLU A CG  1 
ATOM   740  C  CD  . GLU A 1 96  ? 4.527   -0.796  -7.581  1.00 25.44 ? 97  GLU A CD  1 
ATOM   741  O  OE1 . GLU A 1 96  ? 3.796   -1.795  -7.709  1.00 23.11 ? 97  GLU A OE1 1 
ATOM   742  O  OE2 . GLU A 1 96  ? 5.060   -0.509  -6.500  1.00 27.99 ? 97  GLU A OE2 1 
ATOM   743  N  N   . TYR A 1 97  ? 1.444   2.023   -11.315 1.00 19.01 ? 98  TYR A N   1 
ATOM   744  C  CA  . TYR A 1 97  ? 0.244   1.934   -12.131 1.00 18.65 ? 98  TYR A CA  1 
ATOM   745  C  C   . TYR A 1 97  ? 0.254   2.847   -13.340 1.00 19.43 ? 98  TYR A C   1 
ATOM   746  O  O   . TYR A 1 97  ? -0.406  2.565   -14.327 1.00 23.78 ? 98  TYR A O   1 
ATOM   747  C  CB  . TYR A 1 97  ? -1.036  2.091   -11.268 1.00 18.86 ? 98  TYR A CB  1 
ATOM   748  C  CG  . TYR A 1 97  ? -1.502  3.503   -10.935 1.00 21.25 ? 98  TYR A CG  1 
ATOM   749  C  CD1 . TYR A 1 97  ? -2.271  4.230   -11.838 1.00 24.13 ? 98  TYR A CD1 1 
ATOM   750  C  CD2 . TYR A 1 97  ? -1.212  4.089   -9.704  1.00 22.54 ? 98  TYR A CD2 1 
ATOM   751  C  CE1 . TYR A 1 97  ? -2.740  5.510   -11.530 1.00 26.10 ? 98  TYR A CE1 1 
ATOM   752  C  CE2 . TYR A 1 97  ? -1.680  5.369   -9.373  1.00 24.58 ? 98  TYR A CE2 1 
ATOM   753  C  CZ  . TYR A 1 97  ? -2.441  6.065   -10.299 1.00 26.05 ? 98  TYR A CZ  1 
ATOM   754  O  OH  . TYR A 1 97  ? -2.907  7.346   -10.016 1.00 26.58 ? 98  TYR A OH  1 
ATOM   755  N  N   . THR A 1 98  ? 1.009   3.933   -13.287 1.00 23.82 ? 99  THR A N   1 
ATOM   756  C  CA  . THR A 1 98  ? 1.042   4.825   -14.441 1.00 27.56 ? 99  THR A CA  1 
ATOM   757  C  C   . THR A 1 98  ? 2.134   4.467   -15.442 1.00 30.13 ? 99  THR A C   1 
ATOM   758  O  O   . THR A 1 98  ? 1.913   4.540   -16.655 1.00 35.07 ? 99  THR A O   1 
ATOM   759  C  CB  . THR A 1 98  ? 1.177   6.310   -14.033 1.00 26.69 ? 99  THR A CB  1 
ATOM   760  O  OG1 . THR A 1 98  ? 2.452   6.537   -13.428 1.00 31.67 ? 99  THR A OG1 1 
ATOM   761  C  CG2 . THR A 1 98  ? 0.089   6.693   -13.058 1.00 25.50 ? 99  THR A CG2 1 
ATOM   762  N  N   . GLU A 1 99  ? 3.293   4.042   -14.941 1.00 33.47 ? 100 GLU A N   1 
ATOM   763  C  CA  . GLU A 1 99  ? 4.404   3.698   -15.824 1.00 34.03 ? 100 GLU A CA  1 
ATOM   764  C  C   . GLU A 1 99  ? 4.836   2.241   -15.911 1.00 32.56 ? 100 GLU A C   1 
ATOM   765  O  O   . GLU A 1 99  ? 4.777   1.644   -16.989 1.00 32.87 ? 100 GLU A O   1 
ATOM   766  C  CB  . GLU A 1 99  ? 5.620   4.585   -15.521 1.00 39.60 ? 100 GLU A CB  1 
ATOM   767  C  CG  . GLU A 1 99  ? 5.731   5.814   -16.435 1.00 49.58 ? 100 GLU A CG  1 
ATOM   768  C  CD  . GLU A 1 99  ? 5.859   7.139   -15.683 1.00 55.16 ? 100 GLU A CD  1 
ATOM   769  O  OE1 . GLU A 1 99  ? 6.497   7.162   -14.601 1.00 58.67 ? 100 GLU A OE1 1 
ATOM   770  O  OE2 . GLU A 1 99  ? 5.329   8.159   -16.192 1.00 56.24 ? 100 GLU A OE2 1 
ATOM   771  N  N   . MET A 1 100 ? 5.223   1.648   -14.788 1.00 30.07 ? 101 MET A N   1 
ATOM   772  C  CA  . MET A 1 100 ? 5.711   0.275   -14.818 1.00 23.31 ? 101 MET A CA  1 
ATOM   773  C  C   . MET A 1 100 ? 4.743   -0.762  -15.388 1.00 22.29 ? 101 MET A C   1 
ATOM   774  O  O   . MET A 1 100 ? 4.975   -1.319  -16.461 1.00 21.80 ? 101 MET A O   1 
ATOM   775  C  CB  . MET A 1 100 ? 6.170   -0.150  -13.430 1.00 27.46 ? 101 MET A CB  1 
ATOM   776  C  CG  . MET A 1 100 ? 6.999   -1.414  -13.434 1.00 27.10 ? 101 MET A CG  1 
ATOM   777  S  SD  . MET A 1 100 ? 7.427   -1.923  -11.781 1.00 30.14 ? 101 MET A SD  1 
ATOM   778  C  CE  . MET A 1 100 ? 6.059   -2.922  -11.430 1.00 31.23 ? 101 MET A CE  1 
ATOM   779  N  N   . TYR A 1 101 ? 3.648   -1.010  -14.687 1.00 17.79 ? 102 TYR A N   1 
ATOM   780  C  CA  . TYR A 1 101 ? 2.679   -2.003  -15.139 1.00 23.02 ? 102 TYR A CA  1 
ATOM   781  C  C   . TYR A 1 101 ? 2.098   -1.848  -16.556 1.00 23.03 ? 102 TYR A C   1 
ATOM   782  O  O   . TYR A 1 101 ? 2.009   -2.835  -17.294 1.00 20.25 ? 102 TYR A O   1 
ATOM   783  C  CB  . TYR A 1 101 ? 1.591   -2.212  -14.083 1.00 25.57 ? 102 TYR A CB  1 
ATOM   784  C  CG  . TYR A 1 101 ? 2.065   -3.039  -12.900 1.00 28.23 ? 102 TYR A CG  1 
ATOM   785  C  CD1 . TYR A 1 101 ? 2.496   -4.362  -13.080 1.00 30.03 ? 102 TYR A CD1 1 
ATOM   786  C  CD2 . TYR A 1 101 ? 2.074   -2.507  -11.616 1.00 28.08 ? 102 TYR A CD2 1 
ATOM   787  C  CE1 . TYR A 1 101 ? 2.922   -5.139  -12.000 1.00 32.18 ? 102 TYR A CE1 1 
ATOM   788  C  CE2 . TYR A 1 101 ? 2.499   -3.273  -10.524 1.00 32.17 ? 102 TYR A CE2 1 
ATOM   789  C  CZ  . TYR A 1 101 ? 2.910   -4.583  -10.733 1.00 32.43 ? 102 TYR A CZ  1 
ATOM   790  O  OH  . TYR A 1 101 ? 3.258   -5.379  -9.648  1.00 30.47 ? 102 TYR A OH  1 
ATOM   791  N  N   . PRO A 1 102 ? 1.698   -0.619  -16.962 1.00 22.63 ? 103 PRO A N   1 
ATOM   792  C  CA  . PRO A 1 102 ? 1.149   -0.423  -18.312 1.00 23.93 ? 103 PRO A CA  1 
ATOM   793  C  C   . PRO A 1 102 ? 2.144   -0.877  -19.368 1.00 23.49 ? 103 PRO A C   1 
ATOM   794  O  O   . PRO A 1 102 ? 1.797   -1.602  -20.305 1.00 18.23 ? 103 PRO A O   1 
ATOM   795  C  CB  . PRO A 1 102 ? 0.942   1.092   -18.381 1.00 24.25 ? 103 PRO A CB  1 
ATOM   796  C  CG  . PRO A 1 102 ? 0.550   1.426   -16.993 1.00 27.21 ? 103 PRO A CG  1 
ATOM   797  C  CD  . PRO A 1 102 ? 1.559   0.619   -16.173 1.00 23.28 ? 103 PRO A CD  1 
ATOM   798  N  N   . SER A 1 103 ? 3.394   -0.468  -19.164 1.00 23.00 ? 104 SER A N   1 
ATOM   799  C  CA  . SER A 1 103 ? 4.494   -0.800  -20.053 1.00 26.73 ? 104 SER A CA  1 
ATOM   800  C  C   . SER A 1 103 ? 4.756   -2.294  -20.097 1.00 25.54 ? 104 SER A C   1 
ATOM   801  O  O   . SER A 1 103 ? 4.900   -2.857  -21.172 1.00 30.06 ? 104 SER A O   1 
ATOM   802  C  CB  . SER A 1 103 ? 5.770   -0.105  -19.595 1.00 29.42 ? 104 SER A CB  1 
ATOM   803  O  OG  . SER A 1 103 ? 5.647   1.298   -19.723 1.00 37.35 ? 104 SER A OG  1 
ATOM   804  N  N   . PHE A 1 104 ? 4.824   -2.935  -18.935 1.00 23.61 ? 105 PHE A N   1 
ATOM   805  C  CA  . PHE A 1 104 ? 5.081   -4.374  -18.884 1.00 20.62 ? 105 PHE A CA  1 
ATOM   806  C  C   . PHE A 1 104 ? 3.924   -5.143  -19.520 1.00 20.28 ? 105 PHE A C   1 
ATOM   807  O  O   . PHE A 1 104 ? 4.134   -6.189  -20.123 1.00 22.35 ? 105 PHE A O   1 
ATOM   808  C  CB  . PHE A 1 104 ? 5.246   -4.849  -17.432 1.00 17.89 ? 105 PHE A CB  1 
ATOM   809  C  CG  . PHE A 1 104 ? 6.536   -4.441  -16.788 1.00 14.02 ? 105 PHE A CG  1 
ATOM   810  C  CD1 . PHE A 1 104 ? 7.495   -3.742  -17.485 1.00 14.22 ? 105 PHE A CD1 1 
ATOM   811  C  CD2 . PHE A 1 104 ? 6.770   -4.754  -15.451 1.00 16.93 ? 105 PHE A CD2 1 
ATOM   812  C  CE1 . PHE A 1 104 ? 8.668   -3.352  -16.869 1.00 15.92 ? 105 PHE A CE1 1 
ATOM   813  C  CE2 . PHE A 1 104 ? 7.940   -4.371  -14.822 1.00 15.12 ? 105 PHE A CE2 1 
ATOM   814  C  CZ  . PHE A 1 104 ? 8.888   -3.669  -15.531 1.00 14.63 ? 105 PHE A CZ  1 
ATOM   815  N  N   . ALA A 1 105 ? 2.705   -4.633  -19.373 1.00 21.22 ? 106 ALA A N   1 
ATOM   816  C  CA  . ALA A 1 105 ? 1.519   -5.289  -19.919 1.00 19.28 ? 106 ALA A CA  1 
ATOM   817  C  C   . ALA A 1 105 ? 1.516   -5.186  -21.433 1.00 21.18 ? 106 ALA A C   1 
ATOM   818  O  O   . ALA A 1 105 ? 1.082   -6.089  -22.142 1.00 24.45 ? 106 ALA A O   1 
ATOM   819  C  CB  . ALA A 1 105 ? 0.280   -4.636  -19.371 1.00 19.33 ? 106 ALA A CB  1 
ATOM   820  N  N   . ARG A 1 106 ? 2.023   -4.068  -21.916 1.00 20.54 ? 107 ARG A N   1 
ATOM   821  C  CA  . ARG A 1 106 ? 2.088   -3.785  -23.336 1.00 24.02 ? 107 ARG A CA  1 
ATOM   822  C  C   . ARG A 1 106 ? 3.088   -4.715  -24.024 1.00 26.22 ? 107 ARG A C   1 
ATOM   823  O  O   . ARG A 1 106 ? 2.810   -5.267  -25.099 1.00 27.36 ? 107 ARG A O   1 
ATOM   824  C  CB  . ARG A 1 106 ? 2.502   -2.324  -23.489 1.00 27.95 ? 107 ARG A CB  1 
ATOM   825  C  CG  . ARG A 1 106 ? 2.561   -1.765  -24.881 1.00 31.06 ? 107 ARG A CG  1 
ATOM   826  C  CD  . ARG A 1 106 ? 3.306   -0.439  -24.809 1.00 38.58 ? 107 ARG A CD  1 
ATOM   827  N  NE  . ARG A 1 106 ? 2.747   0.478   -23.816 1.00 43.48 ? 107 ARG A NE  1 
ATOM   828  C  CZ  . ARG A 1 106 ? 3.466   1.310   -23.065 1.00 45.34 ? 107 ARG A CZ  1 
ATOM   829  N  NH1 . ARG A 1 106 ? 4.792   1.319   -23.180 1.00 47.79 ? 107 ARG A NH1 1 
ATOM   830  N  NH2 . ARG A 1 106 ? 2.868   2.121   -22.184 1.00 43.70 ? 107 ARG A NH2 1 
ATOM   831  N  N   . ILE A 1 107 ? 4.238   -4.904  -23.378 1.00 25.43 ? 108 ILE A N   1 
ATOM   832  C  CA  . ILE A 1 107 ? 5.301   -5.764  -23.884 1.00 24.66 ? 108 ILE A CA  1 
ATOM   833  C  C   . ILE A 1 107 ? 4.906   -7.238  -23.876 1.00 26.96 ? 108 ILE A C   1 
ATOM   834  O  O   . ILE A 1 107 ? 5.162   -7.973  -24.838 1.00 27.75 ? 108 ILE A O   1 
ATOM   835  C  CB  . ILE A 1 107 ? 6.577   -5.560  -23.073 1.00 25.21 ? 108 ILE A CB  1 
ATOM   836  C  CG1 . ILE A 1 107 ? 7.099   -4.142  -23.326 1.00 23.83 ? 108 ILE A CG1 1 
ATOM   837  C  CG2 . ILE A 1 107 ? 7.600   -6.654  -23.388 1.00 22.58 ? 108 ILE A CG2 1 
ATOM   838  C  CD1 . ILE A 1 107 ? 8.068   -3.629  -22.299 1.00 24.31 ? 108 ILE A CD1 1 
ATOM   839  N  N   . ALA A 1 108 ? 4.255   -7.663  -22.800 1.00 28.77 ? 109 ALA A N   1 
ATOM   840  C  CA  . ALA A 1 108 ? 3.801   -9.050  -22.678 1.00 31.52 ? 109 ALA A CA  1 
ATOM   841  C  C   . ALA A 1 108 ? 2.843   -9.398  -23.834 1.00 33.53 ? 109 ALA A C   1 
ATOM   842  O  O   . ALA A 1 108 ? 2.819   -10.534 -24.306 1.00 35.22 ? 109 ALA A O   1 
ATOM   843  C  CB  . ALA A 1 108 ? 3.130   -9.288  -21.308 1.00 30.96 ? 109 ALA A CB  1 
ATOM   844  N  N   . ARG A 1 109 ? 2.081   -8.408  -24.302 1.00 39.23 ? 110 ARG A N   1 
ATOM   845  C  CA  . ARG A 1 109 ? 1.158   -8.601  -25.424 1.00 42.81 ? 110 ARG A CA  1 
ATOM   846  C  C   . ARG A 1 109 ? 1.939   -8.771  -26.728 1.00 43.88 ? 110 ARG A C   1 
ATOM   847  O  O   . ARG A 1 109 ? 1.704   -9.719  -27.473 1.00 44.75 ? 110 ARG A O   1 
ATOM   848  C  CB  . ARG A 1 109 ? 0.229   -7.399  -25.599 1.00 41.35 ? 110 ARG A CB  1 
ATOM   849  C  CG  . ARG A 1 109 ? -0.953  -7.363  -24.677 1.00 40.90 ? 110 ARG A CG  1 
ATOM   850  C  CD  . ARG A 1 109 ? -1.736  -6.079  -24.860 1.00 42.24 ? 110 ARG A CD  1 
ATOM   851  N  NE  . ARG A 1 109 ? -2.465  -5.765  -23.642 1.00 42.00 ? 110 ARG A NE  1 
ATOM   852  C  CZ  . ARG A 1 109 ? -2.364  -4.616  -22.983 1.00 41.06 ? 110 ARG A CZ  1 
ATOM   853  N  NH1 . ARG A 1 109 ? -1.606  -3.624  -23.458 1.00 35.75 ? 110 ARG A NH1 1 
ATOM   854  N  NH2 . ARG A 1 109 ? -3.064  -4.444  -21.862 1.00 38.30 ? 110 ARG A NH2 1 
ATOM   855  N  N   . GLU A 1 110 ? 2.855   -7.844  -27.003 1.00 44.71 ? 111 GLU A N   1 
ATOM   856  C  CA  . GLU A 1 110 ? 3.674   -7.902  -28.211 1.00 46.06 ? 111 GLU A CA  1 
ATOM   857  C  C   . GLU A 1 110 ? 4.332   -9.268  -28.290 1.00 45.47 ? 111 GLU A C   1 
ATOM   858  O  O   . GLU A 1 110 ? 4.546   -9.794  -29.382 1.00 49.07 ? 111 GLU A O   1 
ATOM   859  C  CB  . GLU A 1 110 ? 4.776   -6.838  -28.175 1.00 48.11 ? 111 GLU A CB  1 
ATOM   860  C  CG  . GLU A 1 110 ? 4.302   -5.392  -28.276 1.00 51.84 ? 111 GLU A CG  1 
ATOM   861  C  CD  . GLU A 1 110 ? 5.436   -4.383  -28.063 1.00 55.15 ? 111 GLU A CD  1 
ATOM   862  O  OE1 . GLU A 1 110 ? 6.593   -4.687  -28.457 1.00 55.93 ? 111 GLU A OE1 1 
ATOM   863  O  OE2 . GLU A 1 110 ? 5.169   -3.293  -27.488 1.00 55.63 ? 111 GLU A OE2 1 
ATOM   864  N  N   . GLU A 1 111 ? 4.637   -9.839  -27.124 1.00 42.37 ? 112 GLU A N   1 
ATOM   865  C  CA  . GLU A 1 111 ? 5.299   -11.141 -27.040 1.00 36.23 ? 112 GLU A CA  1 
ATOM   866  C  C   . GLU A 1 111 ? 4.411   -12.386 -26.960 1.00 35.30 ? 112 GLU A C   1 
ATOM   867  O  O   . GLU A 1 111 ? 4.914   -13.501 -26.767 1.00 36.71 ? 112 GLU A O   1 
ATOM   868  C  CB  . GLU A 1 111 ? 6.308   -11.122 -25.896 1.00 36.47 ? 112 GLU A CB  1 
ATOM   869  C  CG  . GLU A 1 111 ? 7.453   -10.135 -26.088 1.00 36.52 ? 112 GLU A CG  1 
ATOM   870  C  CD  . GLU A 1 111 ? 8.634   -10.424 -25.174 1.00 36.64 ? 112 GLU A CD  1 
ATOM   871  O  OE1 . GLU A 1 111 ? 8.402   -10.758 -23.998 1.00 37.04 ? 112 GLU A OE1 1 
ATOM   872  O  OE2 . GLU A 1 111 ? 9.794   -10.329 -25.629 1.00 36.06 ? 112 GLU A OE2 1 
ATOM   873  N  N   . GLY A 1 112 ? 3.102   -12.209 -27.109 1.00 33.67 ? 113 GLY A N   1 
ATOM   874  C  CA  . GLY A 1 112 ? 2.203   -13.351 -27.071 1.00 31.75 ? 113 GLY A CA  1 
ATOM   875  C  C   . GLY A 1 112 ? 1.858   -13.904 -25.705 1.00 32.27 ? 113 GLY A C   1 
ATOM   876  O  O   . GLY A 1 112 ? 1.480   -15.073 -25.595 1.00 30.41 ? 113 GLY A O   1 
ATOM   877  N  N   . TYR A 1 113 ? 1.993   -13.081 -24.668 1.00 31.91 ? 114 TYR A N   1 
ATOM   878  C  CA  . TYR A 1 113 ? 1.654   -13.493 -23.302 1.00 34.92 ? 114 TYR A CA  1 
ATOM   879  C  C   . TYR A 1 113 ? 0.477   -12.623 -22.830 1.00 36.43 ? 114 TYR A C   1 
ATOM   880  O  O   . TYR A 1 113 ? 0.638   -11.748 -21.984 1.00 36.90 ? 114 TYR A O   1 
ATOM   881  C  CB  . TYR A 1 113 ? 2.878   -13.338 -22.379 1.00 32.67 ? 114 TYR A CB  1 
ATOM   882  C  CG  . TYR A 1 113 ? 4.152   -14.032 -22.870 1.00 34.46 ? 114 TYR A CG  1 
ATOM   883  C  CD1 . TYR A 1 113 ? 4.251   -15.438 -22.918 1.00 34.83 ? 114 TYR A CD1 1 
ATOM   884  C  CD2 . TYR A 1 113 ? 5.266   -13.279 -23.263 1.00 35.52 ? 114 TYR A CD2 1 
ATOM   885  C  CE1 . TYR A 1 113 ? 5.432   -16.070 -23.345 1.00 32.43 ? 114 TYR A CE1 1 
ATOM   886  C  CE2 . TYR A 1 113 ? 6.444   -13.898 -23.689 1.00 35.79 ? 114 TYR A CE2 1 
ATOM   887  C  CZ  . TYR A 1 113 ? 6.514   -15.285 -23.723 1.00 35.06 ? 114 TYR A CZ  1 
ATOM   888  O  OH  . TYR A 1 113 ? 7.697   -15.874 -24.145 1.00 36.08 ? 114 TYR A OH  1 
ATOM   889  N  N   . GLU A 1 114 ? -0.709  -12.878 -23.377 1.00 40.22 ? 115 GLU A N   1 
ATOM   890  C  CA  . GLU A 1 114 ? -1.905  -12.111 -23.038 1.00 41.92 ? 115 GLU A CA  1 
ATOM   891  C  C   . GLU A 1 114 ? -2.339  -12.280 -21.580 1.00 40.07 ? 115 GLU A C   1 
ATOM   892  O  O   . GLU A 1 114 ? -2.640  -11.305 -20.894 1.00 40.08 ? 115 GLU A O   1 
ATOM   893  C  CB  . GLU A 1 114 ? -3.052  -12.450 -24.001 1.00 48.46 ? 115 GLU A CB  1 
ATOM   894  C  CG  . GLU A 1 114 ? -3.691  -11.218 -24.710 1.00 55.18 ? 115 GLU A CG  1 
ATOM   895  C  CD  . GLU A 1 114 ? -4.724  -10.469 -23.848 1.00 58.89 ? 115 GLU A CD  1 
ATOM   896  O  OE1 . GLU A 1 114 ? -5.846  -11.000 -23.655 1.00 62.40 ? 115 GLU A OE1 1 
ATOM   897  O  OE2 . GLU A 1 114 ? -4.424  -9.345  -23.374 1.00 62.27 ? 115 GLU A OE2 1 
ATOM   898  N  N   . GLU A 1 115 ? -2.300  -13.510 -21.087 1.00 38.60 ? 116 GLU A N   1 
ATOM   899  C  CA  . GLU A 1 115 ? -2.687  -13.814 -19.712 1.00 36.47 ? 116 GLU A CA  1 
ATOM   900  C  C   . GLU A 1 115 ? -1.840  -13.031 -18.701 1.00 33.98 ? 116 GLU A C   1 
ATOM   901  O  O   . GLU A 1 115 ? -2.346  -12.596 -17.674 1.00 36.78 ? 116 GLU A O   1 
ATOM   902  C  CB  . GLU A 1 115 ? -2.576  -15.339 -19.523 1.00 42.47 ? 116 GLU A CB  1 
ATOM   903  C  CG  . GLU A 1 115 ? -1.920  -15.848 -18.241 1.00 49.71 ? 116 GLU A CG  1 
ATOM   904  C  CD  . GLU A 1 115 ? -2.915  -16.171 -17.132 1.00 55.50 ? 116 GLU A CD  1 
ATOM   905  O  OE1 . GLU A 1 115 ? -3.618  -15.232 -16.660 1.00 57.46 ? 116 GLU A OE1 1 
ATOM   906  O  OE2 . GLU A 1 115 ? -2.973  -17.359 -16.727 1.00 57.03 ? 116 GLU A OE2 1 
ATOM   907  N  N   . ILE A 1 116 ? -0.561  -12.832 -19.013 1.00 28.40 ? 117 ILE A N   1 
ATOM   908  C  CA  . ILE A 1 116 ? 0.345   -12.085 -18.137 1.00 26.58 ? 117 ILE A CA  1 
ATOM   909  C  C   . ILE A 1 116 ? 0.062   -10.603 -18.291 1.00 24.60 ? 117 ILE A C   1 
ATOM   910  O  O   . ILE A 1 116 ? 0.139   -9.869  -17.305 1.00 25.50 ? 117 ILE A O   1 
ATOM   911  C  CB  . ILE A 1 116 ? 1.837   -12.439 -18.404 1.00 27.21 ? 117 ILE A CB  1 
ATOM   912  C  CG1 . ILE A 1 116 ? 2.038   -13.945 -18.182 1.00 25.93 ? 117 ILE A CG1 1 
ATOM   913  C  CG2 . ILE A 1 116 ? 2.766   -11.667 -17.469 1.00 24.20 ? 117 ILE A CG2 1 
ATOM   914  C  CD1 . ILE A 1 116 ? 3.412   -14.461 -18.504 1.00 21.79 ? 117 ILE A CD1 1 
ATOM   915  N  N   . ALA A 1 117 ? -0.332  -10.175 -19.498 1.00 24.32 ? 118 ALA A N   1 
ATOM   916  C  CA  . ALA A 1 117 ? -0.674  -8.763  -19.733 1.00 21.87 ? 118 ALA A CA  1 
ATOM   917  C  C   . ALA A 1 117 ? -1.983  -8.484  -18.982 1.00 23.36 ? 118 ALA A C   1 
ATOM   918  O  O   . ALA A 1 117 ? -2.188  -7.404  -18.438 1.00 22.75 ? 118 ALA A O   1 
ATOM   919  C  CB  . ALA A 1 117 ? -0.832  -8.492  -21.215 1.00 19.11 ? 118 ALA A CB  1 
ATOM   920  N  N   . ARG A 1 118 ? -2.817  -9.511  -18.865 1.00 26.36 ? 119 ARG A N   1 
ATOM   921  C  CA  . ARG A 1 118 ? -4.088  -9.409  -18.162 1.00 29.83 ? 119 ARG A CA  1 
ATOM   922  C  C   . ARG A 1 118 ? -3.866  -9.221  -16.660 1.00 28.25 ? 119 ARG A C   1 
ATOM   923  O  O   . ARG A 1 118 ? -4.543  -8.419  -16.000 1.00 28.53 ? 119 ARG A O   1 
ATOM   924  C  CB  . ARG A 1 118 ? -4.918  -10.668 -18.403 1.00 41.46 ? 119 ARG A CB  1 
ATOM   925  C  CG  . ARG A 1 118 ? -6.294  -10.420 -19.014 1.00 51.29 ? 119 ARG A CG  1 
ATOM   926  C  CD  . ARG A 1 118 ? -7.413  -10.397 -17.960 1.00 60.26 ? 119 ARG A CD  1 
ATOM   927  N  NE  . ARG A 1 118 ? -7.453  -9.173  -17.151 1.00 66.91 ? 119 ARG A NE  1 
ATOM   928  C  CZ  . ARG A 1 118 ? -8.572  -8.642  -16.646 1.00 70.32 ? 119 ARG A CZ  1 
ATOM   929  N  NH1 . ARG A 1 118 ? -9.756  -9.223  -16.859 1.00 71.18 ? 119 ARG A NH1 1 
ATOM   930  N  NH2 . ARG A 1 118 ? -8.512  -7.525  -15.922 1.00 71.90 ? 119 ARG A NH2 1 
ATOM   931  N  N   . VAL A 1 119 ? -2.897  -9.962  -16.134 1.00 25.09 ? 120 VAL A N   1 
ATOM   932  C  CA  . VAL A 1 119 ? -2.537  -9.916  -14.719 1.00 21.55 ? 120 VAL A CA  1 
ATOM   933  C  C   . VAL A 1 119 ? -1.846  -8.577  -14.382 1.00 16.95 ? 120 VAL A C   1 
ATOM   934  O  O   . VAL A 1 119 ? -2.150  -7.955  -13.361 1.00 14.46 ? 120 VAL A O   1 
ATOM   935  C  CB  . VAL A 1 119 ? -1.627  -11.146 -14.364 1.00 23.37 ? 120 VAL A CB  1 
ATOM   936  C  CG1 . VAL A 1 119 ? -0.979  -10.986 -12.990 1.00 19.90 ? 120 VAL A CG1 1 
ATOM   937  C  CG2 . VAL A 1 119 ? -2.452  -12.427 -14.407 1.00 21.89 ? 120 VAL A CG2 1 
ATOM   938  N  N   . PHE A 1 120 ? -0.939  -8.133  -15.258 1.00 15.28 ? 121 PHE A N   1 
ATOM   939  C  CA  . PHE A 1 120 ? -0.209  -6.876  -15.084 1.00 16.03 ? 121 PHE A CA  1 
ATOM   940  C  C   . PHE A 1 120 ? -1.140  -5.681  -15.095 1.00 19.50 ? 121 PHE A C   1 
ATOM   941  O  O   . PHE A 1 120 ? -0.927  -4.722  -14.373 1.00 20.34 ? 121 PHE A O   1 
ATOM   942  C  CB  . PHE A 1 120 ? 0.809   -6.685  -16.206 1.00 21.76 ? 121 PHE A CB  1 
ATOM   943  C  CG  . PHE A 1 120 ? 2.136   -7.377  -15.985 1.00 20.84 ? 121 PHE A CG  1 
ATOM   944  C  CD1 . PHE A 1 120 ? 2.750   -7.386  -14.729 1.00 21.36 ? 121 PHE A CD1 1 
ATOM   945  C  CD2 . PHE A 1 120 ? 2.828   -7.912  -17.075 1.00 20.21 ? 121 PHE A CD2 1 
ATOM   946  C  CE1 . PHE A 1 120 ? 4.020   -7.904  -14.577 1.00 21.07 ? 121 PHE A CE1 1 
ATOM   947  C  CE2 . PHE A 1 120 ? 4.115   -8.436  -16.925 1.00 20.67 ? 121 PHE A CE2 1 
ATOM   948  C  CZ  . PHE A 1 120 ? 4.707   -8.429  -15.682 1.00 21.10 ? 121 PHE A CZ  1 
ATOM   949  N  N   . ALA A 1 121 ? -2.153  -5.723  -15.951 1.00 15.72 ? 122 ALA A N   1 
ATOM   950  C  CA  . ALA A 1 121 ? -3.116  -4.642  -16.022 1.00 16.70 ? 122 ALA A CA  1 
ATOM   951  C  C   . ALA A 1 121 ? -4.041  -4.672  -14.807 1.00 19.31 ? 122 ALA A C   1 
ATOM   952  O  O   . ALA A 1 121 ? -4.464  -3.619  -14.333 1.00 21.89 ? 122 ALA A O   1 
ATOM   953  C  CB  . ALA A 1 121 ? -3.923  -4.747  -17.288 1.00 16.21 ? 122 ALA A CB  1 
ATOM   954  N  N   . SER A 1 122 ? -4.345  -5.862  -14.285 1.00 15.17 ? 123 SER A N   1 
ATOM   955  C  CA  . SER A 1 122 ? -5.219  -5.968  -13.115 1.00 15.99 ? 123 SER A CA  1 
ATOM   956  C  C   . SER A 1 122 ? -4.557  -5.520  -11.819 1.00 18.72 ? 123 SER A C   1 
ATOM   957  O  O   . SER A 1 122 ? -5.216  -4.996  -10.927 1.00 21.59 ? 123 SER A O   1 
ATOM   958  C  CB  . SER A 1 122 ? -5.726  -7.393  -12.980 1.00 16.77 ? 123 SER A CB  1 
ATOM   959  O  OG  . SER A 1 122 ? -6.443  -7.765  -14.139 1.00 20.92 ? 123 SER A OG  1 
ATOM   960  N  N   . ILE A 1 123 ? -3.244  -5.705  -11.721 1.00 19.31 ? 124 ILE A N   1 
ATOM   961  C  CA  . ILE A 1 123 ? -2.509  -5.286  -10.532 1.00 19.04 ? 124 ILE A CA  1 
ATOM   962  C  C   . ILE A 1 123 ? -2.495  -3.759  -10.449 1.00 15.11 ? 124 ILE A C   1 
ATOM   963  O  O   . ILE A 1 123 ? -2.656  -3.180  -9.373  1.00 21.32 ? 124 ILE A O   1 
ATOM   964  C  CB  . ILE A 1 123 ? -1.048  -5.844  -10.548 1.00 16.70 ? 124 ILE A CB  1 
ATOM   965  C  CG1 . ILE A 1 123 ? -1.071  -7.366  -10.354 1.00 16.69 ? 124 ILE A CG1 1 
ATOM   966  C  CG2 . ILE A 1 123 ? -0.203  -5.195  -9.463  1.00 16.44 ? 124 ILE A CG2 1 
ATOM   967  C  CD1 . ILE A 1 123 ? 0.251   -8.054  -10.690 1.00 18.17 ? 124 ILE A CD1 1 
ATOM   968  N  N   . ALA A 1 124 ? -2.338  -3.119  -11.604 1.00 14.23 ? 125 ALA A N   1 
ATOM   969  C  CA  . ALA A 1 124 ? -2.307  -1.668  -11.691 1.00 13.84 ? 125 ALA A CA  1 
ATOM   970  C  C   . ALA A 1 124 ? -3.582  -1.045  -11.100 1.00 17.16 ? 125 ALA A C   1 
ATOM   971  O  O   . ALA A 1 124 ? -3.542  0.023   -10.477 1.00 17.53 ? 125 ALA A O   1 
ATOM   972  C  CB  . ALA A 1 124 ? -2.109  -1.240  -13.134 1.00 12.38 ? 125 ALA A CB  1 
ATOM   973  N  N   . VAL A 1 125 ? -4.708  -1.736  -11.255 1.00 18.01 ? 126 VAL A N   1 
ATOM   974  C  CA  . VAL A 1 125 ? -5.998  -1.267  -10.726 1.00 16.40 ? 126 VAL A CA  1 
ATOM   975  C  C   . VAL A 1 125 ? -5.933  -1.174  -9.204  1.00 19.61 ? 126 VAL A C   1 
ATOM   976  O  O   . VAL A 1 125 ? -6.382  -0.196  -8.616  1.00 20.27 ? 126 VAL A O   1 
ATOM   977  C  CB  . VAL A 1 125 ? -7.150  -2.220  -11.156 1.00 14.80 ? 126 VAL A CB  1 
ATOM   978  C  CG1 . VAL A 1 125 ? -8.428  -1.924  -10.405 1.00 13.95 ? 126 VAL A CG1 1 
ATOM   979  C  CG2 . VAL A 1 125 ? -7.379  -2.091  -12.645 1.00 15.81 ? 126 VAL A CG2 1 
ATOM   980  N  N   . ALA A 1 126 ? -5.302  -2.163  -8.581  1.00 18.53 ? 127 ALA A N   1 
ATOM   981  C  CA  . ALA A 1 126 ? -5.152  -2.209  -7.123  1.00 11.99 ? 127 ALA A CA  1 
ATOM   982  C  C   . ALA A 1 126 ? -4.133  -1.164  -6.663  1.00 10.71 ? 127 ALA A C   1 
ATOM   983  O  O   . ALA A 1 126 ? -4.261  -0.566  -5.584  1.00 12.40 ? 127 ALA A O   1 
ATOM   984  C  CB  . ALA A 1 126 ? -4.699  -3.603  -6.707  1.00 15.08 ? 127 ALA A CB  1 
ATOM   985  N  N   . GLU A 1 127 ? -3.120  -0.949  -7.498  1.00 10.23 ? 128 GLU A N   1 
ATOM   986  C  CA  . GLU A 1 127 ? -2.076  0.005   -7.207  1.00 11.44 ? 128 GLU A CA  1 
ATOM   987  C  C   . GLU A 1 127 ? -2.617  1.422   -7.248  1.00 16.05 ? 128 GLU A C   1 
ATOM   988  O  O   . GLU A 1 127 ? -2.061  2.322   -6.622  1.00 16.42 ? 128 GLU A O   1 
ATOM   989  C  CB  . GLU A 1 127 ? -0.888  -0.176  -8.149  1.00 13.13 ? 128 GLU A CB  1 
ATOM   990  C  CG  . GLU A 1 127 ? -0.399  -1.613  -8.257  1.00 18.43 ? 128 GLU A CG  1 
ATOM   991  C  CD  . GLU A 1 127 ? 0.295   -2.152  -7.003  1.00 24.23 ? 128 GLU A CD  1 
ATOM   992  O  OE1 . GLU A 1 127 ? -0.113  -1.843  -5.868  1.00 22.69 ? 128 GLU A OE1 1 
ATOM   993  O  OE2 . GLU A 1 127 ? 1.254   -2.929  -7.161  1.00 25.27 ? 128 GLU A OE2 1 
ATOM   994  N  N   . GLU A 1 128 ? -3.705  1.631   -7.981  1.00 17.76 ? 129 GLU A N   1 
ATOM   995  C  CA  . GLU A 1 128 ? -4.315  2.956   -8.039  1.00 21.77 ? 129 GLU A CA  1 
ATOM   996  C  C   . GLU A 1 128 ? -5.086  3.275   -6.739  1.00 17.74 ? 129 GLU A C   1 
ATOM   997  O  O   . GLU A 1 128 ? -5.047  4.412   -6.260  1.00 19.41 ? 129 GLU A O   1 
ATOM   998  C  CB  . GLU A 1 128 ? -5.207  3.091   -9.268  1.00 25.62 ? 129 GLU A CB  1 
ATOM   999  C  CG  . GLU A 1 128 ? -5.946  4.406   -9.358  1.00 30.72 ? 129 GLU A CG  1 
ATOM   1000 C  CD  . GLU A 1 128 ? -6.383  4.725   -10.778 1.00 34.69 ? 129 GLU A CD  1 
ATOM   1001 O  OE1 . GLU A 1 128 ? -6.545  3.781   -11.588 1.00 36.30 ? 129 GLU A OE1 1 
ATOM   1002 O  OE2 . GLU A 1 128 ? -6.528  5.928   -11.084 1.00 38.29 ? 129 GLU A OE2 1 
ATOM   1003 N  N   . PHE A 1 129 ? -5.764  2.285   -6.160  1.00 15.51 ? 130 PHE A N   1 
ATOM   1004 C  CA  . PHE A 1 129 ? -6.477  2.515   -4.901  1.00 15.70 ? 130 PHE A CA  1 
ATOM   1005 C  C   . PHE A 1 129 ? -5.476  2.704   -3.728  1.00 17.54 ? 130 PHE A C   1 
ATOM   1006 O  O   . PHE A 1 129 ? -5.684  3.535   -2.843  1.00 16.48 ? 130 PHE A O   1 
ATOM   1007 C  CB  . PHE A 1 129 ? -7.522  1.404   -4.609  1.00 17.92 ? 130 PHE A CB  1 
ATOM   1008 C  CG  . PHE A 1 129 ? -8.356  1.647   -3.354  1.00 23.60 ? 130 PHE A CG  1 
ATOM   1009 C  CD1 . PHE A 1 129 ? -9.152  2.795   -3.223  1.00 25.19 ? 130 PHE A CD1 1 
ATOM   1010 C  CD2 . PHE A 1 129 ? -8.284  0.765   -2.270  1.00 23.29 ? 130 PHE A CD2 1 
ATOM   1011 C  CE1 . PHE A 1 129 ? -9.854  3.072   -2.030  1.00 24.28 ? 130 PHE A CE1 1 
ATOM   1012 C  CE2 . PHE A 1 129 ? -8.983  1.032   -1.066  1.00 26.14 ? 130 PHE A CE2 1 
ATOM   1013 C  CZ  . PHE A 1 129 ? -9.761  2.188   -0.952  1.00 25.48 ? 130 PHE A CZ  1 
ATOM   1014 N  N   . HIS A 1 130 ? -4.357  1.987   -3.749  1.00 16.27 ? 131 HIS A N   1 
ATOM   1015 C  CA  . HIS A 1 130 ? -3.353  2.139   -2.688  1.00 13.06 ? 131 HIS A CA  1 
ATOM   1016 C  C   . HIS A 1 130 ? -2.861  3.554   -2.614  1.00 9.57  ? 131 HIS A C   1 
ATOM   1017 O  O   . HIS A 1 130 ? -2.703  4.081   -1.532  1.00 12.34 ? 131 HIS A O   1 
ATOM   1018 C  CB  . HIS A 1 130 ? -2.121  1.257   -2.952  1.00 15.13 ? 131 HIS A CB  1 
ATOM   1019 C  CG  . HIS A 1 130 ? -2.395  -0.212  -2.799  1.00 14.59 ? 131 HIS A CG  1 
ATOM   1020 N  ND1 . HIS A 1 130 ? -1.524  -1.173  -3.260  1.00 17.49 ? 131 HIS A ND1 1 
ATOM   1021 C  CD2 . HIS A 1 130 ? -3.409  -0.887  -2.199  1.00 16.17 ? 131 HIS A CD2 1 
ATOM   1022 C  CE1 . HIS A 1 130 ? -1.979  -2.374  -2.945  1.00 16.05 ? 131 HIS A CE1 1 
ATOM   1023 N  NE2 . HIS A 1 130 ? -3.121  -2.228  -2.299  1.00 18.44 ? 131 HIS A NE2 1 
ATOM   1024 N  N   . GLU A 1 131 ? -2.560  4.142   -3.773  1.00 10.18 ? 132 GLU A N   1 
ATOM   1025 C  CA  . GLU A 1 131 ? -2.083  5.526   -3.848  1.00 12.87 ? 132 GLU A CA  1 
ATOM   1026 C  C   . GLU A 1 131 ? -3.123  6.492   -3.338  1.00 15.19 ? 132 GLU A C   1 
ATOM   1027 O  O   . GLU A 1 131 ? -2.818  7.389   -2.566  1.00 19.16 ? 132 GLU A O   1 
ATOM   1028 C  CB  . GLU A 1 131 ? -1.781  5.930   -5.274  1.00 11.96 ? 132 GLU A CB  1 
ATOM   1029 C  CG  . GLU A 1 131 ? -1.260  7.339   -5.321  1.00 17.51 ? 132 GLU A CG  1 
ATOM   1030 C  CD  . GLU A 1 131 ? -1.498  8.046   -6.643  1.00 20.81 ? 132 GLU A CD  1 
ATOM   1031 O  OE1 . GLU A 1 131 ? -2.510  7.750   -7.309  1.00 22.78 ? 132 GLU A OE1 1 
ATOM   1032 O  OE2 . GLU A 1 131 ? -0.674  8.916   -6.990  1.00 21.84 ? 132 GLU A OE2 1 
ATOM   1033 N  N   . LYS A 1 132 ? -4.351  6.336   -3.800  1.00 17.48 ? 133 LYS A N   1 
ATOM   1034 C  CA  . LYS A 1 132 ? -5.419  7.227   -3.363  1.00 21.52 ? 133 LYS A CA  1 
ATOM   1035 C  C   . LYS A 1 132 ? -5.610  7.204   -1.858  1.00 20.58 ? 133 LYS A C   1 
ATOM   1036 O  O   . LYS A 1 132 ? -5.702  8.244   -1.205  1.00 18.97 ? 133 LYS A O   1 
ATOM   1037 C  CB  . LYS A 1 132 ? -6.720  6.849   -4.070  1.00 30.96 ? 133 LYS A CB  1 
ATOM   1038 C  CG  . LYS A 1 132 ? -7.107  7.761   -5.253  1.00 43.99 ? 133 LYS A CG  1 
ATOM   1039 C  CD  . LYS A 1 132 ? -6.082  7.783   -6.418  1.00 50.22 ? 133 LYS A CD  1 
ATOM   1040 C  CE  . LYS A 1 132 ? -6.538  8.778   -7.521  1.00 53.73 ? 133 LYS A CE  1 
ATOM   1041 N  NZ  . LYS A 1 132 ? -5.601  8.975   -8.691  1.00 56.40 ? 133 LYS A NZ  1 
ATOM   1042 N  N   . ARG A 1 133 ? -5.577  6.003   -1.302  1.00 22.11 ? 134 ARG A N   1 
ATOM   1043 C  CA  . ARG A 1 133 ? -5.735  5.803   0.132   1.00 20.13 ? 134 ARG A CA  1 
ATOM   1044 C  C   . ARG A 1 133 ? -4.586  6.490   0.894   1.00 18.98 ? 134 ARG A C   1 
ATOM   1045 O  O   . ARG A 1 133 ? -4.808  7.200   1.881   1.00 17.37 ? 134 ARG A O   1 
ATOM   1046 C  CB  . ARG A 1 133 ? -5.766  4.298   0.390   1.00 20.78 ? 134 ARG A CB  1 
ATOM   1047 C  CG  . ARG A 1 133 ? -6.142  3.863   1.773   1.00 23.63 ? 134 ARG A CG  1 
ATOM   1048 C  CD  . ARG A 1 133 ? -5.467  2.540   2.020   1.00 28.96 ? 134 ARG A CD  1 
ATOM   1049 N  NE  . ARG A 1 133 ? -6.411  1.450   2.156   1.00 29.36 ? 134 ARG A NE  1 
ATOM   1050 C  CZ  . ARG A 1 133 ? -6.096  0.167   2.045   1.00 24.99 ? 134 ARG A CZ  1 
ATOM   1051 N  NH1 . ARG A 1 133 ? -4.866  -0.220  1.740   1.00 24.05 ? 134 ARG A NH1 1 
ATOM   1052 N  NH2 . ARG A 1 133 ? -7.052  -0.728  2.207   1.00 23.45 ? 134 ARG A NH2 1 
ATOM   1053 N  N   . PHE A 1 134 ? -3.365  6.361   0.382   1.00 17.59 ? 135 PHE A N   1 
ATOM   1054 C  CA  . PHE A 1 134 ? -2.203  6.982   1.039   1.00 16.58 ? 135 PHE A CA  1 
ATOM   1055 C  C   . PHE A 1 134 ? -2.265  8.493   0.977   1.00 19.31 ? 135 PHE A C   1 
ATOM   1056 O  O   . PHE A 1 134 ? -1.810  9.194   1.901   1.00 17.45 ? 135 PHE A O   1 
ATOM   1057 C  CB  . PHE A 1 134 ? -0.876  6.501   0.414   1.00 13.06 ? 135 PHE A CB  1 
ATOM   1058 C  CG  . PHE A 1 134 ? -0.489  5.089   0.797   1.00 16.82 ? 135 PHE A CG  1 
ATOM   1059 C  CD1 . PHE A 1 134 ? -0.752  4.589   2.079   1.00 15.90 ? 135 PHE A CD1 1 
ATOM   1060 C  CD2 . PHE A 1 134 ? 0.177   4.273   -0.116  1.00 15.15 ? 135 PHE A CD2 1 
ATOM   1061 C  CE1 . PHE A 1 134 ? -0.358  3.311   2.433   1.00 12.28 ? 135 PHE A CE1 1 
ATOM   1062 C  CE2 . PHE A 1 134 ? 0.575   2.981   0.241   1.00 11.63 ? 135 PHE A CE2 1 
ATOM   1063 C  CZ  . PHE A 1 134 ? 0.304   2.509   1.514   1.00 11.54 ? 135 PHE A CZ  1 
ATOM   1064 N  N   . LEU A 1 135 ? -2.832  8.988   -0.124  1.00 17.39 ? 136 LEU A N   1 
ATOM   1065 C  CA  . LEU A 1 135 ? -2.947  10.421  -0.353  1.00 19.42 ? 136 LEU A CA  1 
ATOM   1066 C  C   . LEU A 1 135 ? -3.972  11.079  0.546   1.00 15.89 ? 136 LEU A C   1 
ATOM   1067 O  O   . LEU A 1 135 ? -3.755  12.200  1.021   1.00 17.14 ? 136 LEU A O   1 
ATOM   1068 C  CB  . LEU A 1 135 ? -3.268  10.706  -1.815  1.00 17.86 ? 136 LEU A CB  1 
ATOM   1069 C  CG  . LEU A 1 135 ? -2.095  10.445  -2.761  1.00 21.18 ? 136 LEU A CG  1 
ATOM   1070 C  CD1 . LEU A 1 135 ? -2.545  10.610  -4.202  1.00 21.57 ? 136 LEU A CD1 1 
ATOM   1071 C  CD2 . LEU A 1 135 ? -0.914  11.357  -2.437  1.00 19.84 ? 136 LEU A CD2 1 
ATOM   1072 N  N   . ASP A 1 136 ? -5.054  10.357  0.826   1.00 15.56 ? 137 ASP A N   1 
ATOM   1073 C  CA  . ASP A 1 136 ? -6.118  10.874  1.682   1.00 14.89 ? 137 ASP A CA  1 
ATOM   1074 C  C   . ASP A 1 136 ? -5.626  11.001  3.097   1.00 18.58 ? 137 ASP A C   1 
ATOM   1075 O  O   . ASP A 1 136 ? -5.870  12.024  3.755   1.00 20.48 ? 137 ASP A O   1 
ATOM   1076 C  CB  . ASP A 1 136 ? -7.327  9.950   1.650   1.00 16.76 ? 137 ASP A CB  1 
ATOM   1077 C  CG  . ASP A 1 136 ? -8.092  10.016  0.340   1.00 19.31 ? 137 ASP A CG  1 
ATOM   1078 O  OD1 . ASP A 1 136 ? -7.778  10.866  -0.505  1.00 21.58 ? 137 ASP A OD1 1 
ATOM   1079 O  OD2 . ASP A 1 136 ? -9.011  9.190   0.156   1.00 24.40 ? 137 ASP A OD2 1 
ATOM   1080 N  N   . PHE A 1 137 ? -4.894  9.983   3.551   1.00 15.32 ? 138 PHE A N   1 
ATOM   1081 C  CA  . PHE A 1 137 ? -4.352  9.979   4.911   1.00 12.76 ? 138 PHE A CA  1 
ATOM   1082 C  C   . PHE A 1 137 ? -3.307  11.077  5.094   1.00 11.76 ? 138 PHE A C   1 
ATOM   1083 O  O   . PHE A 1 137 ? -3.246  11.715  6.155   1.00 15.38 ? 138 PHE A O   1 
ATOM   1084 C  CB  . PHE A 1 137 ? -3.756  8.600   5.263   1.00 10.29 ? 138 PHE A CB  1 
ATOM   1085 C  CG  . PHE A 1 137 ? -4.789  7.554   5.554   1.00 7.61  ? 138 PHE A CG  1 
ATOM   1086 C  CD1 . PHE A 1 137 ? -5.672  7.711   6.619   1.00 9.88  ? 138 PHE A CD1 1 
ATOM   1087 C  CD2 . PHE A 1 137 ? -4.883  6.412   4.767   1.00 13.25 ? 138 PHE A CD2 1 
ATOM   1088 C  CE1 . PHE A 1 137 ? -6.648  6.736   6.899   1.00 10.86 ? 138 PHE A CE1 1 
ATOM   1089 C  CE2 . PHE A 1 137 ? -5.849  5.431   5.039   1.00 13.63 ? 138 PHE A CE2 1 
ATOM   1090 C  CZ  . PHE A 1 137 ? -6.729  5.600   6.110   1.00 12.12 ? 138 PHE A CZ  1 
ATOM   1091 N  N   . ALA A 1 138 ? -2.474  11.283  4.074   1.00 11.31 ? 139 ALA A N   1 
ATOM   1092 C  CA  . ALA A 1 138 ? -1.448  12.333  4.118   1.00 13.69 ? 139 ALA A CA  1 
ATOM   1093 C  C   . ALA A 1 138 ? -2.129  13.703  4.322   1.00 14.48 ? 139 ALA A C   1 
ATOM   1094 O  O   . ALA A 1 138 ? -1.743  14.490  5.204   1.00 15.03 ? 139 ALA A O   1 
ATOM   1095 C  CB  . ALA A 1 138 ? -0.632  12.316  2.820   1.00 10.69 ? 139 ALA A CB  1 
ATOM   1096 N  N   . ARG A 1 139 ? -3.202  13.916  3.558   1.00 15.26 ? 140 ARG A N   1 
ATOM   1097 C  CA  . ARG A 1 139 ? -4.009  15.140  3.593   1.00 16.74 ? 140 ARG A CA  1 
ATOM   1098 C  C   . ARG A 1 139 ? -4.677  15.374  4.957   1.00 17.58 ? 140 ARG A C   1 
ATOM   1099 O  O   . ARG A 1 139 ? -4.656  16.483  5.490   1.00 18.38 ? 140 ARG A O   1 
ATOM   1100 C  CB  . ARG A 1 139 ? -5.071  15.074  2.494   1.00 17.41 ? 140 ARG A CB  1 
ATOM   1101 C  CG  . ARG A 1 139 ? -5.950  16.287  2.396   1.00 22.77 ? 140 ARG A CG  1 
ATOM   1102 C  CD  . ARG A 1 139 ? -6.551  16.373  1.015   1.00 27.14 ? 140 ARG A CD  1 
ATOM   1103 N  NE  . ARG A 1 139 ? -7.458  15.276  0.702   1.00 32.45 ? 140 ARG A NE  1 
ATOM   1104 C  CZ  . ARG A 1 139 ? -7.378  14.509  -0.386  1.00 37.55 ? 140 ARG A CZ  1 
ATOM   1105 N  NH1 . ARG A 1 139 ? -6.411  14.691  -1.285  1.00 41.09 ? 140 ARG A NH1 1 
ATOM   1106 N  NH2 . ARG A 1 139 ? -8.269  13.537  -0.572  1.00 40.54 ? 140 ARG A NH2 1 
ATOM   1107 N  N   . ASN A 1 140 ? -5.282  14.332  5.514   1.00 17.07 ? 141 ASN A N   1 
ATOM   1108 C  CA  . ASN A 1 140 ? -5.913  14.438  6.831   1.00 18.44 ? 141 ASN A CA  1 
ATOM   1109 C  C   . ASN A 1 140 ? -4.912  14.855  7.891   1.00 20.99 ? 141 ASN A C   1 
ATOM   1110 O  O   . ASN A 1 140 ? -5.229  15.624  8.792   1.00 27.67 ? 141 ASN A O   1 
ATOM   1111 C  CB  . ASN A 1 140 ? -6.504  13.097  7.252   1.00 16.18 ? 141 ASN A CB  1 
ATOM   1112 C  CG  . ASN A 1 140 ? -7.625  12.648  6.366   1.00 17.71 ? 141 ASN A CG  1 
ATOM   1113 O  OD1 . ASN A 1 140 ? -7.911  11.467  6.267   1.00 20.91 ? 141 ASN A OD1 1 
ATOM   1114 N  ND2 . ASN A 1 140 ? -8.292  13.588  5.731   1.00 14.29 ? 141 ASN A ND2 1 
ATOM   1115 N  N   . ILE A 1 141 ? -3.705  14.309  7.804   1.00 22.37 ? 142 ILE A N   1 
ATOM   1116 C  CA  . ILE A 1 141 ? -2.647  14.622  8.751   1.00 19.21 ? 142 ILE A CA  1 
ATOM   1117 C  C   . ILE A 1 141 ? -2.287  16.077  8.621   1.00 18.58 ? 142 ILE A C   1 
ATOM   1118 O  O   . ILE A 1 141 ? -2.371  16.835  9.590   1.00 22.34 ? 142 ILE A O   1 
ATOM   1119 C  CB  . ILE A 1 141 ? -1.383  13.747  8.493   1.00 20.03 ? 142 ILE A CB  1 
ATOM   1120 C  CG1 . ILE A 1 141 ? -1.635  12.304  8.939   1.00 17.42 ? 142 ILE A CG1 1 
ATOM   1121 C  CG2 . ILE A 1 141 ? -0.180  14.304  9.205   1.00 16.69 ? 142 ILE A CG2 1 
ATOM   1122 C  CD1 . ILE A 1 141 ? -0.506  11.365  8.605   1.00 19.32 ? 142 ILE A CD1 1 
ATOM   1123 N  N   . LYS A 1 142 ? -1.955  16.462  7.400   1.00 18.36 ? 143 LYS A N   1 
ATOM   1124 C  CA  . LYS A 1 142 ? -1.559  17.822  7.090   1.00 21.66 ? 143 LYS A CA  1 
ATOM   1125 C  C   . LYS A 1 142 ? -2.627  18.849  7.465   1.00 22.36 ? 143 LYS A C   1 
ATOM   1126 O  O   . LYS A 1 142 ? -2.292  19.941  7.910   1.00 22.67 ? 143 LYS A O   1 
ATOM   1127 C  CB  . LYS A 1 142 ? -1.220  17.917  5.612   1.00 23.45 ? 143 LYS A CB  1 
ATOM   1128 C  CG  . LYS A 1 142 ? -0.362  19.100  5.268   1.00 28.71 ? 143 LYS A CG  1 
ATOM   1129 C  CD  . LYS A 1 142 ? -0.243  19.226  3.779   1.00 35.27 ? 143 LYS A CD  1 
ATOM   1130 C  CE  . LYS A 1 142 ? 0.350   20.567  3.392   1.00 41.26 ? 143 LYS A CE  1 
ATOM   1131 N  NZ  . LYS A 1 142 ? 0.246   20.822  1.914   1.00 44.66 ? 143 LYS A NZ  1 
ATOM   1132 N  N   . GLU A 1 143 ? -3.902  18.496  7.314   1.00 21.48 ? 144 GLU A N   1 
ATOM   1133 C  CA  . GLU A 1 143 ? -4.990  19.418  7.661   1.00 22.56 ? 144 GLU A CA  1 
ATOM   1134 C  C   . GLU A 1 143 ? -5.451  19.225  9.094   1.00 24.97 ? 144 GLU A C   1 
ATOM   1135 O  O   . GLU A 1 143 ? -6.350  19.929  9.551   1.00 26.68 ? 144 GLU A O   1 
ATOM   1136 C  CB  . GLU A 1 143 ? -6.167  19.259  6.696   1.00 23.76 ? 144 GLU A CB  1 
ATOM   1137 C  CG  . GLU A 1 143 ? -5.852  19.708  5.284   1.00 21.93 ? 144 GLU A CG  1 
ATOM   1138 C  CD  . GLU A 1 143 ? -6.939  19.360  4.283   1.00 20.70 ? 144 GLU A CD  1 
ATOM   1139 O  OE1 . GLU A 1 143 ? -8.060  19.017  4.697   1.00 23.37 ? 144 GLU A OE1 1 
ATOM   1140 O  OE2 . GLU A 1 143 ? -6.673  19.436  3.069   1.00 22.82 ? 144 GLU A OE2 1 
ATOM   1141 N  N   . GLY A 1 144 ? -4.869  18.242  9.782   1.00 21.14 ? 145 GLY A N   1 
ATOM   1142 C  CA  . GLY A 1 144 ? -5.241  17.987  11.160  1.00 23.09 ? 145 GLY A CA  1 
ATOM   1143 C  C   . GLY A 1 144 ? -6.624  17.400  11.387  1.00 23.71 ? 145 GLY A C   1 
ATOM   1144 O  O   . GLY A 1 144 ? -7.161  17.523  12.495  1.00 26.03 ? 145 GLY A O   1 
ATOM   1145 N  N   . ARG A 1 145 ? -7.162  16.692  10.391  1.00 23.05 ? 146 ARG A N   1 
ATOM   1146 C  CA  . ARG A 1 145 ? -8.496  16.090  10.480  1.00 21.26 ? 146 ARG A CA  1 
ATOM   1147 C  C   . ARG A 1 145 ? -8.458  14.596  10.745  1.00 21.78 ? 146 ARG A C   1 
ATOM   1148 O  O   . ARG A 1 145 ? -9.410  13.879  10.394  1.00 24.03 ? 146 ARG A O   1 
ATOM   1149 C  CB  . ARG A 1 145 ? -9.254  16.278  9.172   1.00 25.75 ? 146 ARG A CB  1 
ATOM   1150 C  CG  . ARG A 1 145 ? -9.482  17.692  8.706   1.00 33.18 ? 146 ARG A CG  1 
ATOM   1151 C  CD  . ARG A 1 145 ? -10.051 17.632  7.293   1.00 40.27 ? 146 ARG A CD  1 
ATOM   1152 N  NE  . ARG A 1 145 ? -9.089  17.137  6.284   1.00 42.56 ? 146 ARG A NE  1 
ATOM   1153 C  CZ  . ARG A 1 145 ? -9.410  16.438  5.193   1.00 40.93 ? 146 ARG A CZ  1 
ATOM   1154 N  NH1 . ARG A 1 145 ? -10.664 16.066  4.980   1.00 42.13 ? 146 ARG A NH1 1 
ATOM   1155 N  NH2 . ARG A 1 145 ? -8.472  16.059  4.346   1.00 42.57 ? 146 ARG A NH2 1 
ATOM   1156 N  N   . VAL A 1 146 ? -7.348  14.103  11.291  1.00 19.27 ? 147 VAL A N   1 
ATOM   1157 C  CA  . VAL A 1 146 ? -7.227  12.676  11.573  1.00 11.27 ? 147 VAL A CA  1 
ATOM   1158 C  C   . VAL A 1 146 ? -8.159  12.296  12.714  1.00 12.39 ? 147 VAL A C   1 
ATOM   1159 O  O   . VAL A 1 146 ? -8.945  11.364  12.599  1.00 11.71 ? 147 VAL A O   1 
ATOM   1160 C  CB  . VAL A 1 146 ? -5.746  12.279  11.951  1.00 11.39 ? 147 VAL A CB  1 
ATOM   1161 C  CG1 . VAL A 1 146 ? -5.670  10.814  12.342  1.00 14.07 ? 147 VAL A CG1 1 
ATOM   1162 C  CG2 . VAL A 1 146 ? -4.794  12.517  10.793  1.00 11.51 ? 147 VAL A CG2 1 
ATOM   1163 N  N   . PHE A 1 147 ? -8.121  13.089  13.779  1.00 15.10 ? 148 PHE A N   1 
ATOM   1164 C  CA  . PHE A 1 147 ? -8.915  12.820  14.976  1.00 17.65 ? 148 PHE A CA  1 
ATOM   1165 C  C   . PHE A 1 147 ? -9.927  13.901  15.351  1.00 19.78 ? 148 PHE A C   1 
ATOM   1166 O  O   . PHE A 1 147 ? -10.331 14.005  16.520  1.00 21.25 ? 148 PHE A O   1 
ATOM   1167 C  CB  . PHE A 1 147 ? -7.967  12.576  16.177  1.00 16.51 ? 148 PHE A CB  1 
ATOM   1168 C  CG  . PHE A 1 147 ? -7.064  11.363  16.023  1.00 17.08 ? 148 PHE A CG  1 
ATOM   1169 C  CD1 . PHE A 1 147 ? -7.598  10.086  15.887  1.00 16.85 ? 148 PHE A CD1 1 
ATOM   1170 C  CD2 . PHE A 1 147 ? -5.685  11.512  15.992  1.00 18.58 ? 148 PHE A CD2 1 
ATOM   1171 C  CE1 . PHE A 1 147 ? -6.771  8.989   15.718  1.00 16.43 ? 148 PHE A CE1 1 
ATOM   1172 C  CE2 . PHE A 1 147 ? -4.847  10.405  15.822  1.00 16.38 ? 148 PHE A CE2 1 
ATOM   1173 C  CZ  . PHE A 1 147 ? -5.398  9.156   15.684  1.00 17.38 ? 148 PHE A CZ  1 
ATOM   1174 N  N   . LEU A 1 148 ? -10.395 14.650  14.356  1.00 25.95 ? 149 LEU A N   1 
ATOM   1175 C  CA  . LEU A 1 148 ? -11.345 15.724  14.602  1.00 28.09 ? 149 LEU A CA  1 
ATOM   1176 C  C   . LEU A 1 148 ? -11.975 16.241  13.314  1.00 28.13 ? 149 LEU A C   1 
ATOM   1177 O  O   . LEU A 1 148 ? -11.274 16.589  12.358  1.00 26.77 ? 149 LEU A O   1 
ATOM   1178 C  CB  . LEU A 1 148 ? -10.625 16.875  15.326  1.00 31.62 ? 149 LEU A CB  1 
ATOM   1179 C  CG  . LEU A 1 148 ? -11.289 18.227  15.647  1.00 34.53 ? 149 LEU A CG  1 
ATOM   1180 C  CD1 . LEU A 1 148 ? -12.542 18.080  16.514  1.00 35.08 ? 149 LEU A CD1 1 
ATOM   1181 C  CD2 . LEU A 1 148 ? -10.255 19.080  16.355  1.00 34.44 ? 149 LEU A CD2 1 
ATOM   1182 N  N   . ARG A 1 149 ? -13.306 16.225  13.280  1.00 29.94 ? 150 ARG A N   1 
ATOM   1183 C  CA  . ARG A 1 149 ? -14.075 16.713  12.141  1.00 30.38 ? 150 ARG A CA  1 
ATOM   1184 C  C   . ARG A 1 149 ? -14.818 17.978  12.515  1.00 30.67 ? 150 ARG A C   1 
ATOM   1185 O  O   . ARG A 1 149 ? -14.949 18.344  13.683  1.00 27.87 ? 150 ARG A O   1 
ATOM   1186 C  CB  . ARG A 1 149 ? -15.099 15.683  11.643  1.00 28.59 ? 150 ARG A CB  1 
ATOM   1187 C  CG  . ARG A 1 149 ? -14.508 14.332  11.326  1.00 29.24 ? 150 ARG A CG  1 
ATOM   1188 C  CD  . ARG A 1 149 ? -13.184 14.473  10.597  1.00 27.61 ? 150 ARG A CD  1 
ATOM   1189 N  NE  . ARG A 1 149 ? -13.312 14.160  9.171   1.00 30.62 ? 150 ARG A NE  1 
ATOM   1190 C  CZ  . ARG A 1 149 ? -12.622 13.200  8.571   1.00 30.96 ? 150 ARG A CZ  1 
ATOM   1191 N  NH1 . ARG A 1 149 ? -11.766 12.469  9.279   1.00 32.84 ? 150 ARG A NH1 1 
ATOM   1192 N  NH2 . ARG A 1 149 ? -12.790 12.963  7.280   1.00 31.41 ? 150 ARG A NH2 1 
ATOM   1193 N  N   . GLU A 1 150 ? -15.384 18.593  11.496  1.00 35.74 ? 151 GLU A N   1 
ATOM   1194 C  CA  . GLU A 1 150 ? -16.114 19.829  11.648  1.00 40.79 ? 151 GLU A CA  1 
ATOM   1195 C  C   . GLU A 1 150 ? -17.551 19.551  12.090  1.00 39.42 ? 151 GLU A C   1 
ATOM   1196 O  O   . GLU A 1 150 ? -18.139 20.301  12.865  1.00 38.55 ? 151 GLU A O   1 
ATOM   1197 C  CB  . GLU A 1 150 ? -16.020 20.607  10.329  1.00 46.41 ? 151 GLU A CB  1 
ATOM   1198 C  CG  . GLU A 1 150 ? -14.543 20.891  9.851   1.00 52.84 ? 151 GLU A CG  1 
ATOM   1199 C  CD  . GLU A 1 150 ? -13.725 19.634  9.388   1.00 54.19 ? 151 GLU A CD  1 
ATOM   1200 O  OE1 . GLU A 1 150 ? -14.306 18.691  8.794   1.00 54.97 ? 151 GLU A OE1 1 
ATOM   1201 O  OE2 . GLU A 1 150 ? -12.480 19.613  9.599   1.00 54.91 ? 151 GLU A OE2 1 
ATOM   1202 N  N   . GLN A 1 151 ? -18.107 18.452  11.609  1.00 39.21 ? 152 GLN A N   1 
ATOM   1203 C  CA  . GLN A 1 151 ? -19.449 18.070  11.992  1.00 40.60 ? 152 GLN A CA  1 
ATOM   1204 C  C   . GLN A 1 151 ? -19.285 16.880  12.924  1.00 39.65 ? 152 GLN A C   1 
ATOM   1205 O  O   . GLN A 1 151 ? -18.222 16.249  12.927  1.00 37.39 ? 152 GLN A O   1 
ATOM   1206 C  CB  . GLN A 1 151 ? -20.282 17.673  10.770  1.00 49.37 ? 152 GLN A CB  1 
ATOM   1207 C  CG  . GLN A 1 151 ? -20.351 18.727  9.646   1.00 57.55 ? 152 GLN A CG  1 
ATOM   1208 C  CD  . GLN A 1 151 ? -21.275 19.907  9.952   1.00 61.70 ? 152 GLN A CD  1 
ATOM   1209 O  OE1 . GLN A 1 151 ? -21.983 19.922  10.967  1.00 62.94 ? 152 GLN A OE1 1 
ATOM   1210 N  NE2 . GLN A 1 151 ? -21.283 20.897  9.055   1.00 62.81 ? 152 GLN A NE2 1 
ATOM   1211 N  N   . ALA A 1 152 ? -20.312 16.563  13.707  1.00 35.10 ? 153 ALA A N   1 
ATOM   1212 C  CA  . ALA A 1 152 ? -20.221 15.433  14.637  1.00 34.89 ? 153 ALA A CA  1 
ATOM   1213 C  C   . ALA A 1 152 ? -20.469 14.084  13.968  1.00 34.40 ? 153 ALA A C   1 
ATOM   1214 O  O   . ALA A 1 152 ? -21.512 13.894  13.334  1.00 34.84 ? 153 ALA A O   1 
ATOM   1215 C  CB  . ALA A 1 152 ? -21.190 15.622  15.798  1.00 31.86 ? 153 ALA A CB  1 
ATOM   1216 N  N   . THR A 1 153 ? -19.495 13.174  14.082  1.00 34.07 ? 154 THR A N   1 
ATOM   1217 C  CA  . THR A 1 153 ? -19.598 11.817  13.519  1.00 31.13 ? 154 THR A CA  1 
ATOM   1218 C  C   . THR A 1 153 ? -19.402 10.760  14.598  1.00 29.29 ? 154 THR A C   1 
ATOM   1219 O  O   . THR A 1 153 ? -19.355 11.060  15.803  1.00 27.65 ? 154 THR A O   1 
ATOM   1220 C  CB  . THR A 1 153 ? -18.539 11.533  12.415  1.00 31.06 ? 154 THR A CB  1 
ATOM   1221 O  OG1 . THR A 1 153 ? -17.383 12.360  12.612  1.00 30.52 ? 154 THR A OG1 1 
ATOM   1222 C  CG2 . THR A 1 153 ? -19.120 11.729  11.030  1.00 33.38 ? 154 THR A CG2 1 
ATOM   1223 N  N   . LYS A 1 154 ? -19.359 9.508   14.152  1.00 26.67 ? 155 LYS A N   1 
ATOM   1224 C  CA  . LYS A 1 154 ? -19.133 8.383   15.043  1.00 26.59 ? 155 LYS A CA  1 
ATOM   1225 C  C   . LYS A 1 154 ? -17.717 7.867   14.856  1.00 23.03 ? 155 LYS A C   1 
ATOM   1226 O  O   . LYS A 1 154 ? -17.286 7.567   13.741  1.00 21.76 ? 155 LYS A O   1 
ATOM   1227 C  CB  . LYS A 1 154 ? -20.130 7.263   14.781  1.00 28.22 ? 155 LYS A CB  1 
ATOM   1228 C  CG  . LYS A 1 154 ? -21.500 7.517   15.329  1.00 32.14 ? 155 LYS A CG  1 
ATOM   1229 C  CD  . LYS A 1 154 ? -22.485 6.541   14.733  1.00 38.90 ? 155 LYS A CD  1 
ATOM   1230 C  CE  . LYS A 1 154 ? -23.871 6.680   15.354  1.00 43.77 ? 155 LYS A CE  1 
ATOM   1231 N  NZ  . LYS A 1 154 ? -24.831 5.680   14.785  1.00 46.83 ? 155 LYS A NZ  1 
ATOM   1232 N  N   . TRP A 1 155 ? -17.016 7.740   15.964  1.00 20.38 ? 156 TRP A N   1 
ATOM   1233 C  CA  . TRP A 1 155 ? -15.633 7.286   15.983  1.00 17.68 ? 156 TRP A CA  1 
ATOM   1234 C  C   . TRP A 1 155 ? -15.573 5.910   16.666  1.00 17.01 ? 156 TRP A C   1 
ATOM   1235 O  O   . TRP A 1 155 ? -16.259 5.668   17.667  1.00 17.83 ? 156 TRP A O   1 
ATOM   1236 C  CB  . TRP A 1 155 ? -14.824 8.284   16.813  1.00 15.90 ? 156 TRP A CB  1 
ATOM   1237 C  CG  . TRP A 1 155 ? -14.820 9.683   16.265  1.00 18.27 ? 156 TRP A CG  1 
ATOM   1238 C  CD1 . TRP A 1 155 ? -15.671 10.712  16.594  1.00 12.24 ? 156 TRP A CD1 1 
ATOM   1239 C  CD2 . TRP A 1 155 ? -13.904 10.203  15.300  1.00 17.33 ? 156 TRP A CD2 1 
ATOM   1240 N  NE1 . TRP A 1 155 ? -15.341 11.836  15.882  1.00 15.81 ? 156 TRP A NE1 1 
ATOM   1241 C  CE2 . TRP A 1 155 ? -14.265 11.565  15.086  1.00 16.83 ? 156 TRP A CE2 1 
ATOM   1242 C  CE3 . TRP A 1 155 ? -12.813 9.666   14.599  1.00 16.73 ? 156 TRP A CE3 1 
ATOM   1243 C  CZ2 . TRP A 1 155 ? -13.566 12.386  14.193  1.00 18.69 ? 156 TRP A CZ2 1 
ATOM   1244 C  CZ3 . TRP A 1 155 ? -12.115 10.481  13.708  1.00 14.68 ? 156 TRP A CZ3 1 
ATOM   1245 C  CH2 . TRP A 1 155 ? -12.496 11.833  13.513  1.00 17.56 ? 156 TRP A CH2 1 
ATOM   1246 N  N   . ARG A 1 156 ? -14.773 5.002   16.115  1.00 19.34 ? 157 ARG A N   1 
ATOM   1247 C  CA  . ARG A 1 156 ? -14.628 3.680   16.708  1.00 15.52 ? 157 ARG A CA  1 
ATOM   1248 C  C   . ARG A 1 156 ? -13.204 3.355   17.166  1.00 18.74 ? 157 ARG A C   1 
ATOM   1249 O  O   . ARG A 1 156 ? -12.228 3.632   16.458  1.00 18.27 ? 157 ARG A O   1 
ATOM   1250 C  CB  . ARG A 1 156 ? -15.113 2.600   15.744  1.00 11.91 ? 157 ARG A CB  1 
ATOM   1251 C  CG  . ARG A 1 156 ? -15.296 1.238   16.390  1.00 16.07 ? 157 ARG A CG  1 
ATOM   1252 C  CD  . ARG A 1 156 ? -15.509 0.141   15.361  1.00 15.12 ? 157 ARG A CD  1 
ATOM   1253 N  NE  . ARG A 1 156 ? -14.311 -0.064  14.551  1.00 22.81 ? 157 ARG A NE  1 
ATOM   1254 C  CZ  . ARG A 1 156 ? -13.711 -1.236  14.362  1.00 20.39 ? 157 ARG A CZ  1 
ATOM   1255 N  NH1 . ARG A 1 156 ? -14.191 -2.342  14.904  1.00 21.48 ? 157 ARG A NH1 1 
ATOM   1256 N  NH2 . ARG A 1 156 ? -12.628 -1.305  13.609  1.00 22.24 ? 157 ARG A NH2 1 
ATOM   1257 N  N   . CYS A 1 157 ? -13.096 2.849   18.394  1.00 18.81 ? 158 CYS A N   1 
ATOM   1258 C  CA  . CYS A 1 157 ? -11.820 2.416   18.969  1.00 15.96 ? 158 CYS A CA  1 
ATOM   1259 C  C   . CYS A 1 157 ? -11.539 1.051   18.335  1.00 10.75 ? 158 CYS A C   1 
ATOM   1260 O  O   . CYS A 1 157 ? -12.311 0.102   18.501  1.00 14.79 ? 158 CYS A O   1 
ATOM   1261 C  CB  . CYS A 1 157 ? -11.963 2.265   20.485  1.00 12.43 ? 158 CYS A CB  1 
ATOM   1262 S  SG  . CYS A 1 157 ? -10.504 1.581   21.385  1.00 13.07 ? 158 CYS A SG  1 
ATOM   1263 N  N   . ARG A 1 158 ? -10.458 0.971   17.574  1.00 12.62 ? 159 ARG A N   1 
ATOM   1264 C  CA  . ARG A 1 158 ? -10.092 -0.269  16.914  1.00 12.71 ? 159 ARG A CA  1 
ATOM   1265 C  C   . ARG A 1 158 ? -9.657  -1.338  17.916  1.00 14.70 ? 159 ARG A C   1 
ATOM   1266 O  O   . ARG A 1 158 ? -9.727  -2.529  17.627  1.00 18.59 ? 159 ARG A O   1 
ATOM   1267 C  CB  . ARG A 1 158 ? -8.982  -0.038  15.900  1.00 13.47 ? 159 ARG A CB  1 
ATOM   1268 C  CG  . ARG A 1 158 ? -9.238  1.079   14.948  1.00 19.49 ? 159 ARG A CG  1 
ATOM   1269 C  CD  . ARG A 1 158 ? -8.064  1.276   14.032  1.00 22.00 ? 159 ARG A CD  1 
ATOM   1270 N  NE  . ARG A 1 158 ? -8.082  0.364   12.896  1.00 25.54 ? 159 ARG A NE  1 
ATOM   1271 C  CZ  . ARG A 1 158 ? -7.354  -0.740  12.811  1.00 27.69 ? 159 ARG A CZ  1 
ATOM   1272 N  NH1 . ARG A 1 158 ? -6.565  -1.097  13.816  1.00 36.71 ? 159 ARG A NH1 1 
ATOM   1273 N  NH2 . ARG A 1 158 ? -7.433  -1.509  11.726  1.00 30.31 ? 159 ARG A NH2 1 
ATOM   1274 N  N   . ASN A 1 159 ? -9.259  -0.920  19.114  1.00 14.12 ? 160 ASN A N   1 
ATOM   1275 C  CA  . ASN A 1 159 ? -8.826  -1.868  20.137  1.00 16.39 ? 160 ASN A CA  1 
ATOM   1276 C  C   . ASN A 1 159 ? -9.983  -2.611  20.830  1.00 17.40 ? 160 ASN A C   1 
ATOM   1277 O  O   . ASN A 1 159 ? -9.929  -3.828  21.014  1.00 18.50 ? 160 ASN A O   1 
ATOM   1278 C  CB  . ASN A 1 159 ? -7.957  -1.150  21.180  1.00 15.46 ? 160 ASN A CB  1 
ATOM   1279 C  CG  . ASN A 1 159 ? -7.232  -2.116  22.104  1.00 17.33 ? 160 ASN A CG  1 
ATOM   1280 O  OD1 . ASN A 1 159 ? -7.357  -2.039  23.327  1.00 18.86 ? 160 ASN A OD1 1 
ATOM   1281 N  ND2 . ASN A 1 159 ? -6.449  -3.014  21.519  1.00 10.20 ? 160 ASN A ND2 1 
ATOM   1282 N  N   . CYS A 1 160 ? -11.034 -1.903  21.210  1.00 16.61 ? 161 CYS A N   1 
ATOM   1283 C  CA  . CYS A 1 160 ? -12.126 -2.580  21.900  1.00 14.06 ? 161 CYS A CA  1 
ATOM   1284 C  C   . CYS A 1 160 ? -13.479 -2.432  21.208  1.00 14.15 ? 161 CYS A C   1 
ATOM   1285 O  O   . CYS A 1 160 ? -14.437 -3.077  21.631  1.00 15.97 ? 161 CYS A O   1 
ATOM   1286 C  CB  . CYS A 1 160 ? -12.227 -2.099  23.345  1.00 17.48 ? 161 CYS A CB  1 
ATOM   1287 S  SG  . CYS A 1 160 ? -12.808 -0.386  23.519  1.00 14.73 ? 161 CYS A SG  1 
ATOM   1288 N  N   . GLY A 1 161 ? -13.563 -1.592  20.171  1.00 14.30 ? 162 GLY A N   1 
ATOM   1289 C  CA  . GLY A 1 161 ? -14.819 -1.404  19.447  1.00 14.39 ? 162 GLY A CA  1 
ATOM   1290 C  C   . GLY A 1 161 ? -15.815 -0.402  20.019  1.00 20.19 ? 162 GLY A C   1 
ATOM   1291 O  O   . GLY A 1 161 ? -16.953 -0.318  19.542  1.00 19.75 ? 162 GLY A O   1 
ATOM   1292 N  N   . TYR A 1 162 ? -15.392 0.369   21.019  1.00 17.69 ? 163 TYR A N   1 
ATOM   1293 C  CA  . TYR A 1 162 ? -16.250 1.366   21.644  1.00 20.58 ? 163 TYR A CA  1 
ATOM   1294 C  C   . TYR A 1 162 ? -16.602 2.440   20.603  1.00 22.36 ? 163 TYR A C   1 
ATOM   1295 O  O   . TYR A 1 162 ? -15.704 2.950   19.923  1.00 17.85 ? 163 TYR A O   1 
ATOM   1296 C  CB  . TYR A 1 162 ? -15.535 2.009   22.848  1.00 16.51 ? 163 TYR A CB  1 
ATOM   1297 C  CG  . TYR A 1 162 ? -16.277 3.188   23.479  1.00 18.11 ? 163 TYR A CG  1 
ATOM   1298 C  CD1 . TYR A 1 162 ? -17.315 2.983   24.389  1.00 19.09 ? 163 TYR A CD1 1 
ATOM   1299 C  CD2 . TYR A 1 162 ? -15.946 4.507   23.147  1.00 21.00 ? 163 TYR A CD2 1 
ATOM   1300 C  CE1 . TYR A 1 162 ? -18.007 4.065   24.960  1.00 22.28 ? 163 TYR A CE1 1 
ATOM   1301 C  CE2 . TYR A 1 162 ? -16.639 5.595   23.700  1.00 21.01 ? 163 TYR A CE2 1 
ATOM   1302 C  CZ  . TYR A 1 162 ? -17.655 5.353   24.601  1.00 21.60 ? 163 TYR A CZ  1 
ATOM   1303 O  OH  . TYR A 1 162 ? -18.331 6.423   25.172  1.00 27.32 ? 163 TYR A OH  1 
ATOM   1304 N  N   . VAL A 1 163 ? -17.900 2.723   20.441  1.00 23.64 ? 164 VAL A N   1 
ATOM   1305 C  CA  . VAL A 1 163 ? -18.362 3.753   19.489  1.00 21.49 ? 164 VAL A CA  1 
ATOM   1306 C  C   . VAL A 1 163 ? -18.594 5.069   20.236  1.00 21.54 ? 164 VAL A C   1 
ATOM   1307 O  O   . VAL A 1 163 ? -19.218 5.103   21.291  1.00 18.30 ? 164 VAL A O   1 
ATOM   1308 C  CB  . VAL A 1 163 ? -19.617 3.340   18.700  1.00 21.35 ? 164 VAL A CB  1 
ATOM   1309 C  CG1 . VAL A 1 163 ? -20.082 4.491   17.800  1.00 21.73 ? 164 VAL A CG1 1 
ATOM   1310 C  CG2 . VAL A 1 163 ? -19.298 2.131   17.851  1.00 19.47 ? 164 VAL A CG2 1 
ATOM   1311 N  N   . HIS A 1 164 ? -18.025 6.135   19.694  1.00 23.54 ? 165 HIS A N   1 
ATOM   1312 C  CA  . HIS A 1 164 ? -18.083 7.466   20.280  1.00 24.69 ? 165 HIS A CA  1 
ATOM   1313 C  C   . HIS A 1 164 ? -18.695 8.482   19.320  1.00 26.57 ? 165 HIS A C   1 
ATOM   1314 O  O   . HIS A 1 164 ? -18.276 8.584   18.180  1.00 26.12 ? 165 HIS A O   1 
ATOM   1315 C  CB  . HIS A 1 164 ? -16.659 7.897   20.611  1.00 24.79 ? 165 HIS A CB  1 
ATOM   1316 C  CG  . HIS A 1 164 ? -16.545 9.326   21.011  1.00 29.10 ? 165 HIS A CG  1 
ATOM   1317 N  ND1 . HIS A 1 164 ? -16.851 9.769   22.281  1.00 30.87 ? 165 HIS A ND1 1 
ATOM   1318 C  CD2 . HIS A 1 164 ? -16.175 10.423  20.308  1.00 32.25 ? 165 HIS A CD2 1 
ATOM   1319 C  CE1 . HIS A 1 164 ? -16.681 11.079  22.339  1.00 32.25 ? 165 HIS A CE1 1 
ATOM   1320 N  NE2 . HIS A 1 164 ? -16.271 11.499  21.156  1.00 32.71 ? 165 HIS A NE2 1 
ATOM   1321 N  N   . GLU A 1 165 ? -19.646 9.273   19.796  1.00 29.47 ? 166 GLU A N   1 
ATOM   1322 C  CA  . GLU A 1 165 ? -20.265 10.283  18.941  1.00 31.76 ? 166 GLU A CA  1 
ATOM   1323 C  C   . GLU A 1 165 ? -19.692 11.648  19.291  1.00 28.87 ? 166 GLU A C   1 
ATOM   1324 O  O   . GLU A 1 165 ? -19.620 12.010  20.466  1.00 31.61 ? 166 GLU A O   1 
ATOM   1325 C  CB  . GLU A 1 165 ? -21.782 10.292  19.136  1.00 38.16 ? 166 GLU A CB  1 
ATOM   1326 C  CG  . GLU A 1 165 ? -22.494 8.996   18.702  1.00 49.53 ? 166 GLU A CG  1 
ATOM   1327 C  CD  . GLU A 1 165 ? -24.019 9.050   18.871  1.00 56.45 ? 166 GLU A CD  1 
ATOM   1328 O  OE1 . GLU A 1 165 ? -24.614 10.138  18.694  1.00 60.28 ? 166 GLU A OE1 1 
ATOM   1329 O  OE2 . GLU A 1 165 ? -24.622 7.996   19.178  1.00 59.82 ? 166 GLU A OE2 1 
ATOM   1330 N  N   . GLY A 1 166 ? -19.229 12.386  18.293  1.00 25.12 ? 167 GLY A N   1 
ATOM   1331 C  CA  . GLY A 1 166 ? -18.677 13.696  18.573  1.00 21.76 ? 167 GLY A CA  1 
ATOM   1332 C  C   . GLY A 1 166 ? -17.917 14.244  17.391  1.00 22.41 ? 167 GLY A C   1 
ATOM   1333 O  O   . GLY A 1 166 ? -17.856 13.617  16.328  1.00 24.16 ? 167 GLY A O   1 
ATOM   1334 N  N   . THR A 1 167 ? -17.390 15.451  17.561  1.00 23.32 ? 168 THR A N   1 
ATOM   1335 C  CA  . THR A 1 167 ? -16.609 16.104  16.515  1.00 25.30 ? 168 THR A CA  1 
ATOM   1336 C  C   . THR A 1 167 ? -15.203 15.481  16.490  1.00 25.38 ? 168 THR A C   1 
ATOM   1337 O  O   . THR A 1 167 ? -14.553 15.430  15.456  1.00 26.34 ? 168 THR A O   1 
ATOM   1338 C  CB  . THR A 1 167 ? -16.477 17.633  16.767  1.00 26.50 ? 168 THR A CB  1 
ATOM   1339 O  OG1 . THR A 1 167 ? -16.067 17.877  18.120  1.00 26.79 ? 168 THR A OG1 1 
ATOM   1340 C  CG2 . THR A 1 167 ? -17.795 18.339  16.514  1.00 29.01 ? 168 THR A CG2 1 
ATOM   1341 N  N   . GLY A 1 168 ? -14.754 15.006  17.646  1.00 24.16 ? 169 GLY A N   1 
ATOM   1342 C  CA  . GLY A 1 168 ? -13.437 14.423  17.740  1.00 23.79 ? 169 GLY A CA  1 
ATOM   1343 C  C   . GLY A 1 168 ? -13.369 13.184  18.602  1.00 20.35 ? 169 GLY A C   1 
ATOM   1344 O  O   . GLY A 1 168 ? -14.272 12.926  19.418  1.00 18.33 ? 169 GLY A O   1 
ATOM   1345 N  N   . ALA A 1 169 ? -12.300 12.414  18.399  1.00 21.71 ? 170 ALA A N   1 
ATOM   1346 C  CA  . ALA A 1 169 ? -12.051 11.186  19.142  1.00 19.29 ? 170 ALA A CA  1 
ATOM   1347 C  C   . ALA A 1 169 ? -11.619 11.605  20.545  1.00 21.49 ? 170 ALA A C   1 
ATOM   1348 O  O   . ALA A 1 169 ? -10.944 12.620  20.704  1.00 27.18 ? 170 ALA A O   1 
ATOM   1349 C  CB  . ALA A 1 169 ? -10.930 10.396  18.468  1.00 17.70 ? 170 ALA A CB  1 
ATOM   1350 N  N   . PRO A 1 170 ? -12.028 10.846  21.581  1.00 21.46 ? 171 PRO A N   1 
ATOM   1351 C  CA  . PRO A 1 170 ? -11.647 11.196  22.960  1.00 22.36 ? 171 PRO A CA  1 
ATOM   1352 C  C   . PRO A 1 170 ? -10.159 10.977  23.269  1.00 24.99 ? 171 PRO A C   1 
ATOM   1353 O  O   . PRO A 1 170 ? -9.474  10.268  22.533  1.00 28.66 ? 171 PRO A O   1 
ATOM   1354 C  CB  . PRO A 1 170 ? -12.548 10.288  23.805  1.00 20.83 ? 171 PRO A CB  1 
ATOM   1355 C  CG  . PRO A 1 170 ? -12.785 9.097   22.935  1.00 19.46 ? 171 PRO A CG  1 
ATOM   1356 C  CD  . PRO A 1 170 ? -12.906 9.658   21.534  1.00 20.70 ? 171 PRO A CD  1 
ATOM   1357 N  N   . GLU A 1 171 ? -9.661  11.577  24.351  1.00 28.95 ? 172 GLU A N   1 
ATOM   1358 C  CA  . GLU A 1 171 ? -8.247  11.419  24.740  1.00 27.46 ? 172 GLU A CA  1 
ATOM   1359 C  C   . GLU A 1 171 ? -7.860  9.991   25.097  1.00 24.95 ? 172 GLU A C   1 
ATOM   1360 O  O   . GLU A 1 171 ? -6.729  9.570   24.860  1.00 23.30 ? 172 GLU A O   1 
ATOM   1361 C  CB  . GLU A 1 171 ? -7.894  12.348  25.912  1.00 34.16 ? 172 GLU A CB  1 
ATOM   1362 C  CG  . GLU A 1 171 ? -8.009  13.844  25.617  1.00 41.02 ? 172 GLU A CG  1 
ATOM   1363 C  CD  . GLU A 1 171 ? -7.186  14.280  24.408  1.00 45.49 ? 172 GLU A CD  1 
ATOM   1364 O  OE1 . GLU A 1 171 ? -5.972  13.973  24.362  1.00 45.91 ? 172 GLU A OE1 1 
ATOM   1365 O  OE2 . GLU A 1 171 ? -7.764  14.921  23.491  1.00 45.82 ? 172 GLU A OE2 1 
ATOM   1366 N  N   . LEU A 1 172 ? -8.791  9.280   25.717  1.00 22.01 ? 173 LEU A N   1 
ATOM   1367 C  CA  . LEU A 1 172 ? -8.595  7.898   26.113  1.00 22.61 ? 173 LEU A CA  1 
ATOM   1368 C  C   . LEU A 1 172 ? -9.930  7.222   25.918  1.00 18.71 ? 173 LEU A C   1 
ATOM   1369 O  O   . LEU A 1 172 ? -10.967 7.808   26.206  1.00 22.15 ? 173 LEU A O   1 
ATOM   1370 C  CB  . LEU A 1 172 ? -8.253  7.794   27.597  1.00 25.51 ? 173 LEU A CB  1 
ATOM   1371 C  CG  . LEU A 1 172 ? -6.881  8.209   28.112  1.00 30.42 ? 173 LEU A CG  1 
ATOM   1372 C  CD1 . LEU A 1 172 ? -6.936  8.249   29.622  1.00 31.32 ? 173 LEU A CD1 1 
ATOM   1373 C  CD2 . LEU A 1 172 ? -5.811  7.242   27.656  1.00 29.32 ? 173 LEU A CD2 1 
ATOM   1374 N  N   . CYS A 1 173 ? -9.924  5.997   25.430  1.00 16.18 ? 174 CYS A N   1 
ATOM   1375 C  CA  . CYS A 1 173 ? -11.166 5.285   25.253  1.00 17.12 ? 174 CYS A CA  1 
ATOM   1376 C  C   . CYS A 1 173 ? -11.720 4.927   26.630  1.00 20.77 ? 174 CYS A C   1 
ATOM   1377 O  O   . CYS A 1 173 ? -10.985 4.384   27.469  1.00 21.25 ? 174 CYS A O   1 
ATOM   1378 C  CB  . CYS A 1 173 ? -10.926 4.021   24.448  1.00 16.66 ? 174 CYS A CB  1 
ATOM   1379 S  SG  . CYS A 1 173 ? -12.294 2.885   24.488  1.00 19.85 ? 174 CYS A SG  1 
ATOM   1380 N  N   . PRO A 1 174 ? -13.013 5.213   26.909  1.00 22.98 ? 175 PRO A N   1 
ATOM   1381 C  CA  . PRO A 1 174 ? -13.557 4.876   28.238  1.00 21.18 ? 175 PRO A CA  1 
ATOM   1382 C  C   . PRO A 1 174 ? -13.754 3.396   28.595  1.00 23.38 ? 175 PRO A C   1 
ATOM   1383 O  O   . PRO A 1 174 ? -13.896 3.051   29.775  1.00 21.88 ? 175 PRO A O   1 
ATOM   1384 C  CB  . PRO A 1 174 ? -14.879 5.646   28.287  1.00 20.64 ? 175 PRO A CB  1 
ATOM   1385 C  CG  . PRO A 1 174 ? -15.260 5.822   26.849  1.00 22.12 ? 175 PRO A CG  1 
ATOM   1386 C  CD  . PRO A 1 174 ? -13.953 6.055   26.143  1.00 20.84 ? 175 PRO A CD  1 
ATOM   1387 N  N   . ALA A 1 175 ? -13.777 2.531   27.581  1.00 22.98 ? 176 ALA A N   1 
ATOM   1388 C  CA  . ALA A 1 175 ? -13.954 1.096   27.798  1.00 20.72 ? 176 ALA A CA  1 
ATOM   1389 C  C   . ALA A 1 175 ? -12.605 0.397   28.046  1.00 21.45 ? 176 ALA A C   1 
ATOM   1390 O  O   . ALA A 1 175 ? -12.395 -0.171  29.105  1.00 25.55 ? 176 ALA A O   1 
ATOM   1391 C  CB  . ALA A 1 175 ? -14.679 0.481   26.602  1.00 16.21 ? 176 ALA A CB  1 
ATOM   1392 N  N   . CYS A 1 176 ? -11.684 0.486   27.086  1.00 20.08 ? 177 CYS A N   1 
ATOM   1393 C  CA  . CYS A 1 176 ? -10.370 -0.159  27.192  1.00 19.24 ? 177 CYS A CA  1 
ATOM   1394 C  C   . CYS A 1 176 ? -9.250  0.737   27.689  1.00 19.60 ? 177 CYS A C   1 
ATOM   1395 O  O   . CYS A 1 176 ? -8.111  0.290   27.795  1.00 22.32 ? 177 CYS A O   1 
ATOM   1396 C  CB  . CYS A 1 176 ? -9.948  -0.780  25.860  1.00 16.23 ? 177 CYS A CB  1 
ATOM   1397 S  SG  . CYS A 1 176 ? -9.382  0.426   24.649  1.00 18.41 ? 177 CYS A SG  1 
ATOM   1398 N  N   . ALA A 1 177 ? -9.534  2.016   27.919  1.00 19.95 ? 178 ALA A N   1 
ATOM   1399 C  CA  . ALA A 1 177 ? -8.529  2.955   28.411  1.00 20.20 ? 178 ALA A CA  1 
ATOM   1400 C  C   . ALA A 1 177 ? -7.285  3.118   27.538  1.00 23.31 ? 178 ALA A C   1 
ATOM   1401 O  O   . ALA A 1 177 ? -6.209  3.469   28.032  1.00 23.56 ? 178 ALA A O   1 
ATOM   1402 C  CB  . ALA A 1 177 ? -8.133  2.605   29.826  1.00 24.78 ? 178 ALA A CB  1 
ATOM   1403 N  N   . HIS A 1 178 ? -7.407  2.802   26.253  1.00 20.84 ? 179 HIS A N   1 
ATOM   1404 C  CA  . HIS A 1 178 ? -6.298  2.978   25.331  1.00 18.73 ? 179 HIS A CA  1 
ATOM   1405 C  C   . HIS A 1 178 ? -6.462  4.391   24.794  1.00 19.95 ? 179 HIS A C   1 
ATOM   1406 O  O   . HIS A 1 178 ? -7.568  4.923   24.787  1.00 21.30 ? 179 HIS A O   1 
ATOM   1407 C  CB  . HIS A 1 178 ? -6.300  1.892   24.245  1.00 20.47 ? 179 HIS A CB  1 
ATOM   1408 C  CG  . HIS A 1 178 ? -5.689  0.600   24.697  1.00 15.94 ? 179 HIS A CG  1 
ATOM   1409 N  ND1 . HIS A 1 178 ? -6.030  -0.016  25.884  1.00 17.91 ? 179 HIS A ND1 1 
ATOM   1410 C  CD2 . HIS A 1 178 ? -4.725  -0.169  24.141  1.00 14.82 ? 179 HIS A CD2 1 
ATOM   1411 C  CE1 . HIS A 1 178 ? -5.302  -1.106  26.040  1.00 14.60 ? 179 HIS A CE1 1 
ATOM   1412 N  NE2 . HIS A 1 178 ? -4.500  -1.221  24.995  1.00 12.66 ? 179 HIS A NE2 1 
ATOM   1413 N  N   . PRO A 1 179 ? -5.367  5.055   24.410  1.00 21.53 ? 180 PRO A N   1 
ATOM   1414 C  CA  . PRO A 1 179 ? -5.482  6.430   23.901  1.00 22.73 ? 180 PRO A CA  1 
ATOM   1415 C  C   . PRO A 1 179 ? -6.114  6.697   22.525  1.00 22.71 ? 180 PRO A C   1 
ATOM   1416 O  O   . PRO A 1 179 ? -6.380  5.782   21.728  1.00 19.23 ? 180 PRO A O   1 
ATOM   1417 C  CB  . PRO A 1 179 ? -4.036  6.927   23.955  1.00 21.69 ? 180 PRO A CB  1 
ATOM   1418 C  CG  . PRO A 1 179 ? -3.247  5.679   23.697  1.00 21.80 ? 180 PRO A CG  1 
ATOM   1419 C  CD  . PRO A 1 179 ? -3.958  4.650   24.538  1.00 21.08 ? 180 PRO A CD  1 
ATOM   1420 N  N   . LYS A 1 180 ? -6.322  7.988   22.275  1.00 18.66 ? 181 LYS A N   1 
ATOM   1421 C  CA  . LYS A 1 180 ? -6.898  8.517   21.046  1.00 21.25 ? 181 LYS A CA  1 
ATOM   1422 C  C   . LYS A 1 180 ? -6.339  7.870   19.778  1.00 18.32 ? 181 LYS A C   1 
ATOM   1423 O  O   . LYS A 1 180 ? -7.076  7.626   18.827  1.00 18.82 ? 181 LYS A O   1 
ATOM   1424 C  CB  . LYS A 1 180 ? -6.611  10.024  20.996  1.00 24.86 ? 181 LYS A CB  1 
ATOM   1425 C  CG  . LYS A 1 180 ? -7.278  10.777  19.865  1.00 26.70 ? 181 LYS A CG  1 
ATOM   1426 C  CD  . LYS A 1 180 ? -6.620  12.139  19.629  1.00 32.09 ? 181 LYS A CD  1 
ATOM   1427 C  CE  . LYS A 1 180 ? -6.932  13.164  20.706  1.00 34.40 ? 181 LYS A CE  1 
ATOM   1428 N  NZ  . LYS A 1 180 ? -6.221  14.444  20.389  1.00 40.70 ? 181 LYS A NZ  1 
ATOM   1429 N  N   . ALA A 1 181 ? -5.035  7.592   19.786  1.00 17.01 ? 182 ALA A N   1 
ATOM   1430 C  CA  . ALA A 1 181 ? -4.343  6.975   18.654  1.00 12.19 ? 182 ALA A CA  1 
ATOM   1431 C  C   . ALA A 1 181 ? -5.059  5.758   18.108  1.00 8.54  ? 182 ALA A C   1 
ATOM   1432 O  O   . ALA A 1 181 ? -4.857  5.400   16.964  1.00 14.39 ? 182 ALA A O   1 
ATOM   1433 C  CB  . ALA A 1 181 ? -2.915  6.589   19.061  1.00 14.93 ? 182 ALA A CB  1 
ATOM   1434 N  N   . HIS A 1 182 ? -5.903  5.127   18.920  1.00 11.64 ? 183 HIS A N   1 
ATOM   1435 C  CA  . HIS A 1 182 ? -6.638  3.915   18.513  1.00 13.59 ? 183 HIS A CA  1 
ATOM   1436 C  C   . HIS A 1 182 ? -7.976  4.073   17.830  1.00 12.53 ? 183 HIS A C   1 
ATOM   1437 O  O   . HIS A 1 182 ? -8.564  3.079   17.381  1.00 15.87 ? 183 HIS A O   1 
ATOM   1438 C  CB  . HIS A 1 182 ? -6.815  2.985   19.714  1.00 13.31 ? 183 HIS A CB  1 
ATOM   1439 C  CG  . HIS A 1 182 ? -5.542  2.345   20.151  1.00 17.72 ? 183 HIS A CG  1 
ATOM   1440 N  ND1 . HIS A 1 182 ? -5.092  1.161   19.612  1.00 18.80 ? 183 HIS A ND1 1 
ATOM   1441 C  CD2 . HIS A 1 182 ? -4.586  2.756   21.017  1.00 16.88 ? 183 HIS A CD2 1 
ATOM   1442 C  CE1 . HIS A 1 182 ? -3.910  0.870   20.125  1.00 17.97 ? 183 HIS A CE1 1 
ATOM   1443 N  NE2 . HIS A 1 182 ? -3.582  1.819   20.981  1.00 16.25 ? 183 HIS A NE2 1 
ATOM   1444 N  N   . PHE A 1 183 ? -8.455  5.313   17.769  1.00 14.36 ? 184 PHE A N   1 
ATOM   1445 C  CA  . PHE A 1 183 ? -9.744  5.643   17.169  1.00 15.70 ? 184 PHE A CA  1 
ATOM   1446 C  C   . PHE A 1 183 ? -9.724  5.897   15.656  1.00 15.50 ? 184 PHE A C   1 
ATOM   1447 O  O   . PHE A 1 183 ? -8.751  6.413   15.092  1.00 13.11 ? 184 PHE A O   1 
ATOM   1448 C  CB  . PHE A 1 183 ? -10.328 6.866   17.904  1.00 14.39 ? 184 PHE A CB  1 
ATOM   1449 C  CG  . PHE A 1 183 ? -11.032 6.521   19.193  1.00 17.05 ? 184 PHE A CG  1 
ATOM   1450 C  CD1 . PHE A 1 183 ? -10.334 6.439   20.389  1.00 15.53 ? 184 PHE A CD1 1 
ATOM   1451 C  CD2 . PHE A 1 183 ? -12.399 6.236   19.197  1.00 17.33 ? 184 PHE A CD2 1 
ATOM   1452 C  CE1 . PHE A 1 183 ? -10.990 6.072   21.578  1.00 17.68 ? 184 PHE A CE1 1 
ATOM   1453 C  CE2 . PHE A 1 183 ? -13.062 5.871   20.376  1.00 18.29 ? 184 PHE A CE2 1 
ATOM   1454 C  CZ  . PHE A 1 183 ? -12.356 5.789   21.562  1.00 16.89 ? 184 PHE A CZ  1 
ATOM   1455 N  N   . GLU A 1 184 ? -10.816 5.516   15.004  1.00 14.53 ? 185 GLU A N   1 
ATOM   1456 C  CA  . GLU A 1 184 ? -10.979 5.713   13.570  1.00 15.57 ? 185 GLU A CA  1 
ATOM   1457 C  C   . GLU A 1 184 ? -12.421 6.165   13.306  1.00 14.74 ? 185 GLU A C   1 
ATOM   1458 O  O   . GLU A 1 184 ? -13.262 6.095   14.189  1.00 14.23 ? 185 GLU A O   1 
ATOM   1459 C  CB  . GLU A 1 184 ? -10.752 4.399   12.844  1.00 13.70 ? 185 GLU A CB  1 
ATOM   1460 C  CG  . GLU A 1 184 ? -11.879 3.413   13.074  1.00 13.31 ? 185 GLU A CG  1 
ATOM   1461 C  CD  . GLU A 1 184 ? -11.719 2.133   12.303  1.00 12.44 ? 185 GLU A CD  1 
ATOM   1462 O  OE1 . GLU A 1 184 ? -10.697 1.957   11.615  1.00 12.28 ? 185 GLU A OE1 1 
ATOM   1463 O  OE2 . GLU A 1 184 ? -12.633 1.301   12.391  1.00 19.42 ? 185 GLU A OE2 1 
ATOM   1464 N  N   . LEU A 1 185 ? -12.702 6.633   12.096  1.00 17.92 ? 186 LEU A N   1 
ATOM   1465 C  CA  . LEU A 1 185 ? -14.069 7.016   11.758  1.00 18.09 ? 186 LEU A CA  1 
ATOM   1466 C  C   . LEU A 1 185 ? -14.826 5.725   11.571  1.00 19.09 ? 186 LEU A C   1 
ATOM   1467 O  O   . LEU A 1 185 ? -14.373 4.846   10.833  1.00 19.50 ? 186 LEU A O   1 
ATOM   1468 C  CB  . LEU A 1 185 ? -14.128 7.778   10.436  1.00 17.43 ? 186 LEU A CB  1 
ATOM   1469 C  CG  . LEU A 1 185 ? -13.819 9.262   10.437  1.00 18.55 ? 186 LEU A CG  1 
ATOM   1470 C  CD1 . LEU A 1 185 ? -13.975 9.774   9.041   1.00 18.02 ? 186 LEU A CD1 1 
ATOM   1471 C  CD2 . LEU A 1 185 ? -14.769 9.975   11.377  1.00 20.69 ? 186 LEU A CD2 1 
ATOM   1472 N  N   . LEU A 1 186 ? -15.965 5.606   12.243  1.00 18.93 ? 187 LEU A N   1 
ATOM   1473 C  CA  . LEU A 1 186 ? -16.789 4.418   12.120  1.00 19.56 ? 187 LEU A CA  1 
ATOM   1474 C  C   . LEU A 1 186 ? -17.202 4.179   10.669  1.00 23.11 ? 187 LEU A C   1 
ATOM   1475 O  O   . LEU A 1 186 ? -17.770 5.057   10.036  1.00 24.10 ? 187 LEU A O   1 
ATOM   1476 C  CB  . LEU A 1 186 ? -18.035 4.540   12.996  1.00 21.17 ? 187 LEU A CB  1 
ATOM   1477 C  CG  . LEU A 1 186 ? -18.932 3.298   13.002  1.00 23.81 ? 187 LEU A CG  1 
ATOM   1478 C  CD1 . LEU A 1 186 ? -18.162 2.104   13.502  1.00 22.89 ? 187 LEU A CD1 1 
ATOM   1479 C  CD2 . LEU A 1 186 ? -20.140 3.520   13.874  1.00 23.92 ? 187 LEU A CD2 1 
ATOM   1480 N  N   . GLY A 1 187 ? -16.875 3.007   10.142  1.00 24.27 ? 188 GLY A N   1 
ATOM   1481 C  CA  . GLY A 1 187 ? -17.228 2.674   8.774   1.00 22.43 ? 188 GLY A CA  1 
ATOM   1482 C  C   . GLY A 1 187 ? -18.048 1.398   8.676   1.00 20.78 ? 188 GLY A C   1 
ATOM   1483 O  O   . GLY A 1 187 ? -17.906 0.486   9.500   1.00 23.83 ? 188 GLY A O   1 
ATOM   1484 N  N   . ILE A 1 188 ? -18.889 1.330   7.650   1.00 22.33 ? 189 ILE A N   1 
ATOM   1485 C  CA  . ILE A 1 188 ? -19.770 0.188   7.395   1.00 23.89 ? 189 ILE A CA  1 
ATOM   1486 C  C   . ILE A 1 188 ? -19.704 -0.102  5.891   1.00 23.69 ? 189 ILE A C   1 
ATOM   1487 O  O   . ILE A 1 188 ? -19.905 0.791   5.071   1.00 30.27 ? 189 ILE A O   1 
ATOM   1488 C  CB  . ILE A 1 188 ? -21.219 0.514   7.852   1.00 23.84 ? 189 ILE A CB  1 
ATOM   1489 C  CG1 . ILE A 1 188 ? -21.289 0.496   9.385   1.00 27.39 ? 189 ILE A CG1 1 
ATOM   1490 C  CG2 . ILE A 1 188 ? -22.226 -0.466  7.274   1.00 23.54 ? 189 ILE A CG2 1 
ATOM   1491 C  CD1 . ILE A 1 188 ? -22.475 1.235   9.979   1.00 27.36 ? 189 ILE A CD1 1 
ATOM   1492 N  N   . ASN A 1 189 ? -19.346 -1.331  5.538   1.00 18.20 ? 190 ASN A N   1 
ATOM   1493 C  CA  . ASN A 1 189 ? -19.199 -1.722  4.137   1.00 17.41 ? 190 ASN A CA  1 
ATOM   1494 C  C   . ASN A 1 189 ? -19.783 -3.114  3.854   1.00 16.53 ? 190 ASN A C   1 
ATOM   1495 O  O   . ASN A 1 189 ? -19.108 -4.038  3.392   1.00 19.21 ? 190 ASN A O   1 
ATOM   1496 C  CB  . ASN A 1 189 ? -17.735 -1.598  3.676   1.00 16.97 ? 190 ASN A CB  1 
ATOM   1497 C  CG  . ASN A 1 189 ? -16.770 -2.465  4.486   1.00 17.60 ? 190 ASN A CG  1 
ATOM   1498 O  OD1 . ASN A 1 189 ? -15.882 -3.099  3.921   1.00 18.44 ? 190 ASN A OD1 1 
ATOM   1499 N  ND2 . ASN A 1 189 ? -16.915 -2.467  5.812   1.00 17.78 ? 190 ASN A ND2 1 
ATOM   1500 N  N   . TRP A 1 190 ? -21.079 -3.213  4.094   1.00 19.21 ? 191 TRP A N   1 
ATOM   1501 C  CA  . TRP A 1 190 ? -21.848 -4.422  3.885   1.00 18.98 ? 191 TRP A CA  1 
ATOM   1502 C  C   . TRP A 1 190 ? -23.313 -3.977  3.819   1.00 22.98 ? 191 TRP A C   1 
ATOM   1503 O  O   . TRP A 1 190 ? -23.563 -2.746  3.866   1.00 23.73 ? 191 TRP A O   1 
ATOM   1504 C  CB  . TRP A 1 190 ? -21.629 -5.383  5.062   1.00 16.57 ? 191 TRP A CB  1 
ATOM   1505 C  CG  . TRP A 1 190 ? -21.858 -4.762  6.445   1.00 14.38 ? 191 TRP A CG  1 
ATOM   1506 C  CD1 . TRP A 1 190 ? -23.052 -4.631  7.099   1.00 16.62 ? 191 TRP A CD1 1 
ATOM   1507 C  CD2 . TRP A 1 190 ? -20.854 -4.229  7.327   1.00 16.22 ? 191 TRP A CD2 1 
ATOM   1508 N  NE1 . TRP A 1 190 ? -22.861 -4.024  8.322   1.00 17.36 ? 191 TRP A NE1 1 
ATOM   1509 C  CE2 . TRP A 1 190 ? -21.533 -3.772  8.498   1.00 16.58 ? 191 TRP A CE2 1 
ATOM   1510 C  CE3 . TRP A 1 190 ? -19.463 -4.082  7.261   1.00 13.91 ? 191 TRP A CE3 1 
ATOM   1511 C  CZ2 . TRP A 1 190 ? -20.852 -3.192  9.573   1.00 16.31 ? 191 TRP A CZ2 1 
ATOM   1512 C  CZ3 . TRP A 1 190 ? -18.794 -3.506  8.321   1.00 14.51 ? 191 TRP A CZ3 1 
ATOM   1513 C  CH2 . TRP A 1 190 ? -19.487 -3.064  9.462   1.00 14.40 ? 191 TRP A CH2 1 
ATOM   1514 O  OXT . TRP A 1 190 ? -24.197 -4.848  3.721   1.00 24.24 ? 191 TRP A OXT 1 
HETATM 1515 FE FE  . FE  B 2 .   ? 0.794   -1.066  -4.201  0.90 24.55 ? 600 FE  A FE  1 
HETATM 1516 FE FE  . FE  C 2 .   ? 2.875   -2.708  -5.951  0.90 22.71 ? 601 FE  A FE  1 
HETATM 1517 FE FE  . FE  D 2 .   ? -11.303 1.082   23.356  1.00 17.77 ? 401 FE  A FE  1 
HETATM 1518 O  O   . HOH E 3 .   ? 17.336  -2.492  13.430  1.00 27.82 ? 602 HOH A O   1 
HETATM 1519 O  O   . HOH E 3 .   ? 5.043   6.082   8.810   1.00 16.56 ? 604 HOH A O   1 
HETATM 1520 O  O   . HOH E 3 .   ? -2.883  1.847   0.454   1.00 15.50 ? 606 HOH A O   1 
HETATM 1521 O  O   . HOH E 3 .   ? -4.530  6.726   12.115  1.00 8.85  ? 609 HOH A O   1 
HETATM 1522 O  O   . HOH E 3 .   ? 5.505   -7.684  9.635   1.00 22.33 ? 610 HOH A O   1 
HETATM 1523 O  O   . HOH E 3 .   ? 14.105  -13.991 -6.342  1.00 19.43 ? 611 HOH A O   1 
HETATM 1524 O  O   . HOH E 3 .   ? -16.970 17.312  8.966   1.00 47.33 ? 613 HOH A O   1 
HETATM 1525 O  O   . HOH E 3 .   ? -5.995  5.699   14.176  1.00 13.18 ? 614 HOH A O   1 
HETATM 1526 O  O   . HOH E 3 .   ? 9.533   -7.662  1.985   1.00 33.41 ? 617 HOH A O   1 
HETATM 1527 O  O   . HOH E 3 .   ? -21.710 -7.530  0.945   1.00 12.84 ? 618 HOH A O   1 
HETATM 1528 O  O   . HOH E 3 .   ? -16.800 6.809   7.332   1.00 45.77 ? 621 HOH A O   1 
HETATM 1529 O  O   . HOH E 3 .   ? 2.358   -19.160 0.740   1.00 40.06 ? 623 HOH A O   1 
HETATM 1530 O  O   . HOH E 3 .   ? -8.285  -12.355 2.031   1.00 24.72 ? 624 HOH A O   1 
HETATM 1531 O  O   . HOH E 3 .   ? -21.878 -8.893  3.532   1.00 19.07 ? 625 HOH A O   1 
HETATM 1532 O  O   . HOH E 3 .   ? -10.726 11.232  27.946  1.00 33.87 ? 628 HOH A O   1 
HETATM 1533 O  O   . HOH E 3 .   ? -6.110  -1.466  -3.599  1.00 18.56 ? 629 HOH A O   1 
HETATM 1534 O  O   . HOH E 3 .   ? -16.886 -0.590  11.708  1.00 41.72 ? 631 HOH A O   1 
HETATM 1535 O  O   . HOH E 3 .   ? 3.999   -8.083  4.733   1.00 20.30 ? 635 HOH A O   1 
HETATM 1536 O  O   . HOH E 3 .   ? -18.712 -9.616  0.730   1.00 16.66 ? 636 HOH A O   1 
HETATM 1537 O  O   . HOH E 3 .   ? 6.742   15.528  4.684   1.00 43.99 ? 639 HOH A O   1 
HETATM 1538 O  O   . HOH E 3 .   ? 16.713  4.891   5.869   1.00 24.07 ? 640 HOH A O   1 
HETATM 1539 O  O   . HOH E 3 .   ? -16.436 -3.241  16.438  1.00 22.47 ? 641 HOH A O   1 
HETATM 1540 O  O   . HOH E 3 .   ? -2.698  -2.277  -20.003 1.00 37.99 ? 644 HOH A O   1 
HETATM 1541 O  O   . HOH E 3 .   ? -8.939  19.612  1.559   1.00 31.08 ? 646 HOH A O   1 
HETATM 1542 O  O   . HOH E 3 .   ? 2.576   11.224  -3.849  1.00 28.84 ? 647 HOH A O   1 
HETATM 1543 O  O   . HOH E 3 .   ? 12.646  -24.761 -5.570  1.00 28.10 ? 650 HOH A O   1 
HETATM 1544 O  O   . HOH E 3 .   ? 2.029   -6.906  7.279   1.00 20.99 ? 654 HOH A O   1 
HETATM 1545 O  O   . HOH E 3 .   ? -9.871  14.822  19.139  1.00 20.43 ? 655 HOH A O   1 
HETATM 1546 O  O   . HOH E 3 .   ? -19.274 -6.257  1.863   1.00 19.77 ? 658 HOH A O   1 
HETATM 1547 O  O   . HOH E 3 .   ? -1.694  5.304   -17.129 1.00 56.50 ? 661 HOH A O   1 
HETATM 1548 O  O   . HOH E 3 .   ? -16.139 -3.443  10.456  1.00 32.23 ? 663 HOH A O   1 
HETATM 1549 O  O   . HOH E 3 .   ? 1.793   -1.887  11.523  1.00 27.62 ? 664 HOH A O   1 
HETATM 1550 O  O   . HOH E 3 .   ? 6.344   -7.866  -20.226 1.00 25.78 ? 665 HOH A O   1 
HETATM 1551 O  O   . HOH E 3 .   ? 13.550  -9.061  3.899   1.00 29.19 ? 666 HOH A O   1 
HETATM 1552 O  O   . HOH E 3 .   ? -3.041  1.794   -15.299 1.00 25.55 ? 667 HOH A O   1 
HETATM 1553 O  O   . HOH E 3 .   ? 7.244   14.469  2.192   1.00 37.94 ? 668 HOH A O   1 
HETATM 1554 O  O   . HOH E 3 .   ? -4.127  -0.825  -27.352 1.00 29.56 ? 669 HOH A O   1 
HETATM 1555 O  O   . HOH E 3 .   ? -28.375 -4.605  -0.204  1.00 47.89 ? 670 HOH A O   1 
HETATM 1556 O  O   . HOH E 3 .   ? -25.896 -17.085 -2.934  1.00 60.44 ? 671 HOH A O   1 
HETATM 1557 O  O   . HOH E 3 .   ? -1.223  2.101   22.600  1.00 36.71 ? 672 HOH A O   1 
HETATM 1558 O  O   . HOH E 3 .   ? 5.155   -18.796 5.664   1.00 24.24 ? 673 HOH A O   1 
HETATM 1559 O  O   . HOH E 3 .   ? -24.644 -6.958  2.010   1.00 46.60 ? 674 HOH A O   1 
HETATM 1560 O  O   . HOH E 3 .   ? -19.435 -10.227 3.331   1.00 29.18 ? 675 HOH A O   1 
HETATM 1561 O  O   . HOH E 3 .   ? 2.705   -16.777 2.231   1.00 44.37 ? 676 HOH A O   1 
HETATM 1562 O  O   . HOH E 3 .   ? 6.435   2.570   -2.635  1.00 35.18 ? 677 HOH A O   1 
HETATM 1563 O  O   . HOH E 3 .   ? 16.248  -5.201  12.353  1.00 20.58 ? 678 HOH A O   1 
HETATM 1564 O  O   . HOH E 3 .   ? 4.997   0.651   -4.262  1.00 20.58 ? 679 HOH A O   1 
HETATM 1565 O  O   . HOH E 3 .   ? 2.864   -1.110  -4.897  1.00 20.58 ? 680 HOH A O   1 
HETATM 1566 O  O   . HOH E 3 .   ? -3.896  -3.752  24.685  1.00 20.58 ? 681 HOH A O   1 
HETATM 1567 O  O   . HOH E 3 .   ? -7.349  -5.520  19.768  1.00 20.58 ? 682 HOH A O   1 
HETATM 1568 O  O   . HOH E 3 .   ? -0.490  4.423   19.720  1.00 20.58 ? 683 HOH A O   1 
# 
